data_6HFZ
#
_entry.id   6HFZ
#
_cell.length_a   75.116
_cell.length_b   136.516
_cell.length_c   85.134
_cell.angle_alpha   90.00
_cell.angle_beta   115.09
_cell.angle_gamma   90.00
#
_symmetry.space_group_name_H-M   'P 1 21 1'
#
loop_
_entity.id
_entity.type
_entity.pdbx_description
1 polymer 'GDSL-like protein'
2 non-polymer 'ACETATE ION'
3 non-polymer '4-(2-HYDROXYETHYL)-1-PIPERAZINE ETHANESULFONIC ACID'
4 water water
#
_entity_poly.entity_id   1
_entity_poly.type   'polypeptide(L)'
_entity_poly.pdbx_seq_one_letter_code
;(MSE)EYQIKYENGIANRGCLYRLKKV(MSE)DRAKAGEALNIAFLGGSITQGSLSSKPELCYAYHVYEWWKKTFPQADF
TYINAGIGGTTSQFGVARAEADLLSKEPDFVIIEFSVNDDSTEHF(MSE)ETYEGLVRKVYTSKTKPAVLLVHNVFYNNG
ANAQL(MSE)HGRIARHYNLPAVS(MSE)QSTIYPEVVAGRIENREITPDDLHPNDAGHALVASVITYFLDKVKTEDATE
QSEPDYPAPLTKNTYEKSIRHQNSDENVVCHGFVADTSAQRDITDCFKHGWTASKKGDSITLDVEGCNISVQYRKSVKLP
APVAEIIVDGDAEHAVRLDANFDETWGDKLELDTILEHGENKVHKVEVRLTETHENDAVPFYLVSVIGSSEKAHHHHH
;
_entity_poly.pdbx_strand_id   A,B,C,D
#
# COMPACT_ATOMS: atom_id res chain seq x y z
N TYR A 3 15.31 -6.40 -45.08
CA TYR A 3 14.15 -7.19 -44.47
C TYR A 3 13.87 -8.49 -45.28
N GLN A 4 13.08 -9.38 -44.69
CA GLN A 4 12.69 -10.62 -45.33
C GLN A 4 11.27 -10.94 -44.84
N ILE A 5 10.29 -10.77 -45.73
CA ILE A 5 8.94 -11.20 -45.41
C ILE A 5 8.79 -12.73 -45.45
N LYS A 6 8.05 -13.27 -44.47
CA LYS A 6 7.65 -14.66 -44.42
C LYS A 6 6.32 -14.81 -45.13
N TYR A 7 6.35 -15.08 -46.45
CA TYR A 7 5.16 -14.96 -47.31
C TYR A 7 4.08 -15.99 -46.92
N GLU A 8 4.49 -17.18 -46.50
CA GLU A 8 3.47 -18.19 -46.06
C GLU A 8 2.59 -17.66 -44.90
N ASN A 9 3.17 -16.82 -44.04
CA ASN A 9 2.45 -16.27 -42.87
C ASN A 9 1.38 -15.26 -43.32
N GLY A 10 1.38 -14.92 -44.62
CA GLY A 10 0.36 -14.02 -45.20
C GLY A 10 -0.97 -14.72 -45.41
N ILE A 11 -0.98 -16.06 -45.46
CA ILE A 11 -2.23 -16.78 -45.75
C ILE A 11 -2.99 -16.97 -44.43
N ALA A 12 -3.96 -16.09 -44.19
CA ALA A 12 -4.72 -16.02 -43.01
C ALA A 12 -5.80 -17.11 -43.03
N ASN A 13 -6.29 -17.42 -44.24
CA ASN A 13 -7.26 -18.50 -44.44
C ASN A 13 -7.08 -19.03 -45.86
N ARG A 14 -6.86 -20.33 -46.01
CA ARG A 14 -6.73 -20.87 -47.36
C ARG A 14 -8.10 -20.86 -48.03
N GLY A 15 -9.10 -21.27 -47.26
CA GLY A 15 -10.49 -21.31 -47.70
C GLY A 15 -10.70 -22.34 -48.79
N CYS A 16 -11.84 -22.26 -49.46
CA CYS A 16 -12.16 -23.14 -50.58
C CYS A 16 -11.77 -22.41 -51.86
N LEU A 17 -10.91 -23.03 -52.68
CA LEU A 17 -10.40 -22.36 -53.90
C LEU A 17 -11.18 -22.71 -55.17
N TYR A 18 -12.31 -23.37 -55.04
CA TYR A 18 -13.14 -23.74 -56.19
C TYR A 18 -13.35 -22.57 -57.15
N ARG A 19 -13.94 -21.46 -56.67
CA ARG A 19 -14.30 -20.36 -57.57
C ARG A 19 -13.05 -19.71 -58.17
N LEU A 20 -12.05 -19.50 -57.31
CA LEU A 20 -10.85 -18.83 -57.77
C LEU A 20 -10.15 -19.69 -58.85
N LYS A 21 -10.18 -21.01 -58.68
CA LYS A 21 -9.52 -21.87 -59.64
C LYS A 21 -10.36 -21.91 -60.93
N LYS A 22 -11.69 -21.83 -60.81
CA LYS A 22 -12.54 -21.75 -62.01
C LYS A 22 -12.23 -20.48 -62.80
N VAL A 23 -11.96 -19.36 -62.11
CA VAL A 23 -11.63 -18.13 -62.81
C VAL A 23 -10.32 -18.27 -63.57
N ASP A 25 -9.07 -20.94 -64.73
CA ASP A 25 -9.30 -21.85 -65.84
C ASP A 25 -9.93 -21.10 -67.00
N ARG A 26 -10.84 -20.15 -66.69
CA ARG A 26 -11.44 -19.31 -67.70
C ARG A 26 -10.37 -18.42 -68.33
N ALA A 27 -9.46 -17.88 -67.51
CA ALA A 27 -8.37 -16.99 -67.99
C ALA A 27 -7.45 -17.78 -68.91
N LYS A 28 -7.18 -19.01 -68.53
CA LYS A 28 -6.25 -19.88 -69.29
C LYS A 28 -6.84 -20.13 -70.68
N ALA A 29 -8.18 -20.31 -70.73
CA ALA A 29 -8.95 -20.53 -71.96
C ALA A 29 -9.14 -19.24 -72.78
N GLY A 30 -8.67 -18.11 -72.25
CA GLY A 30 -8.59 -16.83 -72.99
C GLY A 30 -9.88 -16.00 -72.93
N GLU A 31 -10.74 -16.28 -71.94
CA GLU A 31 -12.01 -15.55 -71.79
C GLU A 31 -11.78 -14.10 -71.34
N ALA A 32 -12.85 -13.31 -71.40
CA ALA A 32 -12.84 -11.92 -70.89
C ALA A 32 -13.34 -11.91 -69.43
N LEU A 33 -12.56 -11.28 -68.54
CA LEU A 33 -12.80 -11.37 -67.11
C LEU A 33 -12.72 -9.98 -66.46
N ASN A 34 -13.56 -9.80 -65.44
CA ASN A 34 -13.66 -8.56 -64.72
C ASN A 34 -13.05 -8.73 -63.32
N ILE A 35 -12.00 -7.96 -63.05
CA ILE A 35 -11.20 -8.06 -61.82
C ILE A 35 -11.53 -6.83 -60.97
N ALA A 36 -12.17 -7.03 -59.79
CA ALA A 36 -12.68 -5.93 -59.03
C ALA A 36 -12.09 -5.88 -57.62
N PHE A 37 -12.20 -4.69 -57.05
CA PHE A 37 -11.69 -4.38 -55.71
C PHE A 37 -12.67 -3.44 -55.00
N LEU A 38 -13.10 -3.82 -53.78
CA LEU A 38 -14.01 -3.03 -52.98
C LEU A 38 -13.34 -2.82 -51.61
N GLY A 39 -13.20 -1.57 -51.24
CA GLY A 39 -12.45 -1.22 -50.07
C GLY A 39 -12.44 0.27 -49.81
N GLY A 40 -11.60 0.70 -48.85
CA GLY A 40 -11.33 2.09 -48.44
C GLY A 40 -10.22 2.75 -49.25
N SER A 41 -9.50 3.70 -48.62
CA SER A 41 -8.57 4.55 -49.38
C SER A 41 -7.36 3.78 -49.92
N ILE A 42 -6.96 2.74 -49.18
CA ILE A 42 -5.79 1.94 -49.59
C ILE A 42 -6.13 1.22 -50.90
N THR A 43 -7.39 0.77 -51.05
CA THR A 43 -7.85 0.17 -52.31
C THR A 43 -7.96 1.26 -53.39
N GLN A 44 -8.59 2.39 -53.06
CA GLN A 44 -8.74 3.50 -54.02
C GLN A 44 -7.37 3.82 -54.62
N GLY A 45 -6.32 3.77 -53.77
CA GLY A 45 -4.89 3.87 -54.14
C GLY A 45 -4.04 4.82 -53.32
N SER A 46 -4.61 5.49 -52.31
CA SER A 46 -3.77 6.34 -51.42
C SER A 46 -2.69 5.47 -50.77
N LEU A 47 -1.43 5.93 -50.68
CA LEU A 47 -0.93 7.19 -51.24
C LEU A 47 0.14 6.82 -52.29
N SER A 48 -0.23 6.00 -53.30
CA SER A 48 0.69 5.72 -54.41
C SER A 48 0.92 7.01 -55.21
N SER A 49 2.08 7.10 -55.88
CA SER A 49 2.43 8.32 -56.64
C SER A 49 1.73 8.35 -58.01
N LYS A 50 1.27 7.20 -58.48
CA LYS A 50 0.47 7.11 -59.69
C LYS A 50 -0.55 6.01 -59.53
N PRO A 51 -1.68 6.06 -60.26
CA PRO A 51 -2.68 5.00 -60.23
C PRO A 51 -2.17 3.60 -60.55
N GLU A 52 -1.14 3.50 -61.41
CA GLU A 52 -0.63 2.23 -61.85
C GLU A 52 0.22 1.57 -60.76
N LEU A 53 0.54 2.27 -59.65
CA LEU A 53 1.45 1.75 -58.64
C LEU A 53 0.72 1.43 -57.31
N CYS A 54 -0.63 1.46 -57.30
CA CYS A 54 -1.35 1.01 -56.10
C CYS A 54 -1.45 -0.52 -56.13
N TYR A 55 -1.76 -1.13 -54.99
CA TYR A 55 -1.75 -2.59 -54.87
C TYR A 55 -2.77 -3.17 -55.86
N ALA A 56 -3.95 -2.53 -56.00
CA ALA A 56 -5.02 -3.02 -56.82
C ALA A 56 -4.58 -3.16 -58.29
N TYR A 57 -3.87 -2.15 -58.78
CA TYR A 57 -3.42 -2.19 -60.19
C TYR A 57 -2.31 -3.25 -60.33
N HIS A 58 -1.48 -3.41 -59.29
CA HIS A 58 -0.45 -4.44 -59.31
C HIS A 58 -1.09 -5.83 -59.40
N VAL A 59 -2.19 -6.07 -58.68
CA VAL A 59 -2.85 -7.34 -58.75
C VAL A 59 -3.46 -7.50 -60.14
N TYR A 60 -4.04 -6.41 -60.66
CA TYR A 60 -4.65 -6.43 -62.01
C TYR A 60 -3.56 -6.82 -63.03
N GLU A 61 -2.37 -6.22 -62.88
CA GLU A 61 -1.24 -6.51 -63.77
C GLU A 61 -0.83 -7.99 -63.63
N TRP A 62 -0.89 -8.55 -62.41
CA TRP A 62 -0.66 -9.99 -62.21
C TRP A 62 -1.56 -10.84 -63.13
N TRP A 63 -2.87 -10.59 -63.13
CA TRP A 63 -3.80 -11.35 -63.99
C TRP A 63 -3.36 -11.24 -65.47
N LYS A 64 -3.17 -10.02 -65.94
CA LYS A 64 -2.75 -9.76 -67.36
C LYS A 64 -1.49 -10.57 -67.72
N LYS A 65 -0.47 -10.53 -66.84
CA LYS A 65 0.84 -11.13 -67.13
C LYS A 65 0.79 -12.66 -67.03
N THR A 66 -0.01 -13.16 -66.09
CA THR A 66 -0.11 -14.59 -65.89
C THR A 66 -0.91 -15.22 -67.03
N PHE A 67 -1.92 -14.52 -67.57
CA PHE A 67 -2.85 -15.09 -68.58
C PHE A 67 -2.94 -14.12 -69.75
N PRO A 68 -1.87 -13.97 -70.57
CA PRO A 68 -1.85 -12.96 -71.64
C PRO A 68 -2.92 -13.14 -72.75
N GLN A 69 -3.50 -14.34 -72.80
CA GLN A 69 -4.52 -14.73 -73.78
C GLN A 69 -5.90 -14.17 -73.35
N ALA A 70 -6.08 -13.85 -72.06
CA ALA A 70 -7.38 -13.34 -71.56
C ALA A 70 -7.46 -11.81 -71.71
N ASP A 71 -8.70 -11.29 -71.73
CA ASP A 71 -8.98 -9.85 -71.72
C ASP A 71 -9.52 -9.43 -70.34
N PHE A 72 -8.75 -8.63 -69.62
CA PHE A 72 -9.17 -8.25 -68.27
C PHE A 72 -9.63 -6.79 -68.22
N THR A 73 -10.64 -6.54 -67.36
CA THR A 73 -11.19 -5.24 -67.09
C THR A 73 -10.96 -4.92 -65.61
N TYR A 74 -10.45 -3.73 -65.35
CA TYR A 74 -10.04 -3.23 -64.00
C TYR A 74 -11.20 -2.44 -63.39
N ILE A 75 -11.75 -2.92 -62.25
CA ILE A 75 -12.84 -2.26 -61.54
C ILE A 75 -12.37 -1.89 -60.13
N ASN A 76 -12.06 -0.61 -59.92
CA ASN A 76 -11.61 -0.11 -58.63
C ASN A 76 -12.75 0.66 -57.98
N ALA A 77 -13.38 0.00 -56.99
CA ALA A 77 -14.55 0.51 -56.28
C ALA A 77 -14.16 0.94 -54.86
N GLY A 78 -12.90 1.34 -54.68
CA GLY A 78 -12.43 1.92 -53.40
C GLY A 78 -12.96 3.34 -53.20
N ILE A 79 -13.34 3.67 -51.96
CA ILE A 79 -13.72 5.01 -51.58
C ILE A 79 -13.07 5.29 -50.23
N GLY A 80 -12.21 6.31 -50.20
CA GLY A 80 -11.46 6.62 -49.00
C GLY A 80 -12.31 6.97 -47.81
N GLY A 81 -11.89 6.45 -46.64
CA GLY A 81 -12.44 6.78 -45.36
C GLY A 81 -13.87 6.26 -45.18
N THR A 82 -14.15 5.08 -45.74
CA THR A 82 -15.43 4.42 -45.59
C THR A 82 -15.26 2.93 -45.28
N THR A 83 -16.35 2.34 -44.79
CA THR A 83 -16.33 1.02 -44.11
C THR A 83 -17.16 0.02 -44.90
N SER A 84 -17.24 -1.20 -44.36
CA SER A 84 -18.06 -2.26 -44.94
C SER A 84 -19.54 -1.92 -44.77
N GLN A 85 -19.88 -1.02 -43.83
CA GLN A 85 -21.31 -0.58 -43.68
C GLN A 85 -21.72 0.22 -44.94
N PHE A 86 -20.86 1.12 -45.43
CA PHE A 86 -21.16 1.78 -46.72
C PHE A 86 -21.04 0.76 -47.86
N GLY A 87 -20.03 -0.13 -47.78
CA GLY A 87 -19.83 -1.16 -48.82
C GLY A 87 -21.07 -1.99 -49.16
N VAL A 88 -21.75 -2.50 -48.15
CA VAL A 88 -22.95 -3.34 -48.41
C VAL A 88 -24.06 -2.51 -49.06
N ALA A 89 -24.22 -1.25 -48.71
CA ALA A 89 -25.27 -0.34 -49.28
C ALA A 89 -24.94 0.11 -50.71
N ARG A 90 -23.65 0.21 -51.08
CA ARG A 90 -23.23 0.66 -52.40
C ARG A 90 -22.83 -0.51 -53.31
N ALA A 91 -22.87 -1.74 -52.80
CA ALA A 91 -22.27 -2.87 -53.53
C ALA A 91 -22.96 -3.06 -54.88
N GLU A 92 -24.30 -2.96 -54.92
CA GLU A 92 -25.05 -3.17 -56.19
C GLU A 92 -24.61 -2.16 -57.26
N ALA A 93 -24.66 -0.87 -56.94
CA ALA A 93 -24.31 0.17 -57.89
C ALA A 93 -22.83 0.17 -58.30
N ASP A 94 -21.94 0.03 -57.31
CA ASP A 94 -20.52 0.36 -57.54
C ASP A 94 -19.74 -0.86 -58.02
N LEU A 95 -20.22 -2.06 -57.70
CA LEU A 95 -19.50 -3.32 -57.93
C LEU A 95 -20.32 -4.31 -58.75
N LEU A 96 -21.47 -4.74 -58.22
CA LEU A 96 -22.16 -5.90 -58.79
C LEU A 96 -22.72 -5.59 -60.19
N SER A 97 -23.10 -4.33 -60.42
CA SER A 97 -23.53 -3.84 -61.72
C SER A 97 -22.42 -4.02 -62.77
N LYS A 98 -21.14 -4.14 -62.35
CA LYS A 98 -20.02 -4.29 -63.30
C LYS A 98 -19.74 -5.76 -63.60
N GLU A 99 -20.52 -6.68 -63.02
CA GLU A 99 -20.45 -8.13 -63.30
C GLU A 99 -19.07 -8.69 -63.01
N PRO A 100 -18.56 -8.56 -61.77
CA PRO A 100 -17.18 -8.93 -61.49
C PRO A 100 -17.05 -10.47 -61.47
N ASP A 101 -15.85 -10.95 -61.82
CA ASP A 101 -15.49 -12.38 -61.80
C ASP A 101 -14.58 -12.72 -60.60
N PHE A 102 -13.92 -11.70 -60.08
CA PHE A 102 -13.01 -11.76 -58.96
C PHE A 102 -13.18 -10.46 -58.18
N VAL A 103 -13.35 -10.57 -56.86
CA VAL A 103 -13.57 -9.44 -55.97
C VAL A 103 -12.62 -9.58 -54.78
N ILE A 104 -11.77 -8.58 -54.58
CA ILE A 104 -11.05 -8.35 -53.30
C ILE A 104 -11.89 -7.43 -52.42
N ILE A 105 -12.07 -7.84 -51.17
CA ILE A 105 -12.73 -7.05 -50.19
C ILE A 105 -11.71 -6.59 -49.14
N GLU A 106 -11.61 -5.29 -48.91
CA GLU A 106 -10.50 -4.72 -48.17
C GLU A 106 -11.00 -3.59 -47.27
N PHE A 107 -11.42 -3.95 -46.04
CA PHE A 107 -12.01 -3.00 -45.10
C PHE A 107 -11.42 -3.15 -43.68
N SER A 108 -10.37 -3.98 -43.52
CA SER A 108 -9.87 -4.32 -42.17
C SER A 108 -9.10 -3.18 -41.46
N VAL A 109 -8.81 -2.04 -42.12
CA VAL A 109 -8.30 -0.87 -41.39
C VAL A 109 -9.26 0.31 -41.58
N ASN A 110 -10.50 0.03 -41.94
CA ASN A 110 -11.56 1.04 -42.00
C ASN A 110 -12.61 0.72 -40.93
N ASP A 111 -13.12 -0.50 -40.99
CA ASP A 111 -14.00 -1.06 -39.97
C ASP A 111 -13.25 -1.03 -38.63
N ASP A 112 -13.95 -0.69 -37.54
CA ASP A 112 -13.43 -0.95 -36.17
C ASP A 112 -13.63 -2.45 -35.87
N SER A 113 -12.80 -3.00 -34.95
CA SER A 113 -12.87 -4.44 -34.66
C SER A 113 -13.96 -4.73 -33.62
N THR A 114 -15.23 -4.66 -34.07
CA THR A 114 -16.35 -4.69 -33.18
C THR A 114 -17.41 -5.60 -33.77
N GLU A 115 -18.38 -6.00 -32.94
CA GLU A 115 -19.45 -6.89 -33.39
C GLU A 115 -20.33 -6.22 -34.44
N HIS A 116 -20.49 -4.89 -34.33
CA HIS A 116 -21.23 -4.09 -35.33
C HIS A 116 -20.62 -4.30 -36.73
N PHE A 117 -19.30 -4.10 -36.87
CA PHE A 117 -18.62 -4.27 -38.13
C PHE A 117 -18.53 -5.74 -38.56
N GLU A 119 -20.98 -7.66 -38.22
CA GLU A 119 -22.32 -7.81 -38.80
C GLU A 119 -22.42 -7.13 -40.18
N THR A 120 -21.90 -5.91 -40.30
CA THR A 120 -21.93 -5.22 -41.59
C THR A 120 -21.08 -5.98 -42.62
N TYR A 121 -19.86 -6.39 -42.25
CA TYR A 121 -19.00 -7.18 -43.17
C TYR A 121 -19.66 -8.50 -43.59
N GLU A 122 -20.36 -9.18 -42.66
CA GLU A 122 -21.07 -10.40 -43.02
C GLU A 122 -22.13 -10.11 -44.10
N GLY A 123 -22.92 -9.03 -43.92
CA GLY A 123 -23.88 -8.61 -44.91
C GLY A 123 -23.24 -8.37 -46.26
N LEU A 124 -22.09 -7.67 -46.27
CA LEU A 124 -21.38 -7.40 -47.51
C LEU A 124 -20.92 -8.69 -48.18
N VAL A 125 -20.27 -9.57 -47.40
CA VAL A 125 -19.75 -10.83 -47.93
C VAL A 125 -20.90 -11.67 -48.52
N ARG A 126 -21.96 -11.88 -47.74
CA ARG A 126 -23.14 -12.64 -48.23
C ARG A 126 -23.64 -12.05 -49.56
N LYS A 127 -23.81 -10.74 -49.64
CA LYS A 127 -24.38 -10.11 -50.83
C LYS A 127 -23.47 -10.37 -52.04
N VAL A 128 -22.16 -10.17 -51.86
CA VAL A 128 -21.25 -10.34 -53.01
C VAL A 128 -21.16 -11.81 -53.42
N TYR A 129 -21.05 -12.70 -52.44
CA TYR A 129 -20.78 -14.11 -52.67
C TYR A 129 -21.98 -14.76 -53.38
N THR A 130 -23.19 -14.33 -53.02
CA THR A 130 -24.42 -14.92 -53.64
C THR A 130 -24.92 -14.11 -54.84
N SER A 131 -24.20 -13.09 -55.28
CA SER A 131 -24.63 -12.28 -56.45
C SER A 131 -24.63 -13.12 -57.74
N LYS A 132 -25.22 -12.55 -58.80
CA LYS A 132 -25.51 -13.28 -60.04
C LYS A 132 -24.26 -13.93 -60.66
N THR A 133 -23.12 -13.22 -60.68
CA THR A 133 -21.93 -13.72 -61.35
C THR A 133 -21.14 -14.70 -60.44
N LYS A 134 -21.57 -14.92 -59.19
CA LYS A 134 -20.94 -15.91 -58.28
C LYS A 134 -19.44 -15.71 -58.31
N PRO A 135 -18.96 -14.49 -58.02
CA PRO A 135 -17.53 -14.17 -58.10
C PRO A 135 -16.67 -14.91 -57.07
N ALA A 136 -15.44 -15.22 -57.47
CA ALA A 136 -14.39 -15.57 -56.53
C ALA A 136 -14.15 -14.36 -55.64
N VAL A 137 -14.08 -14.61 -54.34
CA VAL A 137 -13.87 -13.55 -53.35
C VAL A 137 -12.60 -13.86 -52.57
N LEU A 138 -11.74 -12.85 -52.43
CA LEU A 138 -10.53 -12.93 -51.61
C LEU A 138 -10.56 -11.76 -50.61
N LEU A 139 -10.41 -12.06 -49.32
CA LEU A 139 -10.39 -11.00 -48.32
C LEU A 139 -8.95 -10.53 -48.15
N VAL A 140 -8.75 -9.21 -48.07
CA VAL A 140 -7.43 -8.69 -47.82
C VAL A 140 -7.46 -7.85 -46.54
N HIS A 141 -6.53 -8.14 -45.61
CA HIS A 141 -6.46 -7.46 -44.31
C HIS A 141 -5.19 -6.59 -44.24
N ASN A 142 -5.33 -5.26 -44.38
CA ASN A 142 -4.25 -4.30 -44.14
C ASN A 142 -4.07 -4.16 -42.63
N VAL A 143 -3.09 -3.36 -42.22
CA VAL A 143 -2.77 -3.22 -40.81
C VAL A 143 -2.34 -1.76 -40.55
N PHE A 144 -2.56 -1.26 -39.34
CA PHE A 144 -2.01 -0.02 -38.85
C PHE A 144 -0.55 -0.26 -38.45
N TYR A 145 0.40 0.57 -38.93
CA TYR A 145 1.83 0.34 -38.67
C TYR A 145 2.31 1.03 -37.37
N ASN A 146 1.47 1.90 -36.79
CA ASN A 146 1.83 2.56 -35.54
C ASN A 146 1.71 1.58 -34.36
N ASN A 147 0.77 0.65 -34.43
CA ASN A 147 0.50 -0.26 -33.29
C ASN A 147 0.20 -1.72 -33.66
N GLY A 148 0.15 -2.10 -34.95
CA GLY A 148 -0.13 -3.47 -35.32
C GLY A 148 -1.61 -3.82 -35.42
N ALA A 149 -2.51 -2.84 -35.26
CA ALA A 149 -3.98 -3.11 -35.12
C ALA A 149 -4.64 -3.35 -36.48
N ASN A 150 -5.72 -4.15 -36.45
CA ASN A 150 -6.70 -4.15 -37.54
C ASN A 150 -7.97 -4.84 -37.04
N ALA A 151 -8.98 -4.98 -37.93
CA ALA A 151 -10.24 -5.58 -37.58
C ALA A 151 -10.31 -7.02 -38.10
N GLN A 152 -9.15 -7.65 -38.32
CA GLN A 152 -9.08 -9.01 -38.86
C GLN A 152 -9.66 -10.03 -37.86
N LEU A 153 -9.73 -9.73 -36.55
CA LEU A 153 -10.35 -10.66 -35.63
C LEU A 153 -11.81 -10.89 -36.07
N HIS A 155 -13.20 -9.82 -39.11
CA HIS A 155 -13.31 -10.19 -40.51
C HIS A 155 -12.94 -11.66 -40.76
N GLY A 156 -11.95 -12.13 -40.01
CA GLY A 156 -11.46 -13.50 -40.12
C GLY A 156 -12.51 -14.53 -39.71
N ARG A 157 -13.34 -14.19 -38.74
CA ARG A 157 -14.45 -15.05 -38.31
C ARG A 157 -15.39 -15.26 -39.48
N ILE A 158 -15.61 -14.20 -40.26
CA ILE A 158 -16.43 -14.30 -41.48
C ILE A 158 -15.70 -15.10 -42.56
N ALA A 159 -14.40 -14.88 -42.73
CA ALA A 159 -13.61 -15.64 -43.66
C ALA A 159 -13.78 -17.15 -43.41
N ARG A 160 -13.69 -17.58 -42.15
CA ARG A 160 -13.66 -19.02 -41.82
C ARG A 160 -15.11 -19.55 -41.97
N HIS A 161 -16.09 -18.72 -41.59
CA HIS A 161 -17.53 -19.11 -41.65
C HIS A 161 -17.91 -19.47 -43.10
N TYR A 162 -17.40 -18.73 -44.08
CA TYR A 162 -17.81 -18.91 -45.52
C TYR A 162 -16.75 -19.67 -46.31
N ASN A 163 -15.65 -20.10 -45.65
CA ASN A 163 -14.54 -20.79 -46.32
C ASN A 163 -13.94 -19.92 -47.43
N LEU A 164 -13.68 -18.63 -47.11
CA LEU A 164 -13.09 -17.72 -48.06
C LEU A 164 -11.61 -17.61 -47.87
N PRO A 165 -10.85 -17.56 -48.97
CA PRO A 165 -9.42 -17.26 -48.89
C PRO A 165 -9.20 -15.84 -48.36
N ALA A 166 -8.12 -15.67 -47.57
CA ALA A 166 -7.83 -14.38 -46.95
C ALA A 166 -6.32 -14.23 -46.81
N VAL A 167 -5.82 -13.02 -47.07
CA VAL A 167 -4.44 -12.73 -46.85
C VAL A 167 -4.29 -11.51 -45.96
N SER A 168 -3.16 -11.44 -45.24
CA SER A 168 -2.96 -10.44 -44.17
C SER A 168 -1.59 -9.79 -44.23
N GLN A 170 -0.85 -8.01 -41.44
CA GLN A 170 -0.59 -7.99 -40.01
C GLN A 170 0.45 -9.04 -39.62
N SER A 171 0.44 -10.16 -40.33
CA SER A 171 1.32 -11.33 -40.11
C SER A 171 2.48 -11.43 -41.12
N THR A 172 2.69 -10.41 -41.96
CA THR A 172 3.77 -10.42 -42.95
C THR A 172 4.61 -9.13 -42.92
N ILE A 173 4.01 -7.97 -43.22
CA ILE A 173 4.74 -6.69 -43.25
C ILE A 173 5.00 -6.15 -41.84
N TYR A 174 3.95 -6.09 -41.02
CA TYR A 174 4.06 -5.51 -39.65
C TYR A 174 5.15 -6.21 -38.87
N PRO A 175 5.29 -7.56 -38.87
CA PRO A 175 6.40 -8.21 -38.17
C PRO A 175 7.79 -7.66 -38.51
N GLU A 176 8.02 -7.28 -39.79
CA GLU A 176 9.32 -6.70 -40.19
C GLU A 176 9.44 -5.25 -39.67
N VAL A 177 8.31 -4.53 -39.56
CA VAL A 177 8.28 -3.19 -39.00
C VAL A 177 8.58 -3.23 -37.50
N VAL A 178 7.86 -4.08 -36.78
CA VAL A 178 8.03 -4.05 -35.32
C VAL A 178 9.46 -4.52 -34.94
N ALA A 179 10.10 -5.36 -35.74
CA ALA A 179 11.45 -5.89 -35.44
C ALA A 179 12.53 -4.88 -35.82
N GLY A 180 12.12 -3.80 -36.50
CA GLY A 180 12.97 -2.68 -36.88
C GLY A 180 13.74 -2.91 -38.18
N ARG A 181 13.32 -3.87 -39.00
CA ARG A 181 14.00 -4.10 -40.29
C ARG A 181 13.38 -3.30 -41.41
N ILE A 182 12.15 -2.84 -41.27
CA ILE A 182 11.61 -1.81 -42.15
C ILE A 182 11.25 -0.61 -41.28
N GLU A 183 11.79 0.57 -41.57
CA GLU A 183 11.35 1.78 -40.81
C GLU A 183 10.04 2.27 -41.44
N ASN A 184 9.08 2.66 -40.59
CA ASN A 184 7.72 2.96 -41.02
C ASN A 184 7.71 3.87 -42.25
N ARG A 185 8.51 4.93 -42.22
CA ARG A 185 8.44 5.99 -43.25
C ARG A 185 9.02 5.51 -44.59
N GLU A 186 9.68 4.36 -44.61
CA GLU A 186 10.06 3.73 -45.85
C GLU A 186 8.84 3.23 -46.62
N ILE A 187 7.75 2.88 -45.93
CA ILE A 187 6.59 2.31 -46.60
C ILE A 187 5.28 3.06 -46.36
N THR A 188 5.24 4.02 -45.43
CA THR A 188 4.01 4.76 -45.21
C THR A 188 4.32 6.09 -44.55
N PRO A 189 3.77 7.23 -45.07
CA PRO A 189 3.98 8.52 -44.42
C PRO A 189 3.15 8.77 -43.17
N ASP A 190 2.09 7.97 -42.90
CA ASP A 190 1.18 8.24 -41.83
C ASP A 190 0.77 7.00 -41.04
N ASP A 191 1.42 5.86 -41.30
CA ASP A 191 1.24 4.59 -40.59
C ASP A 191 -0.07 3.91 -40.97
N LEU A 192 -0.75 4.41 -42.00
CA LEU A 192 -1.99 3.77 -42.48
C LEU A 192 -1.91 3.56 -44.00
N HIS A 193 -1.70 4.67 -44.73
CA HIS A 193 -1.67 4.65 -46.20
C HIS A 193 -0.28 4.31 -46.71
N PRO A 194 -0.11 3.22 -47.48
CA PRO A 194 1.19 2.85 -48.06
C PRO A 194 1.60 3.82 -49.16
N ASN A 195 2.91 4.05 -49.27
CA ASN A 195 3.50 4.76 -50.42
C ASN A 195 3.72 3.74 -51.54
N ASP A 196 4.50 4.09 -52.57
CA ASP A 196 4.70 3.15 -53.66
C ASP A 196 5.34 1.84 -53.20
N ALA A 197 6.38 1.95 -52.36
CA ALA A 197 7.12 0.81 -51.84
C ALA A 197 6.15 -0.08 -51.03
N GLY A 198 5.31 0.55 -50.21
CA GLY A 198 4.33 -0.18 -49.40
C GLY A 198 3.27 -0.88 -50.24
N HIS A 199 2.72 -0.17 -51.25
CA HIS A 199 1.76 -0.77 -52.18
C HIS A 199 2.38 -1.98 -52.90
N ALA A 200 3.64 -1.89 -53.30
CA ALA A 200 4.28 -3.04 -53.99
C ALA A 200 4.40 -4.23 -53.03
N LEU A 201 4.71 -3.98 -51.75
CA LEU A 201 4.79 -5.06 -50.70
C LEU A 201 3.40 -5.69 -50.50
N VAL A 202 2.35 -4.87 -50.46
CA VAL A 202 1.01 -5.39 -50.22
C VAL A 202 0.61 -6.32 -51.37
N ALA A 203 0.86 -5.84 -52.60
CA ALA A 203 0.55 -6.61 -53.78
C ALA A 203 1.37 -7.89 -53.76
N SER A 204 2.64 -7.82 -53.35
CA SER A 204 3.51 -9.01 -53.39
C SER A 204 2.93 -10.12 -52.48
N VAL A 205 2.30 -9.72 -51.36
CA VAL A 205 1.73 -10.70 -50.45
C VAL A 205 0.55 -11.38 -51.16
N ILE A 206 -0.26 -10.58 -51.86
CA ILE A 206 -1.44 -11.09 -52.49
C ILE A 206 -1.03 -12.00 -53.66
N THR A 207 -0.07 -11.55 -54.46
CA THR A 207 0.33 -12.32 -55.69
C THR A 207 1.04 -13.64 -55.29
N TYR A 208 1.79 -13.65 -54.16
CA TYR A 208 2.35 -14.89 -53.62
C TYR A 208 1.28 -15.98 -53.53
N PHE A 209 0.11 -15.59 -52.98
CA PHE A 209 -0.98 -16.50 -52.78
C PHE A 209 -1.59 -16.88 -54.14
N LEU A 210 -1.83 -15.87 -55.01
CA LEU A 210 -2.49 -16.15 -56.31
C LEU A 210 -1.60 -17.15 -57.07
N ASP A 211 -0.28 -16.96 -56.98
CA ASP A 211 0.66 -17.88 -57.70
C ASP A 211 0.57 -19.30 -57.12
N LYS A 212 0.47 -19.43 -55.79
CA LYS A 212 0.36 -20.71 -55.13
C LYS A 212 -0.95 -21.40 -55.59
N VAL A 213 -2.04 -20.64 -55.65
CA VAL A 213 -3.31 -21.20 -56.09
C VAL A 213 -3.22 -21.71 -57.52
N LYS A 214 -2.58 -20.93 -58.39
CA LYS A 214 -2.52 -21.23 -59.81
C LYS A 214 -1.77 -22.55 -60.06
N THR A 215 -0.73 -22.81 -59.27
CA THR A 215 0.18 -23.92 -59.56
C THR A 215 -0.13 -25.16 -58.74
N GLU A 216 -1.08 -25.09 -57.81
CA GLU A 216 -1.45 -26.26 -57.02
C GLU A 216 -1.95 -27.40 -57.93
N SER A 222 -18.33 -28.30 -55.94
CA SER A 222 -17.33 -28.78 -54.98
C SER A 222 -17.13 -27.68 -53.91
N GLU A 223 -18.00 -26.68 -53.98
CA GLU A 223 -18.07 -25.55 -53.08
C GLU A 223 -18.80 -25.99 -51.81
N PRO A 224 -18.48 -25.46 -50.61
CA PRO A 224 -19.24 -25.85 -49.42
C PRO A 224 -20.70 -25.42 -49.53
N ASP A 225 -21.55 -26.09 -48.75
CA ASP A 225 -22.91 -25.65 -48.59
C ASP A 225 -22.90 -24.23 -48.00
N TYR A 226 -23.80 -23.41 -48.54
CA TYR A 226 -23.89 -22.01 -48.12
C TYR A 226 -24.56 -21.96 -46.76
N PRO A 227 -23.83 -21.50 -45.71
CA PRO A 227 -24.37 -21.61 -44.37
C PRO A 227 -25.31 -20.47 -43.95
N ALA A 228 -26.10 -20.72 -42.89
CA ALA A 228 -26.85 -19.71 -42.17
C ALA A 228 -25.87 -18.67 -41.63
N PRO A 229 -26.28 -17.38 -41.49
CA PRO A 229 -25.34 -16.36 -41.00
C PRO A 229 -24.85 -16.60 -39.57
N LEU A 230 -23.64 -16.13 -39.29
CA LEU A 230 -23.03 -16.19 -38.00
C LEU A 230 -23.59 -15.10 -37.08
N THR A 231 -23.80 -13.88 -37.59
CA THR A 231 -24.38 -12.77 -36.86
C THR A 231 -25.88 -12.69 -37.14
N LYS A 232 -26.54 -11.69 -36.53
CA LYS A 232 -27.97 -11.36 -36.82
C LYS A 232 -28.18 -10.93 -38.29
N ASN A 233 -27.10 -10.52 -38.96
CA ASN A 233 -27.06 -10.27 -40.38
C ASN A 233 -28.16 -9.28 -40.80
N THR A 234 -28.34 -8.20 -40.04
CA THR A 234 -29.41 -7.24 -40.33
C THR A 234 -28.99 -6.14 -41.32
N TYR A 235 -27.81 -6.26 -41.96
CA TYR A 235 -27.35 -5.23 -42.93
C TYR A 235 -27.29 -5.78 -44.35
N GLU A 236 -27.59 -7.06 -44.57
CA GLU A 236 -27.50 -7.64 -45.91
C GLU A 236 -28.38 -6.91 -46.92
N LYS A 237 -29.59 -6.53 -46.51
CA LYS A 237 -30.39 -5.62 -47.29
C LYS A 237 -30.14 -4.21 -46.72
N SER A 238 -29.45 -3.37 -47.48
CA SER A 238 -29.09 -2.01 -47.06
C SER A 238 -29.41 -1.07 -48.22
N ILE A 239 -30.42 -0.20 -48.02
CA ILE A 239 -30.95 0.59 -49.12
C ILE A 239 -30.65 2.06 -48.87
N ARG A 240 -29.88 2.71 -49.75
CA ARG A 240 -29.69 4.15 -49.58
C ARG A 240 -30.92 4.91 -50.10
N HIS A 241 -31.33 5.91 -49.35
CA HIS A 241 -32.38 6.89 -49.72
C HIS A 241 -31.65 8.18 -50.08
N GLN A 242 -31.69 8.52 -51.36
CA GLN A 242 -31.03 9.71 -51.88
C GLN A 242 -32.06 10.54 -52.66
N ASN A 243 -31.60 11.56 -53.40
CA ASN A 243 -32.51 12.62 -53.84
C ASN A 243 -33.42 12.08 -54.97
N SER A 244 -33.20 10.85 -55.47
CA SER A 244 -34.10 10.20 -56.44
C SER A 244 -35.33 9.58 -55.75
N ASP A 245 -35.33 9.51 -54.41
CA ASP A 245 -36.38 8.80 -53.67
C ASP A 245 -37.67 9.61 -53.71
N GLU A 246 -38.78 8.93 -54.01
CA GLU A 246 -40.04 9.65 -54.27
C GLU A 246 -40.79 9.98 -52.97
N ASN A 247 -40.37 9.46 -51.81
CA ASN A 247 -41.10 9.68 -50.54
C ASN A 247 -40.51 10.83 -49.70
N VAL A 248 -39.54 11.54 -50.26
CA VAL A 248 -38.83 12.57 -49.54
C VAL A 248 -39.55 13.91 -49.69
N VAL A 249 -39.64 14.67 -48.59
CA VAL A 249 -40.21 16.03 -48.63
C VAL A 249 -39.19 17.05 -48.11
N CYS A 250 -38.79 18.01 -48.94
CA CYS A 250 -37.86 19.03 -48.50
C CYS A 250 -38.58 20.26 -47.94
N HIS A 251 -38.01 20.87 -46.89
CA HIS A 251 -38.45 22.14 -46.30
C HIS A 251 -37.21 22.96 -45.97
N GLY A 252 -36.44 23.33 -47.01
CA GLY A 252 -35.23 24.11 -46.87
C GLY A 252 -34.02 23.40 -47.45
N PHE A 253 -33.90 22.10 -47.20
CA PHE A 253 -32.87 21.27 -47.93
C PHE A 253 -33.21 21.27 -49.41
N VAL A 254 -32.19 21.28 -50.27
CA VAL A 254 -32.39 21.30 -51.72
C VAL A 254 -31.56 20.16 -52.35
N ALA A 255 -32.19 19.43 -53.27
CA ALA A 255 -31.49 18.36 -53.96
C ALA A 255 -30.29 18.90 -54.75
N ASP A 256 -29.17 18.14 -54.74
CA ASP A 256 -28.00 18.40 -55.54
C ASP A 256 -28.14 17.52 -56.77
N THR A 257 -28.40 18.13 -57.95
CA THR A 257 -28.64 17.36 -59.15
C THR A 257 -27.39 17.29 -60.04
N SER A 258 -26.22 17.69 -59.54
CA SER A 258 -24.99 17.74 -60.34
C SER A 258 -24.45 16.32 -60.62
N ALA A 259 -23.63 16.20 -61.67
CA ALA A 259 -23.16 14.90 -62.17
C ALA A 259 -22.11 14.32 -61.21
N GLN A 260 -22.26 13.05 -60.85
CA GLN A 260 -21.18 12.32 -60.16
C GLN A 260 -20.19 11.81 -61.21
N ARG A 261 -18.97 12.36 -61.24
CA ARG A 261 -17.93 11.99 -62.25
C ARG A 261 -17.53 10.53 -62.05
N ASP A 262 -17.35 10.14 -60.79
CA ASP A 262 -17.13 8.75 -60.43
C ASP A 262 -17.34 8.63 -58.92
N ILE A 263 -17.19 7.43 -58.37
CA ILE A 263 -17.73 7.17 -57.05
C ILE A 263 -16.90 7.86 -55.97
N THR A 264 -15.64 8.21 -56.23
CA THR A 264 -14.81 8.94 -55.27
C THR A 264 -15.30 10.39 -55.09
N ASP A 265 -16.10 10.90 -56.02
CA ASP A 265 -16.83 12.20 -55.89
C ASP A 265 -18.08 11.93 -55.04
N CYS A 266 -17.86 11.83 -53.70
CA CYS A 266 -18.85 11.16 -52.90
C CYS A 266 -19.90 12.12 -52.35
N PHE A 267 -19.71 13.44 -52.46
CA PHE A 267 -20.81 14.37 -52.05
C PHE A 267 -21.65 14.71 -53.29
N LYS A 268 -22.41 13.70 -53.72
CA LYS A 268 -23.33 13.77 -54.84
C LYS A 268 -24.58 13.00 -54.48
N HIS A 269 -25.68 13.30 -55.20
CA HIS A 269 -27.00 12.62 -55.16
C HIS A 269 -27.77 12.90 -53.87
N GLY A 270 -27.28 13.85 -53.07
CA GLY A 270 -27.93 14.16 -51.84
C GLY A 270 -28.55 15.55 -51.86
N TRP A 271 -28.47 16.23 -50.72
CA TRP A 271 -29.19 17.46 -50.53
C TRP A 271 -28.29 18.39 -49.72
N THR A 272 -28.44 19.71 -49.93
CA THR A 272 -27.66 20.69 -49.20
C THR A 272 -28.59 21.65 -48.47
N ALA A 273 -28.04 22.30 -47.42
CA ALA A 273 -28.76 23.35 -46.63
C ALA A 273 -27.77 24.34 -46.01
N SER A 274 -28.15 25.64 -45.94
CA SER A 274 -27.29 26.67 -45.40
C SER A 274 -27.90 27.42 -44.19
N LYS A 275 -29.20 27.29 -43.98
CA LYS A 275 -29.92 28.14 -42.98
C LYS A 275 -30.52 27.34 -41.82
N LYS A 276 -30.38 27.92 -40.63
CA LYS A 276 -31.00 27.35 -39.42
C LYS A 276 -32.48 27.05 -39.70
N GLY A 277 -32.93 25.83 -39.33
CA GLY A 277 -34.29 25.43 -39.52
C GLY A 277 -34.60 24.73 -40.82
N ASP A 278 -33.65 24.75 -41.79
CA ASP A 278 -33.84 23.96 -43.01
C ASP A 278 -33.98 22.48 -42.62
N SER A 279 -34.93 21.77 -43.22
CA SER A 279 -35.20 20.38 -42.84
C SER A 279 -35.61 19.57 -44.07
N ILE A 280 -35.67 18.26 -43.85
CA ILE A 280 -36.06 17.28 -44.84
C ILE A 280 -36.64 16.07 -44.08
N THR A 281 -37.65 15.44 -44.65
CA THR A 281 -38.29 14.25 -44.08
C THR A 281 -38.26 13.13 -45.13
N LEU A 282 -37.96 11.93 -44.64
CA LEU A 282 -37.84 10.73 -45.41
C LEU A 282 -38.60 9.62 -44.71
N ASP A 283 -39.21 8.73 -45.50
CA ASP A 283 -39.70 7.44 -45.10
C ASP A 283 -38.60 6.39 -45.37
N VAL A 284 -38.18 5.68 -44.31
CA VAL A 284 -37.08 4.72 -44.41
C VAL A 284 -37.47 3.42 -43.71
N GLU A 285 -37.62 2.36 -44.52
CA GLU A 285 -37.96 1.02 -44.05
C GLU A 285 -36.69 0.27 -43.59
N GLY A 286 -36.81 -0.42 -42.45
CA GLY A 286 -35.81 -1.33 -41.94
C GLY A 286 -35.84 -1.41 -40.43
N CYS A 287 -34.97 -2.25 -39.85
CA CYS A 287 -34.74 -2.28 -38.41
C CYS A 287 -33.52 -1.44 -38.02
N ASN A 288 -32.66 -1.10 -39.00
CA ASN A 288 -31.51 -0.23 -38.75
C ASN A 288 -31.65 1.04 -39.60
N ILE A 289 -31.20 2.17 -39.05
CA ILE A 289 -31.11 3.44 -39.75
C ILE A 289 -29.72 4.03 -39.53
N SER A 290 -29.11 4.49 -40.62
CA SER A 290 -27.86 5.17 -40.55
C SER A 290 -27.92 6.40 -41.47
N VAL A 291 -27.01 7.34 -41.24
CA VAL A 291 -27.03 8.57 -42.04
C VAL A 291 -25.61 8.90 -42.51
N GLN A 292 -25.50 9.32 -43.79
CA GLN A 292 -24.26 9.75 -44.35
C GLN A 292 -24.27 11.26 -44.58
N TYR A 293 -23.17 11.94 -44.24
CA TYR A 293 -23.09 13.39 -44.36
C TYR A 293 -21.63 13.84 -44.39
N ARG A 294 -21.39 15.07 -44.84
CA ARG A 294 -20.04 15.56 -44.94
C ARG A 294 -19.56 16.11 -43.59
N LYS A 295 -18.32 15.74 -43.23
CA LYS A 295 -17.55 16.43 -42.23
C LYS A 295 -16.42 17.18 -42.98
N SER A 296 -16.46 18.51 -42.87
CA SER A 296 -15.71 19.42 -43.71
C SER A 296 -14.46 19.91 -42.98
N VAL A 297 -13.32 19.92 -43.67
CA VAL A 297 -12.13 20.56 -43.11
C VAL A 297 -12.11 22.05 -43.43
N LYS A 298 -13.03 22.49 -44.28
CA LYS A 298 -13.26 23.91 -44.55
C LYS A 298 -14.26 24.42 -43.51
N LEU A 299 -13.78 25.25 -42.58
CA LEU A 299 -14.47 25.62 -41.37
C LEU A 299 -14.82 27.11 -41.39
N PRO A 300 -15.85 27.53 -40.64
CA PRO A 300 -16.78 26.67 -39.95
C PRO A 300 -17.86 26.12 -40.89
N ALA A 301 -18.67 25.19 -40.37
CA ALA A 301 -19.75 24.54 -41.10
C ALA A 301 -20.95 24.34 -40.16
N PRO A 302 -22.14 24.07 -40.71
CA PRO A 302 -23.35 23.92 -39.91
C PRO A 302 -23.37 22.63 -39.09
N VAL A 303 -24.31 22.61 -38.15
CA VAL A 303 -24.63 21.46 -37.34
C VAL A 303 -26.09 21.13 -37.58
N ALA A 304 -26.40 19.84 -37.72
CA ALA A 304 -27.77 19.37 -37.85
C ALA A 304 -28.09 18.38 -36.72
N GLU A 305 -29.35 17.98 -36.66
CA GLU A 305 -29.82 16.90 -35.83
C GLU A 305 -30.70 15.99 -36.69
N ILE A 306 -30.65 14.69 -36.38
CA ILE A 306 -31.49 13.69 -37.01
C ILE A 306 -32.38 13.06 -35.92
N ILE A 307 -33.66 12.91 -36.25
CA ILE A 307 -34.69 12.45 -35.38
C ILE A 307 -35.41 11.31 -36.06
N VAL A 308 -35.62 10.21 -35.34
CA VAL A 308 -36.28 9.06 -35.89
C VAL A 308 -37.61 8.89 -35.14
N ASP A 309 -38.71 8.79 -35.91
CA ASP A 309 -40.06 8.50 -35.41
C ASP A 309 -40.47 9.51 -34.31
N GLY A 310 -40.10 10.78 -34.50
CA GLY A 310 -40.41 11.86 -33.56
C GLY A 310 -39.76 11.76 -32.20
N ASP A 311 -38.74 10.90 -32.04
CA ASP A 311 -38.06 10.75 -30.76
C ASP A 311 -37.06 11.90 -30.62
N ALA A 312 -37.61 13.11 -30.56
CA ALA A 312 -36.86 14.35 -30.73
C ALA A 312 -36.02 14.64 -29.49
N GLU A 313 -36.44 14.09 -28.34
CA GLU A 313 -35.70 14.23 -27.10
C GLU A 313 -34.40 13.43 -27.20
N HIS A 314 -34.32 12.51 -28.17
CA HIS A 314 -33.12 11.66 -28.42
C HIS A 314 -32.50 11.86 -29.82
N ALA A 315 -32.63 13.06 -30.38
CA ALA A 315 -31.98 13.45 -31.57
C ALA A 315 -30.46 13.21 -31.46
N VAL A 316 -29.84 12.82 -32.58
CA VAL A 316 -28.41 12.73 -32.69
C VAL A 316 -27.89 13.95 -33.46
N ARG A 317 -26.84 14.54 -32.89
CA ARG A 317 -26.13 15.67 -33.44
C ARG A 317 -25.19 15.23 -34.57
N LEU A 318 -25.37 15.88 -35.72
CA LEU A 318 -24.51 15.68 -36.90
C LEU A 318 -23.74 16.99 -37.11
N ASP A 319 -22.49 16.99 -36.69
CA ASP A 319 -21.63 18.18 -36.72
C ASP A 319 -20.69 18.13 -37.94
N ALA A 320 -20.85 19.10 -38.85
CA ALA A 320 -20.08 19.14 -40.10
C ALA A 320 -18.69 19.77 -39.90
N ASN A 321 -18.38 20.24 -38.69
CA ASN A 321 -17.09 20.79 -38.33
C ASN A 321 -16.13 19.65 -37.96
N PHE A 322 -15.33 19.22 -38.95
CA PHE A 322 -14.38 18.12 -38.78
C PHE A 322 -13.18 18.60 -37.98
N ASP A 323 -12.79 17.80 -36.97
CA ASP A 323 -11.70 18.17 -36.07
C ASP A 323 -10.37 17.53 -36.50
N GLU A 324 -10.36 16.80 -37.62
CA GLU A 324 -9.14 16.23 -38.19
C GLU A 324 -8.82 17.03 -39.44
N THR A 325 -7.69 16.76 -40.10
CA THR A 325 -7.18 17.70 -41.09
C THR A 325 -6.86 17.03 -42.44
N TRP A 326 -6.79 15.69 -42.50
CA TRP A 326 -6.35 14.98 -43.73
C TRP A 326 -7.28 15.27 -44.92
N GLY A 327 -8.51 15.71 -44.65
CA GLY A 327 -9.48 15.99 -45.71
C GLY A 327 -10.90 15.78 -45.21
N ASP A 328 -11.85 16.14 -46.06
CA ASP A 328 -13.29 15.93 -45.80
C ASP A 328 -13.52 14.43 -45.61
N LYS A 329 -14.43 14.08 -44.71
CA LYS A 329 -14.81 12.69 -44.48
C LYS A 329 -16.28 12.53 -44.86
N LEU A 330 -16.56 11.41 -45.52
CA LEU A 330 -17.95 10.95 -45.74
C LEU A 330 -18.40 10.15 -44.50
N GLU A 331 -18.96 10.86 -43.51
CA GLU A 331 -19.29 10.27 -42.25
C GLU A 331 -20.50 9.34 -42.43
N LEU A 332 -20.52 8.25 -41.66
CA LEU A 332 -21.70 7.37 -41.58
C LEU A 332 -21.94 7.05 -40.11
N ASP A 333 -23.07 7.52 -39.57
CA ASP A 333 -23.40 7.34 -38.16
C ASP A 333 -24.58 6.40 -38.07
N THR A 334 -24.47 5.39 -37.20
CA THR A 334 -25.59 4.48 -37.01
C THR A 334 -26.54 5.10 -35.97
N ILE A 335 -27.81 5.31 -36.33
CA ILE A 335 -28.77 6.07 -35.48
C ILE A 335 -29.69 5.12 -34.71
N LEU A 336 -30.21 4.11 -35.41
CA LEU A 336 -31.06 3.05 -34.88
C LEU A 336 -30.42 1.72 -35.26
N GLU A 337 -30.27 0.81 -34.29
CA GLU A 337 -29.80 -0.53 -34.59
C GLU A 337 -30.66 -1.58 -33.87
N HIS A 338 -31.07 -2.60 -34.64
CA HIS A 338 -31.84 -3.74 -34.20
C HIS A 338 -33.17 -3.28 -33.57
N GLY A 339 -33.77 -2.26 -34.19
CA GLY A 339 -35.06 -1.73 -33.82
C GLY A 339 -36.19 -2.50 -34.47
N GLU A 340 -37.38 -1.90 -34.43
CA GLU A 340 -38.54 -2.49 -35.02
C GLU A 340 -38.40 -2.30 -36.53
N ASN A 341 -38.69 -3.37 -37.25
CA ASN A 341 -38.68 -3.37 -38.68
C ASN A 341 -40.03 -2.82 -39.20
N LYS A 342 -40.01 -1.56 -39.65
CA LYS A 342 -41.17 -0.85 -40.12
C LYS A 342 -40.72 0.35 -40.95
N VAL A 343 -41.67 1.05 -41.56
CA VAL A 343 -41.35 2.29 -42.23
C VAL A 343 -41.14 3.38 -41.17
N HIS A 344 -39.90 3.80 -40.93
CA HIS A 344 -39.55 4.83 -39.97
C HIS A 344 -39.67 6.21 -40.62
N LYS A 345 -40.10 7.21 -39.84
CA LYS A 345 -40.04 8.57 -40.29
C LYS A 345 -38.70 9.13 -39.81
N VAL A 346 -38.00 9.78 -40.74
CA VAL A 346 -36.73 10.35 -40.44
C VAL A 346 -36.74 11.82 -40.82
N GLU A 347 -36.22 12.64 -39.93
CA GLU A 347 -36.14 14.05 -40.19
C GLU A 347 -34.71 14.50 -39.88
N VAL A 348 -34.16 15.34 -40.77
CA VAL A 348 -32.91 16.01 -40.51
C VAL A 348 -33.19 17.53 -40.58
N ARG A 349 -32.70 18.28 -39.60
CA ARG A 349 -32.93 19.72 -39.47
C ARG A 349 -31.62 20.42 -39.12
N LEU A 350 -31.35 21.59 -39.69
CA LEU A 350 -30.18 22.36 -39.28
C LEU A 350 -30.47 23.10 -37.96
N THR A 351 -29.55 22.97 -37.01
CA THR A 351 -29.68 23.54 -35.64
C THR A 351 -28.66 24.66 -35.35
N GLU A 352 -27.50 24.67 -36.01
CA GLU A 352 -26.49 25.75 -35.83
C GLU A 352 -25.92 26.15 -37.21
N THR A 353 -25.82 27.45 -37.44
CA THR A 353 -25.20 28.05 -38.61
C THR A 353 -24.30 29.19 -38.14
N HIS A 354 -23.41 29.61 -39.03
CA HIS A 354 -22.48 30.66 -38.78
C HIS A 354 -22.47 31.59 -39.98
N GLU A 355 -22.36 32.91 -39.70
CA GLU A 355 -22.40 33.92 -40.75
C GLU A 355 -21.33 33.59 -41.81
N ASN A 356 -20.18 33.12 -41.33
CA ASN A 356 -19.00 32.85 -42.15
C ASN A 356 -18.88 31.35 -42.52
N ASP A 357 -19.98 30.60 -42.61
CA ASP A 357 -19.88 29.15 -42.94
C ASP A 357 -19.19 29.00 -44.30
N ALA A 358 -18.17 28.14 -44.37
CA ALA A 358 -17.35 27.92 -45.61
C ALA A 358 -18.11 27.08 -46.64
N VAL A 359 -18.96 26.21 -46.12
CA VAL A 359 -19.71 25.25 -46.91
C VAL A 359 -21.09 25.07 -46.28
N PRO A 360 -22.06 24.65 -47.10
CA PRO A 360 -23.36 24.22 -46.58
C PRO A 360 -23.21 22.81 -45.96
N PHE A 361 -24.23 22.41 -45.21
CA PHE A 361 -24.32 21.03 -44.75
C PHE A 361 -24.65 20.15 -45.98
N TYR A 362 -23.97 18.99 -46.13
CA TYR A 362 -24.29 18.04 -47.23
C TYR A 362 -24.81 16.73 -46.61
N LEU A 363 -26.10 16.46 -46.82
CA LEU A 363 -26.73 15.19 -46.45
C LEU A 363 -26.65 14.25 -47.66
N VAL A 364 -25.82 13.19 -47.54
CA VAL A 364 -25.56 12.33 -48.67
C VAL A 364 -26.67 11.28 -48.81
N SER A 365 -27.06 10.62 -47.71
CA SER A 365 -28.04 9.57 -47.78
C SER A 365 -28.58 9.27 -46.39
N VAL A 366 -29.79 8.67 -46.34
CA VAL A 366 -30.18 7.90 -45.13
C VAL A 366 -30.31 6.43 -45.53
N ILE A 367 -29.72 5.52 -44.76
CA ILE A 367 -29.69 4.10 -45.16
C ILE A 367 -30.61 3.29 -44.25
N GLY A 368 -31.52 2.54 -44.85
CA GLY A 368 -32.34 1.62 -44.13
C GLY A 368 -31.88 0.20 -44.38
N SER A 369 -31.79 -0.60 -43.31
CA SER A 369 -31.28 -1.94 -43.43
C SER A 369 -32.21 -2.93 -42.73
N SER A 370 -32.22 -4.17 -43.23
CA SER A 370 -32.80 -5.27 -42.48
C SER A 370 -32.17 -6.61 -42.90
N GLU A 371 -32.53 -7.68 -42.18
CA GLU A 371 -32.04 -9.01 -42.53
C GLU A 371 -32.63 -9.37 -43.88
N LYS A 372 -31.85 -10.09 -44.68
CA LYS A 372 -32.37 -10.88 -45.75
C LYS A 372 -32.45 -12.33 -45.25
N ALA A 373 -33.67 -12.87 -45.23
CA ALA A 373 -33.93 -14.22 -44.70
C ALA A 373 -33.08 -15.26 -45.41
N HIS A 374 -32.51 -16.18 -44.61
CA HIS A 374 -31.81 -17.39 -45.09
C HIS A 374 -32.86 -18.46 -45.42
N TYR B 3 -3.28 -26.12 -26.76
CA TYR B 3 -2.65 -24.90 -27.45
C TYR B 3 -1.55 -25.32 -28.43
N GLN B 4 -1.35 -24.52 -29.49
CA GLN B 4 -0.19 -24.73 -30.36
C GLN B 4 0.54 -23.40 -30.58
N ILE B 5 0.84 -22.71 -29.47
CA ILE B 5 1.66 -21.49 -29.57
C ILE B 5 3.02 -21.81 -30.18
N LYS B 6 3.48 -20.92 -31.08
CA LYS B 6 4.85 -20.97 -31.63
C LYS B 6 5.79 -20.12 -30.76
N TYR B 7 6.39 -20.75 -29.74
CA TYR B 7 7.13 -20.06 -28.68
C TYR B 7 8.38 -19.35 -29.24
N GLU B 8 8.94 -19.92 -30.32
CA GLU B 8 10.13 -19.32 -31.01
C GLU B 8 9.79 -17.88 -31.46
N ASN B 9 8.52 -17.61 -31.79
CA ASN B 9 8.13 -16.25 -32.21
C ASN B 9 7.98 -15.26 -31.04
N GLY B 10 8.19 -15.68 -29.81
CA GLY B 10 8.00 -14.81 -28.65
C GLY B 10 9.18 -13.91 -28.34
N ILE B 11 10.36 -14.23 -28.89
CA ILE B 11 11.58 -13.48 -28.57
C ILE B 11 11.64 -12.28 -29.53
N ALA B 12 11.15 -11.14 -29.04
CA ALA B 12 11.08 -9.89 -29.83
C ALA B 12 12.48 -9.30 -29.94
N ASN B 13 13.29 -9.45 -28.89
CA ASN B 13 14.68 -9.03 -28.91
C ASN B 13 15.50 -9.95 -28.01
N ARG B 14 16.56 -10.56 -28.56
CA ARG B 14 17.33 -11.49 -27.76
C ARG B 14 18.09 -10.69 -26.69
N GLY B 15 18.64 -9.58 -27.14
CA GLY B 15 19.36 -8.65 -26.26
C GLY B 15 20.73 -9.17 -25.83
N CYS B 16 21.34 -8.43 -24.91
CA CYS B 16 22.53 -8.87 -24.21
C CYS B 16 22.11 -9.65 -22.96
N LEU B 17 22.58 -10.89 -22.85
CA LEU B 17 22.12 -11.79 -21.79
C LEU B 17 23.09 -11.79 -20.60
N TYR B 18 24.05 -10.86 -20.58
CA TYR B 18 25.12 -10.87 -19.56
C TYR B 18 24.53 -10.77 -18.14
N ARG B 19 23.66 -9.77 -17.91
CA ARG B 19 23.11 -9.59 -16.55
C ARG B 19 22.23 -10.77 -16.16
N LEU B 20 21.39 -11.26 -17.09
CA LEU B 20 20.47 -12.29 -16.79
C LEU B 20 21.25 -13.56 -16.41
N LYS B 21 22.30 -13.88 -17.18
CA LYS B 21 23.07 -15.11 -16.91
C LYS B 21 23.84 -15.00 -15.58
N LYS B 22 24.32 -13.80 -15.25
CA LYS B 22 25.00 -13.52 -13.98
C LYS B 22 24.06 -13.78 -12.80
N VAL B 23 22.77 -13.45 -12.96
CA VAL B 23 21.75 -13.71 -11.94
C VAL B 23 21.55 -15.22 -11.79
N ASP B 25 23.68 -17.50 -12.39
CA ASP B 25 24.89 -18.01 -11.75
C ASP B 25 24.81 -17.81 -10.23
N ARG B 26 24.37 -16.63 -9.80
CA ARG B 26 24.17 -16.34 -8.37
C ARG B 26 23.14 -17.29 -7.77
N ALA B 27 22.09 -17.64 -8.56
CA ALA B 27 21.01 -18.53 -8.13
C ALA B 27 21.51 -19.98 -7.99
N LYS B 28 22.43 -20.35 -8.89
CA LYS B 28 23.10 -21.67 -8.87
C LYS B 28 23.89 -21.80 -7.56
N ALA B 29 24.58 -20.73 -7.17
CA ALA B 29 25.42 -20.63 -5.96
C ALA B 29 24.60 -20.44 -4.68
N GLY B 30 23.26 -20.43 -4.77
CA GLY B 30 22.40 -20.49 -3.60
C GLY B 30 22.18 -19.13 -2.95
N GLU B 31 22.39 -18.04 -3.71
CA GLU B 31 22.31 -16.67 -3.17
C GLU B 31 20.84 -16.28 -2.97
N ALA B 32 20.64 -15.28 -2.11
CA ALA B 32 19.34 -14.62 -1.91
C ALA B 32 19.12 -13.64 -3.07
N LEU B 33 18.00 -13.74 -3.79
CA LEU B 33 17.73 -12.89 -4.96
C LEU B 33 16.29 -12.34 -4.92
N ASN B 34 16.15 -11.12 -5.41
CA ASN B 34 14.90 -10.33 -5.43
C ASN B 34 14.36 -10.28 -6.88
N ILE B 35 13.20 -10.89 -7.09
CA ILE B 35 12.55 -10.98 -8.38
C ILE B 35 11.39 -9.97 -8.42
N ALA B 36 11.52 -8.97 -9.30
CA ALA B 36 10.62 -7.81 -9.29
C ALA B 36 9.88 -7.66 -10.63
N PHE B 37 8.68 -7.06 -10.56
CA PHE B 37 7.83 -6.83 -11.71
C PHE B 37 7.25 -5.42 -11.63
N LEU B 38 7.42 -4.63 -12.70
CA LEU B 38 6.88 -3.26 -12.71
C LEU B 38 5.99 -3.13 -13.96
N GLY B 39 4.72 -2.79 -13.75
CA GLY B 39 3.76 -2.79 -14.87
C GLY B 39 2.42 -2.24 -14.43
N GLY B 40 1.42 -2.46 -15.28
CA GLY B 40 0.04 -2.06 -15.07
C GLY B 40 -0.78 -3.18 -14.51
N SER B 41 -2.09 -3.27 -14.86
CA SER B 41 -3.00 -4.15 -14.10
C SER B 41 -2.69 -5.63 -14.38
N ILE B 42 -2.21 -5.94 -15.59
CA ILE B 42 -1.84 -7.33 -15.91
C ILE B 42 -0.68 -7.80 -15.03
N THR B 43 0.29 -6.91 -14.71
CA THR B 43 1.36 -7.19 -13.74
C THR B 43 0.82 -7.27 -12.30
N GLN B 44 -0.05 -6.31 -11.90
CA GLN B 44 -0.69 -6.35 -10.55
C GLN B 44 -1.38 -7.68 -10.33
N GLY B 45 -2.10 -8.16 -11.34
CA GLY B 45 -2.60 -9.55 -11.42
C GLY B 45 -3.98 -9.70 -12.06
N SER B 46 -4.66 -8.61 -12.45
CA SER B 46 -6.00 -8.71 -13.14
C SER B 46 -5.86 -9.52 -14.42
N LEU B 47 -6.79 -10.47 -14.70
CA LEU B 47 -7.91 -10.89 -13.86
C LEU B 47 -7.73 -12.35 -13.46
N SER B 48 -6.57 -12.67 -12.87
CA SER B 48 -6.37 -13.97 -12.24
C SER B 48 -7.41 -14.13 -11.12
N SER B 49 -7.82 -15.37 -10.88
CA SER B 49 -8.82 -15.68 -9.83
C SER B 49 -8.20 -15.60 -8.43
N LYS B 50 -6.87 -15.79 -8.34
CA LYS B 50 -6.12 -15.84 -7.09
C LYS B 50 -4.77 -15.18 -7.31
N PRO B 51 -4.13 -14.52 -6.30
CA PRO B 51 -2.82 -13.90 -6.55
C PRO B 51 -1.71 -14.83 -7.07
N GLU B 52 -1.73 -16.11 -6.68
CA GLU B 52 -0.65 -17.01 -7.06
C GLU B 52 -0.82 -17.47 -8.51
N LEU B 53 -1.94 -17.09 -9.17
CA LEU B 53 -2.20 -17.55 -10.54
C LEU B 53 -1.97 -16.44 -11.59
N CYS B 54 -1.42 -15.30 -11.19
CA CYS B 54 -1.05 -14.26 -12.21
C CYS B 54 0.31 -14.59 -12.83
N TYR B 55 0.62 -14.00 -14.00
CA TYR B 55 1.81 -14.35 -14.72
C TYR B 55 3.03 -14.04 -13.85
N ALA B 56 2.99 -12.95 -13.09
CA ALA B 56 4.18 -12.58 -12.29
C ALA B 56 4.51 -13.68 -11.26
N TYR B 57 3.50 -14.19 -10.60
CA TYR B 57 3.72 -15.22 -9.61
C TYR B 57 4.17 -16.53 -10.27
N HIS B 58 3.64 -16.88 -11.45
CA HIS B 58 4.17 -18.04 -12.21
C HIS B 58 5.64 -17.87 -12.54
N VAL B 59 6.03 -16.65 -12.95
CA VAL B 59 7.44 -16.42 -13.23
C VAL B 59 8.31 -16.54 -11.97
N TYR B 60 7.83 -16.00 -10.84
CA TYR B 60 8.50 -16.14 -9.55
C TYR B 60 8.69 -17.62 -9.17
N GLU B 61 7.64 -18.43 -9.37
CA GLU B 61 7.70 -19.87 -9.12
C GLU B 61 8.74 -20.55 -10.03
N TRP B 62 8.92 -20.05 -11.27
CA TRP B 62 9.91 -20.63 -12.18
C TRP B 62 11.29 -20.49 -11.57
N TRP B 63 11.59 -19.32 -10.98
CA TRP B 63 12.89 -19.10 -10.36
C TRP B 63 13.06 -20.10 -9.21
N LYS B 64 12.00 -20.19 -8.37
CA LYS B 64 12.02 -21.06 -7.19
C LYS B 64 12.32 -22.51 -7.58
N LYS B 65 11.61 -23.02 -8.59
CA LYS B 65 11.65 -24.42 -8.99
C LYS B 65 12.98 -24.71 -9.72
N THR B 66 13.48 -23.75 -10.51
CA THR B 66 14.66 -23.95 -11.32
C THR B 66 15.94 -23.93 -10.46
N PHE B 67 15.95 -23.17 -9.36
CA PHE B 67 17.13 -22.98 -8.53
C PHE B 67 16.74 -23.23 -7.09
N PRO B 68 16.41 -24.49 -6.73
CA PRO B 68 15.81 -24.80 -5.43
C PRO B 68 16.75 -24.57 -4.25
N GLN B 69 18.01 -24.22 -4.53
CA GLN B 69 19.01 -23.96 -3.53
C GLN B 69 19.04 -22.46 -3.13
N ALA B 70 18.52 -21.58 -4.00
CA ALA B 70 18.41 -20.13 -3.72
C ALA B 70 17.15 -19.77 -2.90
N ASP B 71 17.19 -18.61 -2.23
CA ASP B 71 16.01 -18.01 -1.57
C ASP B 71 15.55 -16.80 -2.39
N PHE B 72 14.34 -16.85 -2.97
CA PHE B 72 13.83 -15.74 -3.78
C PHE B 72 12.78 -14.90 -3.01
N THR B 73 12.80 -13.58 -3.22
CA THR B 73 11.78 -12.63 -2.75
C THR B 73 10.94 -12.11 -3.96
N TYR B 74 9.62 -12.09 -3.79
CA TYR B 74 8.67 -11.63 -4.81
C TYR B 74 8.32 -10.17 -4.54
N ILE B 75 8.58 -9.30 -5.52
CA ILE B 75 8.24 -7.89 -5.51
C ILE B 75 7.29 -7.60 -6.68
N ASN B 76 6.01 -7.46 -6.37
CA ASN B 76 5.06 -7.12 -7.39
C ASN B 76 4.73 -5.63 -7.30
N ALA B 77 5.29 -4.82 -8.22
CA ALA B 77 5.10 -3.37 -8.21
C ALA B 77 4.10 -2.91 -9.28
N GLY B 78 3.18 -3.78 -9.69
CA GLY B 78 2.16 -3.38 -10.63
C GLY B 78 1.10 -2.52 -9.98
N ILE B 79 0.60 -1.55 -10.77
CA ILE B 79 -0.53 -0.70 -10.43
C ILE B 79 -1.42 -0.56 -11.65
N GLY B 80 -2.68 -0.96 -11.50
CA GLY B 80 -3.58 -1.01 -12.60
C GLY B 80 -3.86 0.35 -13.20
N GLY B 81 -3.98 0.40 -14.53
CA GLY B 81 -4.44 1.57 -15.22
C GLY B 81 -3.40 2.67 -15.30
N THR B 82 -2.12 2.32 -15.19
CA THR B 82 -1.03 3.32 -15.15
C THR B 82 0.09 2.95 -16.13
N THR B 83 0.89 3.97 -16.51
CA THR B 83 1.81 3.90 -17.64
C THR B 83 3.27 3.95 -17.15
N SER B 84 4.18 3.92 -18.12
CA SER B 84 5.63 4.07 -17.88
C SER B 84 5.91 5.50 -17.35
N GLN B 85 5.03 6.48 -17.64
CA GLN B 85 5.23 7.87 -17.14
C GLN B 85 5.06 7.90 -15.62
N PHE B 86 4.07 7.17 -15.09
CA PHE B 86 3.98 6.99 -13.64
C PHE B 86 5.11 6.06 -13.17
N GLY B 87 5.42 5.00 -13.93
CA GLY B 87 6.51 4.09 -13.63
C GLY B 87 7.82 4.80 -13.25
N VAL B 88 8.27 5.72 -14.10
CA VAL B 88 9.57 6.37 -13.85
C VAL B 88 9.47 7.24 -12.60
N ALA B 89 8.32 7.88 -12.35
CA ALA B 89 8.15 8.76 -11.14
C ALA B 89 8.16 7.95 -9.85
N ARG B 90 7.73 6.68 -9.90
CA ARG B 90 7.52 5.88 -8.65
C ARG B 90 8.59 4.80 -8.50
N ALA B 91 9.51 4.71 -9.46
CA ALA B 91 10.42 3.58 -9.54
C ALA B 91 11.29 3.50 -8.27
N GLU B 92 11.80 4.63 -7.79
CA GLU B 92 12.72 4.59 -6.63
C GLU B 92 11.97 4.02 -5.42
N ALA B 93 10.76 4.53 -5.15
CA ALA B 93 10.00 4.16 -3.96
C ALA B 93 9.47 2.72 -4.07
N ASP B 94 8.86 2.38 -5.23
CA ASP B 94 8.09 1.14 -5.34
C ASP B 94 8.94 -0.07 -5.78
N LEU B 95 10.12 0.17 -6.35
CA LEU B 95 10.92 -0.91 -6.96
C LEU B 95 12.39 -0.85 -6.48
N LEU B 96 13.09 0.26 -6.77
CA LEU B 96 14.55 0.22 -6.65
C LEU B 96 14.98 0.25 -5.18
N SER B 97 14.15 0.86 -4.33
CA SER B 97 14.32 0.79 -2.85
C SER B 97 14.38 -0.67 -2.34
N LYS B 98 13.82 -1.62 -3.10
CA LYS B 98 13.78 -3.02 -2.71
C LYS B 98 14.91 -3.83 -3.35
N GLU B 99 15.91 -3.15 -3.96
CA GLU B 99 17.18 -3.76 -4.36
C GLU B 99 16.92 -4.97 -5.28
N PRO B 100 16.25 -4.79 -6.44
CA PRO B 100 15.91 -5.93 -7.29
C PRO B 100 17.13 -6.49 -8.05
N ASP B 101 17.14 -7.80 -8.27
CA ASP B 101 18.17 -8.51 -9.04
C ASP B 101 17.70 -8.75 -10.49
N PHE B 102 16.40 -8.88 -10.66
CA PHE B 102 15.74 -9.15 -11.91
C PHE B 102 14.47 -8.29 -11.94
N VAL B 103 14.23 -7.57 -13.04
CA VAL B 103 13.09 -6.72 -13.16
C VAL B 103 12.43 -6.99 -14.52
N ILE B 104 11.15 -7.32 -14.50
CA ILE B 104 10.32 -7.27 -15.73
C ILE B 104 9.64 -5.91 -15.81
N ILE B 105 9.65 -5.30 -17.01
CA ILE B 105 8.93 -4.06 -17.26
C ILE B 105 7.81 -4.34 -18.27
N GLU B 106 6.59 -3.95 -17.89
CA GLU B 106 5.40 -4.43 -18.55
C GLU B 106 4.38 -3.29 -18.68
N PHE B 107 4.51 -2.50 -19.77
CA PHE B 107 3.64 -1.32 -20.00
C PHE B 107 3.17 -1.17 -21.45
N SER B 108 3.30 -2.23 -22.27
CA SER B 108 3.03 -2.13 -23.70
C SER B 108 1.52 -2.20 -24.03
N VAL B 109 0.64 -2.45 -23.05
CA VAL B 109 -0.80 -2.22 -23.25
C VAL B 109 -1.35 -1.17 -22.27
N ASN B 110 -0.44 -0.36 -21.73
CA ASN B 110 -0.82 0.79 -20.93
C ASN B 110 -0.47 2.08 -21.68
N ASP B 111 0.82 2.24 -21.99
CA ASP B 111 1.33 3.25 -22.85
C ASP B 111 0.62 3.19 -24.20
N ASP B 112 0.30 4.35 -24.75
CA ASP B 112 0.00 4.46 -26.19
C ASP B 112 1.28 4.35 -27.02
N SER B 113 1.12 3.98 -28.30
CA SER B 113 2.21 3.80 -29.22
C SER B 113 2.57 5.15 -29.84
N THR B 114 3.14 6.04 -29.01
CA THR B 114 3.41 7.44 -29.39
C THR B 114 4.85 7.80 -29.01
N GLU B 115 5.36 8.90 -29.58
CA GLU B 115 6.69 9.37 -29.25
C GLU B 115 6.76 9.75 -27.77
N HIS B 116 5.66 10.32 -27.27
CA HIS B 116 5.56 10.76 -25.86
C HIS B 116 5.91 9.59 -24.93
N PHE B 117 5.29 8.44 -25.17
CA PHE B 117 5.53 7.26 -24.32
C PHE B 117 6.86 6.58 -24.66
N GLU B 119 9.44 8.27 -25.01
CA GLU B 119 10.31 9.09 -24.18
C GLU B 119 10.19 8.68 -22.70
N THR B 120 8.97 8.50 -22.20
CA THR B 120 8.77 8.16 -20.77
C THR B 120 9.37 6.76 -20.52
N TYR B 121 9.19 5.87 -21.49
CA TYR B 121 9.67 4.48 -21.32
C TYR B 121 11.19 4.46 -21.30
N GLU B 122 11.81 5.33 -22.11
CA GLU B 122 13.23 5.38 -22.15
C GLU B 122 13.75 5.85 -20.78
N GLY B 123 13.10 6.86 -20.22
CA GLY B 123 13.49 7.40 -18.93
C GLY B 123 13.39 6.34 -17.83
N LEU B 124 12.32 5.54 -17.86
CA LEU B 124 12.17 4.45 -16.92
C LEU B 124 13.27 3.39 -17.11
N VAL B 125 13.47 2.93 -18.37
CA VAL B 125 14.44 1.90 -18.65
C VAL B 125 15.84 2.33 -18.18
N ARG B 126 16.22 3.57 -18.48
CA ARG B 126 17.54 4.08 -18.11
C ARG B 126 17.69 4.11 -16.58
N LYS B 127 16.64 4.57 -15.91
CA LYS B 127 16.66 4.69 -14.47
C LYS B 127 16.86 3.32 -13.80
N VAL B 128 16.09 2.35 -14.26
CA VAL B 128 16.18 0.98 -13.71
C VAL B 128 17.54 0.35 -14.06
N TYR B 129 17.92 0.43 -15.34
CA TYR B 129 19.11 -0.25 -15.85
C TYR B 129 20.38 0.26 -15.15
N THR B 130 20.44 1.58 -14.89
CA THR B 130 21.66 2.20 -14.24
C THR B 130 21.58 2.25 -12.72
N SER B 131 20.53 1.66 -12.14
CA SER B 131 20.33 1.75 -10.68
C SER B 131 21.43 0.97 -9.95
N LYS B 132 21.50 1.11 -8.63
CA LYS B 132 22.65 0.68 -7.82
C LYS B 132 22.90 -0.83 -7.95
N THR B 133 21.82 -1.64 -7.90
CA THR B 133 21.95 -3.11 -7.98
C THR B 133 22.17 -3.62 -9.43
N LYS B 134 22.15 -2.75 -10.44
CA LYS B 134 22.45 -3.10 -11.86
C LYS B 134 21.66 -4.33 -12.25
N PRO B 135 20.32 -4.29 -12.06
CA PRO B 135 19.49 -5.47 -12.30
C PRO B 135 19.45 -5.97 -13.76
N ALA B 136 19.28 -7.29 -13.91
CA ALA B 136 18.82 -7.85 -15.17
C ALA B 136 17.43 -7.29 -15.45
N VAL B 137 17.21 -6.85 -16.68
CA VAL B 137 15.97 -6.26 -17.09
C VAL B 137 15.47 -7.06 -18.29
N LEU B 138 14.21 -7.49 -18.21
CA LEU B 138 13.46 -8.12 -19.30
C LEU B 138 12.22 -7.28 -19.59
N LEU B 139 12.04 -6.88 -20.86
CA LEU B 139 10.82 -6.19 -21.26
C LEU B 139 9.78 -7.22 -21.72
N VAL B 140 8.53 -7.01 -21.28
CA VAL B 140 7.39 -7.89 -21.61
C VAL B 140 6.30 -7.05 -22.30
N HIS B 141 5.94 -7.45 -23.52
CA HIS B 141 4.97 -6.80 -24.36
C HIS B 141 3.71 -7.66 -24.43
N ASN B 142 2.69 -7.28 -23.65
CA ASN B 142 1.33 -7.79 -23.79
C ASN B 142 0.66 -7.17 -25.04
N VAL B 143 -0.58 -7.59 -25.32
CA VAL B 143 -1.30 -7.21 -26.57
C VAL B 143 -2.80 -7.15 -26.30
N PHE B 144 -3.49 -6.24 -27.00
CA PHE B 144 -4.94 -6.16 -27.05
C PHE B 144 -5.46 -7.27 -27.95
N TYR B 145 -6.34 -8.15 -27.45
CA TYR B 145 -6.81 -9.29 -28.25
C TYR B 145 -8.02 -8.95 -29.16
N ASN B 146 -8.58 -7.74 -29.04
CA ASN B 146 -9.70 -7.35 -29.89
C ASN B 146 -9.19 -6.91 -31.27
N ASN B 147 -7.96 -6.37 -31.36
CA ASN B 147 -7.44 -5.80 -32.62
C ASN B 147 -5.94 -6.12 -32.87
N GLY B 148 -5.25 -6.79 -31.94
CA GLY B 148 -3.81 -7.11 -32.05
C GLY B 148 -2.84 -5.96 -31.75
N ALA B 149 -3.33 -4.83 -31.23
CA ALA B 149 -2.54 -3.62 -30.98
C ALA B 149 -1.66 -3.74 -29.72
N ASN B 150 -0.52 -3.03 -29.75
CA ASN B 150 0.19 -2.65 -28.51
C ASN B 150 1.11 -1.47 -28.83
N ALA B 151 1.94 -1.08 -27.85
CA ALA B 151 2.92 -0.02 -27.99
C ALA B 151 4.32 -0.58 -28.25
N GLN B 152 4.43 -1.84 -28.71
CA GLN B 152 5.71 -2.48 -28.92
C GLN B 152 6.55 -1.78 -30.01
N LEU B 153 5.94 -1.08 -30.97
CA LEU B 153 6.77 -0.34 -31.95
C LEU B 153 7.69 0.60 -31.18
N HIS B 155 8.31 0.67 -27.72
CA HIS B 155 9.05 0.01 -26.66
C HIS B 155 10.19 -0.84 -27.20
N GLY B 156 10.00 -1.44 -28.39
CA GLY B 156 10.93 -2.26 -29.06
C GLY B 156 12.12 -1.47 -29.54
N ARG B 157 11.89 -0.19 -29.84
CA ARG B 157 12.97 0.65 -30.29
C ARG B 157 13.92 0.91 -29.11
N ILE B 158 13.34 1.07 -27.91
CA ILE B 158 14.13 1.18 -26.69
C ILE B 158 14.83 -0.17 -26.39
N ALA B 159 14.16 -1.31 -26.52
CA ALA B 159 14.80 -2.63 -26.30
C ALA B 159 16.09 -2.71 -27.14
N ARG B 160 15.99 -2.38 -28.44
CA ARG B 160 17.12 -2.56 -29.35
C ARG B 160 18.24 -1.55 -29.00
N HIS B 161 17.86 -0.32 -28.66
CA HIS B 161 18.81 0.74 -28.35
C HIS B 161 19.67 0.35 -27.13
N TYR B 162 19.08 -0.31 -26.13
CA TYR B 162 19.80 -0.68 -24.88
C TYR B 162 20.24 -2.14 -24.88
N ASN B 163 19.91 -2.88 -25.95
CA ASN B 163 20.25 -4.31 -26.12
C ASN B 163 19.64 -5.14 -25.00
N LEU B 164 18.34 -4.92 -24.73
CA LEU B 164 17.59 -5.57 -23.65
C LEU B 164 16.77 -6.70 -24.24
N PRO B 165 16.74 -7.85 -23.53
CA PRO B 165 15.89 -8.96 -23.90
C PRO B 165 14.43 -8.55 -23.79
N ALA B 166 13.63 -9.01 -24.75
CA ALA B 166 12.24 -8.65 -24.82
C ALA B 166 11.44 -9.82 -25.39
N VAL B 167 10.25 -10.07 -24.81
CA VAL B 167 9.32 -11.12 -25.22
C VAL B 167 7.91 -10.53 -25.40
N SER B 168 7.18 -11.10 -26.37
CA SER B 168 5.97 -10.49 -26.88
C SER B 168 4.85 -11.51 -27.00
N GLN B 170 2.14 -10.41 -28.77
CA GLN B 170 1.60 -9.99 -30.04
C GLN B 170 2.01 -10.95 -31.13
N SER B 171 3.17 -11.60 -30.98
CA SER B 171 3.69 -12.54 -31.97
C SER B 171 3.54 -14.01 -31.55
N THR B 172 2.83 -14.31 -30.44
CA THR B 172 2.68 -15.67 -29.93
C THR B 172 1.21 -16.00 -29.64
N ILE B 173 0.59 -15.30 -28.69
CA ILE B 173 -0.77 -15.61 -28.31
C ILE B 173 -1.78 -15.00 -29.30
N TYR B 174 -1.58 -13.72 -29.66
CA TYR B 174 -2.53 -13.06 -30.57
C TYR B 174 -2.63 -13.84 -31.90
N PRO B 175 -1.55 -14.35 -32.53
CA PRO B 175 -1.66 -15.15 -33.77
C PRO B 175 -2.63 -16.34 -33.66
N GLU B 176 -2.65 -16.98 -32.49
CA GLU B 176 -3.58 -18.10 -32.24
C GLU B 176 -5.02 -17.59 -32.16
N VAL B 177 -5.23 -16.40 -31.60
CA VAL B 177 -6.58 -15.83 -31.44
C VAL B 177 -7.12 -15.37 -32.83
N VAL B 178 -6.29 -14.69 -33.63
CA VAL B 178 -6.81 -14.08 -34.85
C VAL B 178 -7.16 -15.21 -35.83
N ALA B 179 -6.46 -16.34 -35.70
CA ALA B 179 -6.65 -17.52 -36.61
C ALA B 179 -7.80 -18.41 -36.12
N GLY B 180 -8.37 -18.08 -34.96
CA GLY B 180 -9.52 -18.84 -34.42
C GLY B 180 -9.16 -20.13 -33.68
N ARG B 181 -7.86 -20.36 -33.42
CA ARG B 181 -7.39 -21.57 -32.73
C ARG B 181 -7.57 -21.42 -31.21
N ILE B 182 -7.63 -20.18 -30.72
CA ILE B 182 -7.97 -19.85 -29.33
C ILE B 182 -9.10 -18.81 -29.37
N GLU B 183 -10.24 -19.11 -28.75
CA GLU B 183 -11.32 -18.12 -28.71
C GLU B 183 -10.90 -17.04 -27.72
N ASN B 184 -11.20 -15.75 -28.02
CA ASN B 184 -10.80 -14.70 -27.10
C ASN B 184 -11.25 -15.05 -25.69
N ARG B 185 -12.52 -15.44 -25.54
CA ARG B 185 -13.06 -15.60 -24.19
C ARG B 185 -12.45 -16.80 -23.45
N GLU B 186 -11.77 -17.70 -24.15
CA GLU B 186 -11.01 -18.74 -23.49
C GLU B 186 -9.89 -18.15 -22.60
N ILE B 187 -9.33 -16.98 -22.99
CA ILE B 187 -8.13 -16.45 -22.28
C ILE B 187 -8.33 -15.06 -21.69
N THR B 188 -9.41 -14.35 -22.04
CA THR B 188 -9.65 -13.00 -21.51
C THR B 188 -11.13 -12.65 -21.60
N PRO B 189 -11.76 -12.13 -20.53
CA PRO B 189 -13.17 -11.75 -20.63
C PRO B 189 -13.39 -10.40 -21.32
N ASP B 190 -12.34 -9.56 -21.45
CA ASP B 190 -12.52 -8.16 -21.94
C ASP B 190 -11.47 -7.78 -23.02
N ASP B 191 -10.71 -8.77 -23.53
CA ASP B 191 -9.70 -8.57 -24.60
C ASP B 191 -8.45 -7.81 -24.14
N LEU B 192 -8.27 -7.59 -22.83
CA LEU B 192 -7.10 -6.93 -22.29
C LEU B 192 -6.53 -7.73 -21.13
N HIS B 193 -7.38 -7.95 -20.11
CA HIS B 193 -6.97 -8.58 -18.87
C HIS B 193 -7.10 -10.09 -19.04
N PRO B 194 -5.99 -10.85 -18.97
CA PRO B 194 -6.10 -12.32 -19.04
C PRO B 194 -6.80 -12.91 -17.81
N ASN B 195 -7.47 -14.03 -18.04
CA ASN B 195 -7.95 -14.87 -16.95
C ASN B 195 -6.80 -15.79 -16.49
N ASP B 196 -7.12 -16.83 -15.71
CA ASP B 196 -6.09 -17.74 -15.22
C ASP B 196 -5.38 -18.46 -16.36
N ALA B 197 -6.14 -18.92 -17.37
CA ALA B 197 -5.52 -19.59 -18.49
C ALA B 197 -4.61 -18.62 -19.24
N GLY B 198 -5.12 -17.40 -19.45
CA GLY B 198 -4.34 -16.38 -20.11
C GLY B 198 -3.04 -16.05 -19.39
N HIS B 199 -3.10 -15.91 -18.06
CA HIS B 199 -1.95 -15.63 -17.26
C HIS B 199 -0.92 -16.76 -17.36
N ALA B 200 -1.40 -18.00 -17.46
CA ALA B 200 -0.52 -19.13 -17.54
C ALA B 200 0.20 -19.13 -18.90
N LEU B 201 -0.51 -18.72 -19.98
CA LEU B 201 0.09 -18.63 -21.34
C LEU B 201 1.14 -17.51 -21.40
N VAL B 202 0.82 -16.33 -20.82
CA VAL B 202 1.74 -15.24 -20.78
C VAL B 202 3.02 -15.68 -20.06
N ALA B 203 2.88 -16.29 -18.87
CA ALA B 203 4.02 -16.80 -18.13
C ALA B 203 4.80 -17.84 -18.95
N SER B 204 4.10 -18.70 -19.69
CA SER B 204 4.78 -19.76 -20.46
C SER B 204 5.69 -19.15 -21.55
N VAL B 205 5.29 -18.00 -22.11
CA VAL B 205 6.14 -17.35 -23.13
C VAL B 205 7.40 -16.81 -22.48
N ILE B 206 7.25 -16.23 -21.29
CA ILE B 206 8.33 -15.74 -20.53
C ILE B 206 9.30 -16.87 -20.12
N THR B 207 8.78 -17.93 -19.54
CA THR B 207 9.63 -19.02 -19.01
C THR B 207 10.25 -19.86 -20.14
N TYR B 208 9.58 -19.88 -21.31
CA TYR B 208 10.19 -20.47 -22.49
C TYR B 208 11.52 -19.78 -22.75
N PHE B 209 11.51 -18.44 -22.76
CA PHE B 209 12.68 -17.67 -22.96
C PHE B 209 13.71 -17.92 -21.83
N LEU B 210 13.25 -17.88 -20.57
CA LEU B 210 14.19 -18.03 -19.44
C LEU B 210 14.87 -19.42 -19.46
N ASP B 211 14.13 -20.44 -19.83
CA ASP B 211 14.71 -21.80 -19.99
C ASP B 211 15.80 -21.82 -21.06
N LYS B 212 15.55 -21.10 -22.16
CA LYS B 212 16.45 -21.03 -23.26
C LYS B 212 17.76 -20.40 -22.78
N VAL B 213 17.66 -19.28 -22.02
CA VAL B 213 18.83 -18.59 -21.51
C VAL B 213 19.58 -19.52 -20.56
N LYS B 214 18.86 -20.27 -19.73
CA LYS B 214 19.49 -21.16 -18.74
C LYS B 214 20.29 -22.25 -19.46
N THR B 215 19.70 -22.88 -20.47
CA THR B 215 20.26 -24.14 -21.05
C THR B 215 21.32 -23.87 -22.13
N GLU B 216 21.29 -22.70 -22.78
CA GLU B 216 22.36 -22.27 -23.70
C GLU B 216 23.61 -21.90 -22.89
N SER B 222 28.91 -9.91 -22.98
CA SER B 222 29.82 -8.78 -22.90
C SER B 222 29.03 -7.47 -22.93
N GLU B 223 28.94 -6.78 -21.78
CA GLU B 223 27.99 -5.69 -21.54
C GLU B 223 28.30 -4.51 -22.47
N PRO B 224 27.36 -4.07 -23.34
CA PRO B 224 27.67 -3.04 -24.33
C PRO B 224 27.80 -1.67 -23.67
N ASP B 225 28.46 -0.75 -24.38
CA ASP B 225 28.66 0.59 -23.94
C ASP B 225 27.28 1.18 -23.67
N TYR B 226 27.10 1.86 -22.55
CA TYR B 226 25.82 2.46 -22.24
C TYR B 226 25.62 3.67 -23.15
N PRO B 227 24.63 3.65 -24.07
CA PRO B 227 24.49 4.73 -25.05
C PRO B 227 23.82 6.02 -24.55
N ALA B 228 24.05 7.10 -25.31
CA ALA B 228 23.31 8.34 -25.17
C ALA B 228 21.86 8.03 -25.50
N PRO B 229 20.87 8.78 -24.99
CA PRO B 229 19.47 8.44 -25.22
C PRO B 229 19.08 8.62 -26.69
N LEU B 230 18.05 7.87 -27.08
CA LEU B 230 17.44 7.93 -28.36
C LEU B 230 16.48 9.12 -28.45
N THR B 231 15.70 9.38 -27.39
CA THR B 231 14.75 10.50 -27.32
C THR B 231 15.37 11.68 -26.59
N LYS B 232 14.61 12.76 -26.44
CA LYS B 232 15.02 13.92 -25.64
C LYS B 232 15.20 13.53 -24.16
N ASN B 233 14.51 12.45 -23.74
CA ASN B 233 14.77 11.78 -22.43
C ASN B 233 14.52 12.72 -21.25
N THR B 234 13.44 13.50 -21.30
CA THR B 234 13.21 14.53 -20.33
C THR B 234 12.37 14.04 -19.15
N TYR B 235 12.17 12.72 -19.02
CA TYR B 235 11.42 12.18 -17.86
C TYR B 235 12.30 11.32 -16.95
N GLU B 236 13.58 11.10 -17.30
CA GLU B 236 14.45 10.19 -16.55
C GLU B 236 14.55 10.67 -15.09
N LYS B 237 14.58 11.99 -14.88
CA LYS B 237 14.39 12.54 -13.53
C LYS B 237 12.93 13.00 -13.42
N SER B 238 12.10 12.24 -12.69
CA SER B 238 10.67 12.53 -12.46
C SER B 238 10.41 12.49 -10.95
N ILE B 239 10.00 13.65 -10.41
CA ILE B 239 9.81 13.84 -8.97
C ILE B 239 8.32 14.07 -8.67
N ARG B 240 7.72 13.20 -7.85
CA ARG B 240 6.36 13.41 -7.37
C ARG B 240 6.39 14.34 -6.17
N HIS B 241 5.49 15.32 -6.20
CA HIS B 241 5.19 16.22 -5.12
C HIS B 241 3.83 15.81 -4.58
N GLN B 242 3.82 15.39 -3.33
CA GLN B 242 2.64 14.98 -2.61
C GLN B 242 2.57 15.78 -1.31
N ASN B 243 1.70 15.38 -0.38
CA ASN B 243 1.25 16.26 0.68
C ASN B 243 2.29 16.44 1.79
N SER B 244 3.43 15.72 1.74
CA SER B 244 4.56 16.01 2.64
C SER B 244 5.52 17.06 2.04
N ASP B 245 5.22 17.58 0.84
CA ASP B 245 6.08 18.52 0.12
C ASP B 245 6.15 19.86 0.87
N GLU B 246 7.38 20.33 1.03
CA GLU B 246 7.67 21.72 1.34
C GLU B 246 7.27 22.54 0.12
N ASN B 247 6.80 23.77 0.29
CA ASN B 247 6.41 24.64 -0.86
C ASN B 247 5.03 24.28 -1.42
N VAL B 248 4.12 23.82 -0.57
CA VAL B 248 2.72 23.71 -0.96
C VAL B 248 1.93 24.67 -0.09
N VAL B 249 0.97 25.37 -0.69
CA VAL B 249 0.07 26.27 0.01
C VAL B 249 -1.36 25.86 -0.35
N CYS B 250 -2.16 25.46 0.64
CA CYS B 250 -3.57 25.12 0.38
C CYS B 250 -4.50 26.30 0.66
N HIS B 251 -5.45 26.57 -0.25
CA HIS B 251 -6.60 27.46 -0.05
C HIS B 251 -7.94 26.75 -0.35
N GLY B 252 -8.27 25.72 0.42
CA GLY B 252 -9.52 24.92 0.24
C GLY B 252 -9.29 23.42 0.16
N PHE B 253 -8.25 22.99 -0.58
CA PHE B 253 -7.80 21.60 -0.52
C PHE B 253 -7.22 21.37 0.88
N VAL B 254 -7.25 20.12 1.34
CA VAL B 254 -6.75 19.66 2.60
C VAL B 254 -6.01 18.36 2.32
N ALA B 255 -4.87 18.21 2.97
CA ALA B 255 -4.07 17.00 2.93
C ALA B 255 -4.87 15.82 3.51
N ASP B 256 -4.84 14.69 2.79
CA ASP B 256 -5.30 13.40 3.24
C ASP B 256 -4.19 12.76 4.07
N THR B 257 -4.42 12.60 5.38
CA THR B 257 -3.45 12.05 6.28
C THR B 257 -3.72 10.55 6.56
N SER B 258 -4.66 9.94 5.85
CA SER B 258 -4.97 8.54 6.10
C SER B 258 -3.79 7.67 5.62
N ALA B 259 -3.61 6.50 6.22
CA ALA B 259 -2.48 5.63 5.91
C ALA B 259 -2.70 4.91 4.56
N GLN B 260 -1.61 4.59 3.87
CA GLN B 260 -1.66 3.81 2.63
C GLN B 260 -1.36 2.33 2.95
N ARG B 261 -2.30 1.46 2.64
CA ARG B 261 -2.12 0.03 2.94
C ARG B 261 -1.03 -0.58 2.07
N ASP B 262 -0.97 -0.16 0.80
CA ASP B 262 0.03 -0.65 -0.19
C ASP B 262 -0.08 0.24 -1.44
N ILE B 263 0.80 0.02 -2.42
CA ILE B 263 0.89 0.95 -3.54
C ILE B 263 -0.40 0.96 -4.39
N THR B 264 -1.19 -0.12 -4.33
CA THR B 264 -2.39 -0.19 -5.14
C THR B 264 -3.52 0.61 -4.48
N ASP B 265 -3.32 0.98 -3.22
CA ASP B 265 -4.21 1.92 -2.48
C ASP B 265 -3.77 3.33 -2.91
N CYS B 266 -4.12 3.71 -4.14
CA CYS B 266 -3.39 4.76 -4.86
C CYS B 266 -3.97 6.17 -4.63
N PHE B 267 -5.16 6.31 -4.05
CA PHE B 267 -5.68 7.66 -3.69
C PHE B 267 -5.30 7.98 -2.24
N LYS B 268 -3.99 8.18 -2.04
CA LYS B 268 -3.37 8.43 -0.75
C LYS B 268 -2.23 9.43 -0.94
N HIS B 269 -1.90 10.11 0.16
CA HIS B 269 -0.76 11.07 0.25
C HIS B 269 -1.03 12.33 -0.57
N GLY B 270 -2.28 12.56 -0.95
CA GLY B 270 -2.68 13.66 -1.76
C GLY B 270 -3.51 14.66 -1.00
N TRP B 271 -4.38 15.35 -1.75
CA TRP B 271 -5.28 16.40 -1.21
C TRP B 271 -6.70 16.27 -1.78
N THR B 272 -7.71 16.66 -0.99
CA THR B 272 -9.10 16.65 -1.47
C THR B 272 -9.74 18.04 -1.37
N ALA B 273 -10.81 18.24 -2.15
CA ALA B 273 -11.56 19.51 -2.24
C ALA B 273 -12.95 19.27 -2.82
N SER B 274 -13.96 20.02 -2.34
CA SER B 274 -15.39 19.86 -2.70
C SER B 274 -16.07 21.16 -3.15
N LYS B 275 -15.47 22.32 -2.87
CA LYS B 275 -16.16 23.59 -3.09
C LYS B 275 -15.51 24.34 -4.26
N LYS B 276 -16.37 24.89 -5.13
CA LYS B 276 -15.92 25.80 -6.17
C LYS B 276 -14.96 26.83 -5.54
N GLY B 277 -13.82 27.08 -6.19
CA GLY B 277 -12.86 28.09 -5.73
C GLY B 277 -11.75 27.54 -4.84
N ASP B 278 -11.98 26.42 -4.16
CA ASP B 278 -10.90 25.67 -3.46
C ASP B 278 -9.72 25.53 -4.42
N SER B 279 -8.50 25.75 -3.90
CA SER B 279 -7.29 25.75 -4.70
C SER B 279 -6.07 25.38 -3.85
N ILE B 280 -4.97 25.12 -4.57
CA ILE B 280 -3.69 24.66 -4.01
C ILE B 280 -2.63 25.10 -5.00
N THR B 281 -1.50 25.57 -4.47
CA THR B 281 -0.40 26.01 -5.26
C THR B 281 0.83 25.24 -4.80
N LEU B 282 1.63 24.82 -5.79
CA LEU B 282 2.85 24.06 -5.62
C LEU B 282 3.97 24.70 -6.43
N ASP B 283 5.20 24.65 -5.91
CA ASP B 283 6.41 24.91 -6.66
C ASP B 283 6.95 23.61 -7.24
N VAL B 284 7.03 23.52 -8.56
CA VAL B 284 7.43 22.28 -9.20
C VAL B 284 8.51 22.58 -10.25
N GLU B 285 9.68 22.04 -10.01
CA GLU B 285 10.82 22.16 -10.88
C GLU B 285 10.77 21.14 -12.02
N GLY B 286 11.12 21.63 -13.23
CA GLY B 286 11.56 20.85 -14.37
C GLY B 286 11.11 21.50 -15.67
N CYS B 287 11.25 20.77 -16.80
CA CYS B 287 10.76 21.24 -18.10
C CYS B 287 9.39 20.65 -18.45
N ASN B 288 8.96 19.58 -17.76
CA ASN B 288 7.64 18.96 -17.94
C ASN B 288 6.91 18.96 -16.60
N ILE B 289 5.59 19.11 -16.66
CA ILE B 289 4.68 19.09 -15.53
C ILE B 289 3.52 18.17 -15.89
N SER B 290 3.24 17.22 -15.00
CA SER B 290 2.04 16.36 -15.14
C SER B 290 1.29 16.29 -13.82
N VAL B 291 0.03 15.87 -13.89
CA VAL B 291 -0.79 15.86 -12.74
C VAL B 291 -1.54 14.56 -12.67
N GLN B 292 -1.63 14.03 -11.46
CA GLN B 292 -2.31 12.80 -11.15
C GLN B 292 -3.55 13.11 -10.30
N TYR B 293 -4.68 12.56 -10.73
CA TYR B 293 -5.92 12.82 -10.03
C TYR B 293 -6.87 11.66 -10.29
N ARG B 294 -7.96 11.62 -9.51
CA ARG B 294 -8.91 10.53 -9.64
C ARG B 294 -9.97 10.84 -10.69
N LYS B 295 -10.21 9.89 -11.60
CA LYS B 295 -11.39 9.86 -12.45
C LYS B 295 -12.34 8.83 -11.83
N SER B 296 -13.48 9.33 -11.31
CA SER B 296 -14.41 8.57 -10.46
C SER B 296 -15.57 8.04 -11.32
N VAL B 297 -15.88 6.75 -11.16
CA VAL B 297 -17.09 6.15 -11.75
C VAL B 297 -18.29 6.48 -10.86
N LYS B 298 -18.05 6.77 -9.57
CA LYS B 298 -19.06 7.36 -8.69
C LYS B 298 -19.33 8.79 -9.12
N LEU B 299 -20.53 9.01 -9.69
CA LEU B 299 -20.96 10.22 -10.35
C LEU B 299 -22.05 10.91 -9.50
N PRO B 300 -22.21 12.22 -9.67
CA PRO B 300 -21.29 13.09 -10.38
C PRO B 300 -20.08 13.46 -9.50
N ALA B 301 -19.15 14.21 -10.09
CA ALA B 301 -17.86 14.58 -9.48
C ALA B 301 -17.44 15.98 -9.90
N PRO B 302 -16.57 16.65 -9.11
CA PRO B 302 -16.04 17.96 -9.48
C PRO B 302 -15.18 17.98 -10.74
N VAL B 303 -15.10 19.19 -11.31
CA VAL B 303 -14.21 19.53 -12.38
C VAL B 303 -13.24 20.60 -11.86
N ALA B 304 -11.95 20.43 -12.21
CA ALA B 304 -10.90 21.37 -11.85
C ALA B 304 -10.19 21.83 -13.10
N GLU B 305 -9.27 22.76 -12.89
CA GLU B 305 -8.39 23.22 -13.88
C GLU B 305 -7.02 23.38 -13.24
N ILE B 306 -5.99 23.12 -14.03
CA ILE B 306 -4.64 23.31 -13.63
C ILE B 306 -4.02 24.38 -14.52
N ILE B 307 -3.34 25.33 -13.89
CA ILE B 307 -2.69 26.43 -14.55
C ILE B 307 -1.21 26.41 -14.17
N VAL B 308 -0.35 26.44 -15.19
CA VAL B 308 1.06 26.54 -15.01
C VAL B 308 1.48 27.99 -15.32
N ASP B 309 2.27 28.56 -14.41
CA ASP B 309 2.84 29.95 -14.45
C ASP B 309 1.78 30.97 -14.84
N GLY B 310 0.59 30.84 -14.24
CA GLY B 310 -0.54 31.74 -14.47
C GLY B 310 -0.92 31.89 -15.93
N ASP B 311 -0.68 30.88 -16.76
CA ASP B 311 -1.02 30.91 -18.17
C ASP B 311 -2.42 30.33 -18.33
N ALA B 312 -3.41 31.07 -17.81
CA ALA B 312 -4.78 30.56 -17.61
C ALA B 312 -5.49 30.47 -18.97
N GLU B 313 -4.82 30.98 -20.01
CA GLU B 313 -5.30 30.94 -21.38
C GLU B 313 -5.08 29.53 -21.97
N HIS B 314 -4.15 28.78 -21.39
CA HIS B 314 -3.78 27.43 -21.83
C HIS B 314 -3.95 26.44 -20.68
N ALA B 315 -4.96 26.68 -19.85
CA ALA B 315 -5.32 25.86 -18.71
C ALA B 315 -5.95 24.56 -19.19
N VAL B 316 -5.82 23.50 -18.38
CA VAL B 316 -6.34 22.20 -18.72
C VAL B 316 -7.42 21.80 -17.71
N ARG B 317 -8.51 21.30 -18.27
CA ARG B 317 -9.67 20.82 -17.56
C ARG B 317 -9.37 19.40 -17.05
N LEU B 318 -9.55 19.19 -15.75
CA LEU B 318 -9.44 17.89 -15.14
C LEU B 318 -10.83 17.50 -14.64
N ASP B 319 -11.53 16.71 -15.44
CA ASP B 319 -12.87 16.28 -15.16
C ASP B 319 -12.84 14.94 -14.42
N ALA B 320 -13.31 14.93 -13.17
CA ALA B 320 -13.31 13.74 -12.38
C ALA B 320 -14.52 12.84 -12.70
N ASN B 321 -15.37 13.24 -13.67
CA ASN B 321 -16.51 12.38 -14.10
C ASN B 321 -16.00 11.34 -15.11
N PHE B 322 -16.18 10.06 -14.77
CA PHE B 322 -15.71 8.91 -15.58
C PHE B 322 -16.86 7.97 -15.99
N ASP B 323 -16.92 7.70 -17.30
CA ASP B 323 -18.00 6.95 -17.95
C ASP B 323 -17.67 5.46 -18.00
N GLU B 324 -16.42 5.12 -18.39
CA GLU B 324 -15.96 3.73 -18.38
C GLU B 324 -16.29 3.11 -17.02
N THR B 325 -16.44 1.78 -16.97
CA THR B 325 -16.66 1.16 -15.68
C THR B 325 -15.91 -0.18 -15.60
N TRP B 326 -14.63 -0.13 -15.98
N TRP B 326 -14.63 -0.17 -16.02
CA TRP B 326 -13.65 -1.02 -15.42
CA TRP B 326 -13.61 -1.02 -15.41
C TRP B 326 -13.38 -0.59 -13.97
C TRP B 326 -13.48 -0.60 -13.95
N GLY B 327 -13.50 0.73 -13.70
CA GLY B 327 -13.48 1.30 -12.34
C GLY B 327 -12.77 2.65 -12.28
N ASP B 328 -12.52 3.13 -11.06
CA ASP B 328 -11.83 4.41 -10.83
C ASP B 328 -10.44 4.38 -11.49
N LYS B 329 -10.05 5.49 -12.12
CA LYS B 329 -8.74 5.62 -12.78
C LYS B 329 -7.86 6.62 -12.03
N LEU B 330 -6.58 6.25 -11.91
CA LEU B 330 -5.52 7.16 -11.46
C LEU B 330 -4.99 7.83 -12.72
N GLU B 331 -5.65 8.92 -13.13
CA GLU B 331 -5.35 9.59 -14.32
C GLU B 331 -4.02 10.31 -14.15
N LEU B 332 -3.26 10.44 -15.25
CA LEU B 332 -2.08 11.28 -15.27
C LEU B 332 -2.08 12.05 -16.60
N ASP B 333 -2.21 13.37 -16.51
CA ASP B 333 -2.27 14.24 -17.70
C ASP B 333 -0.94 15.03 -17.80
N THR B 334 -0.38 15.09 -19.00
CA THR B 334 0.83 15.88 -19.24
C THR B 334 0.34 17.31 -19.50
N ILE B 335 0.78 18.28 -18.69
CA ILE B 335 0.21 19.64 -18.80
C ILE B 335 1.20 20.55 -19.53
N LEU B 336 2.48 20.38 -19.23
CA LEU B 336 3.55 21.10 -19.90
C LEU B 336 4.60 20.06 -20.30
N GLU B 337 5.06 20.14 -21.56
CA GLU B 337 6.10 19.25 -22.03
C GLU B 337 7.11 20.04 -22.84
N HIS B 338 8.39 19.81 -22.53
CA HIS B 338 9.54 20.39 -23.21
C HIS B 338 9.41 21.92 -23.11
N GLY B 339 9.02 22.36 -21.91
CA GLY B 339 8.86 23.75 -21.56
C GLY B 339 10.15 24.30 -21.00
N GLU B 340 10.09 25.53 -20.52
CA GLU B 340 11.23 26.12 -19.88
C GLU B 340 11.59 25.33 -18.62
N ASN B 341 12.88 25.17 -18.38
CA ASN B 341 13.37 24.48 -17.22
C ASN B 341 13.55 25.47 -16.08
N LYS B 342 12.64 25.45 -15.11
CA LYS B 342 12.63 26.39 -13.99
C LYS B 342 11.71 25.82 -12.91
N VAL B 343 11.56 26.52 -11.77
CA VAL B 343 10.50 26.08 -10.85
C VAL B 343 9.22 26.80 -11.27
N HIS B 344 8.27 26.00 -11.75
CA HIS B 344 7.01 26.46 -12.21
C HIS B 344 6.09 26.63 -11.00
N LYS B 345 5.21 27.62 -11.07
CA LYS B 345 4.07 27.78 -10.17
C LYS B 345 2.89 27.00 -10.73
N VAL B 346 2.43 25.98 -10.01
CA VAL B 346 1.34 25.15 -10.47
C VAL B 346 0.14 25.38 -9.57
N GLU B 347 -1.02 25.65 -10.18
CA GLU B 347 -2.21 25.95 -9.43
C GLU B 347 -3.34 25.03 -9.91
N VAL B 348 -3.95 24.36 -8.94
CA VAL B 348 -5.17 23.61 -9.18
C VAL B 348 -6.31 24.28 -8.44
N ARG B 349 -7.43 24.47 -9.13
CA ARG B 349 -8.61 25.09 -8.53
C ARG B 349 -9.88 24.44 -9.13
N LEU B 350 -10.86 24.23 -8.25
CA LEU B 350 -12.12 23.62 -8.67
C LEU B 350 -12.97 24.65 -9.43
N THR B 351 -13.47 24.26 -10.61
CA THR B 351 -14.27 25.14 -11.46
C THR B 351 -15.75 24.71 -11.50
N GLU B 352 -16.05 23.43 -11.24
CA GLU B 352 -17.43 22.97 -11.24
C GLU B 352 -17.64 21.93 -10.15
N THR B 353 -18.77 22.07 -9.45
CA THR B 353 -19.18 21.23 -8.36
C THR B 353 -20.70 21.06 -8.45
N HIS B 354 -21.25 20.19 -7.61
CA HIS B 354 -22.67 19.80 -7.65
C HIS B 354 -23.06 19.35 -6.24
N GLU B 355 -24.30 19.64 -5.84
CA GLU B 355 -24.83 19.31 -4.51
C GLU B 355 -24.78 17.81 -4.25
N ASN B 356 -25.04 17.02 -5.30
CA ASN B 356 -25.12 15.57 -5.14
C ASN B 356 -23.77 14.91 -5.46
N ASP B 357 -22.71 15.69 -5.74
CA ASP B 357 -21.35 15.14 -6.03
C ASP B 357 -21.10 13.95 -5.10
N ALA B 358 -20.78 12.80 -5.69
CA ALA B 358 -20.65 11.54 -4.95
C ALA B 358 -19.34 11.53 -4.13
N VAL B 359 -18.30 12.15 -4.68
CA VAL B 359 -16.97 12.13 -4.06
C VAL B 359 -16.37 13.51 -4.21
N PRO B 360 -15.39 13.87 -3.35
CA PRO B 360 -14.58 15.06 -3.59
C PRO B 360 -13.60 14.85 -4.74
N PHE B 361 -13.03 15.94 -5.23
CA PHE B 361 -11.93 15.89 -6.19
C PHE B 361 -10.69 15.40 -5.43
N TYR B 362 -9.98 14.40 -5.96
CA TYR B 362 -8.74 13.85 -5.33
C TYR B 362 -7.55 14.17 -6.24
N LEU B 363 -6.69 15.11 -5.78
CA LEU B 363 -5.41 15.39 -6.37
C LEU B 363 -4.33 14.53 -5.69
N VAL B 364 -3.74 13.61 -6.46
CA VAL B 364 -2.79 12.64 -5.93
C VAL B 364 -1.36 13.23 -5.88
N SER B 365 -0.95 13.92 -6.94
CA SER B 365 0.42 14.44 -7.09
C SER B 365 0.51 15.40 -8.28
N VAL B 366 1.57 16.21 -8.23
CA VAL B 366 2.03 16.90 -9.42
C VAL B 366 3.45 16.37 -9.62
N ILE B 367 3.76 16.00 -10.87
CA ILE B 367 5.07 15.47 -11.19
C ILE B 367 5.87 16.45 -12.05
N GLY B 368 7.05 16.81 -11.54
CA GLY B 368 8.02 17.60 -12.31
C GLY B 368 9.13 16.73 -12.88
N SER B 369 9.48 16.93 -14.14
CA SER B 369 10.50 16.13 -14.80
C SER B 369 11.47 17.00 -15.57
N SER B 370 12.70 16.47 -15.70
CA SER B 370 13.74 16.98 -16.58
C SER B 370 14.64 15.83 -17.03
N GLU B 371 15.42 16.10 -18.07
CA GLU B 371 16.47 15.23 -18.59
C GLU B 371 17.55 15.06 -17.52
N LYS B 372 18.12 13.85 -17.42
CA LYS B 372 19.31 13.58 -16.63
C LYS B 372 20.51 13.56 -17.58
N ALA B 373 21.53 14.38 -17.29
CA ALA B 373 22.75 14.46 -18.14
C ALA B 373 23.39 13.07 -18.27
N HIS B 374 23.88 12.78 -19.47
CA HIS B 374 24.36 11.46 -19.90
C HIS B 374 25.83 11.26 -19.49
N HIS B 375 26.78 11.81 -20.27
CA HIS B 375 28.24 11.48 -20.22
C HIS B 375 28.48 10.18 -19.46
N GLN C 4 -8.85 11.97 48.06
CA GLN C 4 -10.09 11.41 47.46
C GLN C 4 -10.19 11.78 45.98
N ILE C 5 -10.77 10.87 45.19
CA ILE C 5 -10.60 10.81 43.73
C ILE C 5 -11.22 12.04 43.05
N LYS C 6 -10.50 12.57 42.06
CA LYS C 6 -10.95 13.62 41.20
C LYS C 6 -11.66 13.01 39.97
N TYR C 7 -12.94 12.66 40.14
CA TYR C 7 -13.69 11.93 39.10
C TYR C 7 -13.67 12.68 37.76
N GLU C 8 -13.78 14.01 37.74
CA GLU C 8 -13.82 14.71 36.45
C GLU C 8 -12.61 14.35 35.60
N ASN C 9 -11.45 14.11 36.24
CA ASN C 9 -10.20 13.80 35.51
C ASN C 9 -10.30 12.44 34.82
N GLY C 10 -11.33 11.66 35.15
CA GLY C 10 -11.62 10.36 34.54
C GLY C 10 -12.01 10.42 33.07
N ILE C 11 -12.56 11.54 32.58
CA ILE C 11 -13.05 11.62 31.21
C ILE C 11 -11.88 11.93 30.26
N ALA C 12 -11.28 10.86 29.72
CA ALA C 12 -10.17 10.98 28.80
C ALA C 12 -10.68 11.51 27.47
N ASN C 13 -11.95 11.22 27.17
CA ASN C 13 -12.61 11.76 26.01
C ASN C 13 -14.12 11.74 26.19
N ARG C 14 -14.76 12.88 25.88
CA ARG C 14 -16.22 12.98 25.97
C ARG C 14 -16.84 12.24 24.79
N GLY C 15 -16.37 12.55 23.58
CA GLY C 15 -16.84 11.97 22.34
C GLY C 15 -18.32 12.29 22.11
N CYS C 16 -18.86 11.69 21.07
CA CYS C 16 -20.24 11.88 20.67
C CYS C 16 -21.16 10.99 21.52
N LEU C 17 -22.14 11.61 22.22
CA LEU C 17 -22.94 10.91 23.25
C LEU C 17 -24.29 10.45 22.69
N TYR C 18 -24.45 10.57 21.36
CA TYR C 18 -25.69 10.28 20.62
C TYR C 18 -26.16 8.84 20.88
N ARG C 19 -25.31 7.85 20.56
CA ARG C 19 -25.67 6.44 20.77
C ARG C 19 -25.97 6.13 22.23
N LEU C 20 -25.15 6.62 23.17
CA LEU C 20 -25.35 6.31 24.59
C LEU C 20 -26.70 6.87 25.11
N LYS C 21 -27.02 8.11 24.71
CA LYS C 21 -28.29 8.77 25.10
C LYS C 21 -29.47 8.05 24.43
N LYS C 22 -29.28 7.50 23.24
CA LYS C 22 -30.36 6.75 22.59
C LYS C 22 -30.60 5.44 23.38
N VAL C 23 -29.55 4.83 23.94
CA VAL C 23 -29.76 3.66 24.81
C VAL C 23 -30.57 4.02 26.05
N ASP C 25 -32.67 6.49 26.33
CA ASP C 25 -34.05 6.74 25.91
C ASP C 25 -34.83 5.42 25.75
N ARG C 26 -34.19 4.39 25.19
CA ARG C 26 -34.81 3.09 24.99
C ARG C 26 -35.09 2.43 26.34
N ALA C 27 -34.18 2.58 27.31
CA ALA C 27 -34.36 2.11 28.66
C ALA C 27 -35.61 2.76 29.28
N LYS C 28 -35.71 4.09 29.15
CA LYS C 28 -36.88 4.88 29.65
C LYS C 28 -38.20 4.39 29.01
N ALA C 29 -38.13 3.92 27.77
CA ALA C 29 -39.30 3.39 27.08
C ALA C 29 -39.58 1.93 27.45
N GLY C 30 -38.75 1.35 28.34
CA GLY C 30 -38.94 0.01 28.91
C GLY C 30 -38.46 -1.13 28.03
N GLU C 31 -37.62 -0.84 27.02
CA GLU C 31 -37.09 -1.84 26.10
C GLU C 31 -36.00 -2.66 26.79
N ALA C 32 -35.97 -3.94 26.47
CA ALA C 32 -34.95 -4.86 26.92
C ALA C 32 -33.62 -4.49 26.26
N LEU C 33 -32.53 -4.44 27.04
CA LEU C 33 -31.21 -3.99 26.56
C LEU C 33 -30.08 -4.91 27.05
N ASN C 34 -29.07 -5.07 26.18
CA ASN C 34 -27.93 -6.00 26.36
C ASN C 34 -26.70 -5.15 26.68
N ILE C 35 -26.17 -5.33 27.89
CA ILE C 35 -25.07 -4.55 28.45
C ILE C 35 -23.82 -5.47 28.47
N ALA C 36 -22.81 -5.13 27.67
CA ALA C 36 -21.73 -6.08 27.36
C ALA C 36 -20.37 -5.42 27.63
N PHE C 37 -19.39 -6.30 27.91
CA PHE C 37 -18.05 -5.89 28.24
C PHE C 37 -17.07 -6.82 27.51
N LEU C 38 -16.13 -6.22 26.77
CA LEU C 38 -15.09 -6.98 26.02
C LEU C 38 -13.71 -6.52 26.52
N GLY C 39 -12.95 -7.44 27.12
CA GLY C 39 -11.66 -7.03 27.73
C GLY C 39 -10.87 -8.22 28.19
N GLY C 40 -9.80 -7.95 28.95
CA GLY C 40 -9.03 -8.99 29.52
C GLY C 40 -9.49 -9.39 30.92
N SER C 41 -8.55 -9.73 31.81
CA SER C 41 -8.94 -10.45 33.03
C SER C 41 -9.64 -9.50 34.03
N ILE C 42 -9.36 -8.20 33.95
CA ILE C 42 -9.99 -7.22 34.84
C ILE C 42 -11.48 -7.15 34.47
N THR C 43 -11.78 -7.23 33.17
CA THR C 43 -13.20 -7.31 32.70
C THR C 43 -13.84 -8.65 33.11
N GLN C 44 -13.13 -9.77 32.85
CA GLN C 44 -13.51 -11.10 33.28
C GLN C 44 -13.92 -11.07 34.75
N GLY C 45 -13.14 -10.40 35.60
CA GLY C 45 -13.56 -10.31 37.02
C GLY C 45 -12.43 -10.40 38.05
N SER C 46 -11.27 -10.94 37.66
CA SER C 46 -10.06 -10.98 38.54
C SER C 46 -9.78 -9.62 39.15
N LEU C 47 -9.49 -9.53 40.47
CA LEU C 47 -9.52 -10.59 41.45
C LEU C 47 -10.65 -10.32 42.47
N SER C 48 -11.86 -10.04 41.97
CA SER C 48 -13.02 -9.90 42.90
C SER C 48 -13.29 -11.24 43.62
N SER C 49 -13.82 -11.20 44.86
CA SER C 49 -14.04 -12.39 45.69
C SER C 49 -15.29 -13.17 45.25
N LYS C 50 -16.22 -12.50 44.56
CA LYS C 50 -17.36 -13.11 43.89
C LYS C 50 -17.61 -12.43 42.55
N PRO C 51 -18.19 -13.10 41.52
CA PRO C 51 -18.44 -12.43 40.25
C PRO C 51 -19.31 -11.15 40.32
N GLU C 52 -20.26 -11.07 41.28
CA GLU C 52 -21.18 -9.91 41.38
C GLU C 52 -20.45 -8.66 41.91
N LEU C 53 -19.18 -8.83 42.30
CA LEU C 53 -18.40 -7.72 42.87
C LEU C 53 -17.29 -7.20 41.94
N CYS C 54 -17.19 -7.73 40.70
CA CYS C 54 -16.27 -7.17 39.68
C CYS C 54 -16.84 -5.84 39.11
N TYR C 55 -16.00 -4.99 38.50
CA TYR C 55 -16.43 -3.68 38.01
C TYR C 55 -17.57 -3.82 36.97
N ALA C 56 -17.50 -4.88 36.16
CA ALA C 56 -18.47 -5.07 35.05
C ALA C 56 -19.87 -5.21 35.65
N TYR C 57 -19.98 -6.06 36.68
CA TYR C 57 -21.26 -6.33 37.30
C TYR C 57 -21.77 -5.06 37.99
N HIS C 58 -20.89 -4.32 38.69
CA HIS C 58 -21.30 -3.02 39.26
C HIS C 58 -21.87 -2.07 38.19
N VAL C 59 -21.28 -2.05 36.98
CA VAL C 59 -21.79 -1.16 35.93
C VAL C 59 -23.16 -1.64 35.43
N TYR C 60 -23.31 -2.93 35.20
CA TYR C 60 -24.63 -3.57 34.91
C TYR C 60 -25.66 -3.18 35.99
N GLU C 61 -25.28 -3.32 37.26
CA GLU C 61 -26.18 -2.95 38.38
C GLU C 61 -26.61 -1.48 38.27
N TRP C 62 -25.72 -0.61 37.75
CA TRP C 62 -26.04 0.80 37.63
C TRP C 62 -27.15 1.01 36.61
N TRP C 63 -27.06 0.32 35.47
CA TRP C 63 -28.15 0.30 34.51
C TRP C 63 -29.45 -0.14 35.18
N LYS C 64 -29.43 -1.25 35.93
CA LYS C 64 -30.65 -1.87 36.51
C LYS C 64 -31.30 -0.91 37.52
N LYS C 65 -30.46 -0.29 38.36
CA LYS C 65 -30.87 0.72 39.35
C LYS C 65 -31.40 2.00 38.69
N THR C 66 -30.76 2.50 37.63
CA THR C 66 -31.04 3.83 37.10
C THR C 66 -32.30 3.83 36.20
N PHE C 67 -32.53 2.71 35.51
CA PHE C 67 -33.67 2.49 34.61
C PHE C 67 -34.45 1.28 35.13
N PRO C 68 -35.18 1.39 36.27
CA PRO C 68 -35.91 0.24 36.83
C PRO C 68 -37.04 -0.32 35.94
N GLN C 69 -37.45 0.44 34.92
CA GLN C 69 -38.56 0.06 34.02
C GLN C 69 -38.07 -0.84 32.87
N ALA C 70 -36.75 -1.04 32.74
CA ALA C 70 -36.20 -1.87 31.62
C ALA C 70 -35.59 -3.17 32.16
N ASP C 71 -35.49 -4.18 31.28
CA ASP C 71 -34.93 -5.46 31.59
C ASP C 71 -33.54 -5.54 30.97
N PHE C 72 -32.51 -5.67 31.80
CA PHE C 72 -31.12 -5.68 31.26
C PHE C 72 -30.54 -7.08 31.27
N THR C 73 -29.77 -7.39 30.22
CA THR C 73 -28.98 -8.62 30.15
C THR C 73 -27.48 -8.29 30.29
N TYR C 74 -26.79 -9.12 31.06
CA TYR C 74 -25.33 -8.95 31.39
C TYR C 74 -24.52 -9.89 30.51
N ILE C 75 -23.63 -9.33 29.68
CA ILE C 75 -22.78 -10.15 28.75
C ILE C 75 -21.32 -9.81 29.10
N ASN C 76 -20.65 -10.73 29.79
CA ASN C 76 -19.23 -10.56 30.14
C ASN C 76 -18.40 -11.39 29.16
N ALA C 77 -17.75 -10.72 28.19
CA ALA C 77 -16.91 -11.38 27.22
C ALA C 77 -15.43 -11.20 27.57
N GLY C 78 -15.10 -11.05 28.85
CA GLY C 78 -13.69 -10.92 29.27
C GLY C 78 -12.97 -12.26 29.23
N ILE C 79 -11.71 -12.25 28.77
CA ILE C 79 -10.84 -13.44 28.83
C ILE C 79 -9.48 -12.98 29.35
N GLY C 80 -9.00 -13.60 30.42
CA GLY C 80 -7.75 -13.13 31.07
C GLY C 80 -6.51 -13.33 30.18
N GLY C 81 -5.60 -12.35 30.24
CA GLY C 81 -4.30 -12.44 29.63
C GLY C 81 -4.38 -12.38 28.11
N THR C 82 -5.40 -11.68 27.56
CA THR C 82 -5.54 -11.54 26.13
C THR C 82 -5.75 -10.08 25.69
N THR C 83 -5.54 -9.85 24.41
CA THR C 83 -5.45 -8.51 23.84
C THR C 83 -6.59 -8.18 22.87
N SER C 84 -6.54 -6.95 22.35
CA SER C 84 -7.47 -6.49 21.28
C SER C 84 -7.27 -7.26 19.98
N GLN C 85 -6.07 -7.83 19.77
CA GLN C 85 -5.84 -8.66 18.63
C GLN C 85 -6.72 -9.91 18.68
N PHE C 86 -6.78 -10.56 19.84
CA PHE C 86 -7.72 -11.68 19.98
C PHE C 86 -9.18 -11.17 19.99
N GLY C 87 -9.43 -10.05 20.67
CA GLY C 87 -10.75 -9.40 20.69
C GLY C 87 -11.43 -9.27 19.31
N VAL C 88 -10.72 -8.73 18.31
CA VAL C 88 -11.29 -8.53 16.97
C VAL C 88 -11.58 -9.88 16.31
N ALA C 89 -10.76 -10.89 16.57
CA ALA C 89 -10.97 -12.21 15.97
C ALA C 89 -12.14 -12.96 16.62
N ARG C 90 -12.44 -12.67 17.89
CA ARG C 90 -13.53 -13.39 18.62
C ARG C 90 -14.77 -12.49 18.77
N ALA C 91 -14.73 -11.24 18.32
CA ALA C 91 -15.88 -10.30 18.57
C ALA C 91 -17.23 -10.87 18.12
N GLU C 92 -17.28 -11.43 16.90
CA GLU C 92 -18.51 -11.96 16.31
C GLU C 92 -19.11 -13.05 17.21
N ALA C 93 -18.31 -14.04 17.58
CA ALA C 93 -18.77 -15.18 18.35
C ALA C 93 -19.10 -14.79 19.80
N ASP C 94 -18.23 -14.01 20.43
CA ASP C 94 -18.29 -13.80 21.89
C ASP C 94 -19.15 -12.60 22.29
N LEU C 95 -19.34 -11.64 21.36
CA LEU C 95 -19.98 -10.35 21.64
C LEU C 95 -21.11 -10.04 20.65
N LEU C 96 -20.80 -9.94 19.34
CA LEU C 96 -21.76 -9.34 18.42
C LEU C 96 -22.96 -10.28 18.19
N SER C 97 -22.73 -11.59 18.29
CA SER C 97 -23.82 -12.59 18.12
C SER C 97 -24.84 -12.46 19.26
N LYS C 98 -24.49 -11.75 20.36
CA LYS C 98 -25.36 -11.50 21.50
C LYS C 98 -26.15 -10.16 21.38
N GLU C 99 -26.02 -9.47 20.25
CA GLU C 99 -26.76 -8.23 19.93
C GLU C 99 -26.65 -7.19 21.04
N PRO C 100 -25.43 -6.71 21.33
CA PRO C 100 -25.26 -5.75 22.42
C PRO C 100 -25.81 -4.35 22.07
N ASP C 101 -26.27 -3.65 23.09
CA ASP C 101 -26.74 -2.28 22.94
C ASP C 101 -25.71 -1.31 23.50
N PHE C 102 -24.88 -1.80 24.42
CA PHE C 102 -23.82 -1.03 25.12
C PHE C 102 -22.61 -1.97 25.25
N VAL C 103 -21.44 -1.48 24.83
CA VAL C 103 -20.21 -2.26 24.83
C VAL C 103 -19.12 -1.41 25.47
N ILE C 104 -18.55 -1.93 26.54
CA ILE C 104 -17.30 -1.41 27.07
C ILE C 104 -16.16 -2.22 26.45
N ILE C 105 -15.10 -1.52 26.02
CA ILE C 105 -13.88 -2.15 25.45
C ILE C 105 -12.73 -1.78 26.39
N GLU C 106 -12.08 -2.81 26.94
CA GLU C 106 -11.15 -2.73 28.09
C GLU C 106 -9.91 -3.58 27.78
N PHE C 107 -8.93 -3.03 27.03
CA PHE C 107 -7.64 -3.74 26.68
C PHE C 107 -6.39 -2.86 26.93
N SER C 108 -6.50 -1.80 27.71
CA SER C 108 -5.40 -0.84 27.86
C SER C 108 -4.30 -1.31 28.85
N VAL C 109 -4.50 -2.39 29.61
CA VAL C 109 -3.42 -3.01 30.38
C VAL C 109 -3.17 -4.45 29.90
N ASN C 110 -3.68 -4.80 28.70
CA ASN C 110 -3.40 -6.02 28.01
C ASN C 110 -2.51 -5.73 26.79
N ASP C 111 -2.97 -4.86 25.91
CA ASP C 111 -2.22 -4.49 24.73
C ASP C 111 -0.95 -3.78 25.22
N ASP C 112 0.16 -3.96 24.50
CA ASP C 112 1.33 -3.06 24.74
C ASP C 112 1.08 -1.74 24.02
N SER C 113 1.74 -0.67 24.46
CA SER C 113 1.53 0.67 23.86
C SER C 113 2.38 0.81 22.57
N THR C 114 1.96 0.13 21.51
CA THR C 114 2.68 0.04 20.27
C THR C 114 1.75 0.23 19.06
N GLU C 115 2.38 0.58 17.94
CA GLU C 115 1.68 0.80 16.66
C GLU C 115 0.90 -0.47 16.24
N HIS C 116 1.46 -1.65 16.50
CA HIS C 116 0.78 -2.90 16.19
C HIS C 116 -0.58 -2.97 16.91
N PHE C 117 -0.58 -2.64 18.19
CA PHE C 117 -1.81 -2.75 18.96
C PHE C 117 -2.73 -1.56 18.67
N GLU C 119 -3.26 -0.71 15.62
CA GLU C 119 -3.88 -1.21 14.42
C GLU C 119 -4.91 -2.27 14.83
N THR C 120 -4.54 -3.14 15.76
CA THR C 120 -5.52 -4.20 16.18
C THR C 120 -6.73 -3.57 16.90
N TYR C 121 -6.47 -2.58 17.75
CA TYR C 121 -7.52 -1.91 18.52
C TYR C 121 -8.42 -1.12 17.61
N GLU C 122 -7.84 -0.49 16.59
CA GLU C 122 -8.65 0.14 15.53
C GLU C 122 -9.59 -0.85 14.82
N GLY C 123 -9.07 -2.00 14.35
CA GLY C 123 -9.87 -3.02 13.71
C GLY C 123 -11.02 -3.43 14.61
N LEU C 124 -10.71 -3.68 15.87
CA LEU C 124 -11.76 -4.09 16.87
C LEU C 124 -12.85 -3.00 16.97
N VAL C 125 -12.43 -1.75 17.12
CA VAL C 125 -13.35 -0.62 17.34
C VAL C 125 -14.25 -0.46 16.10
N ARG C 126 -13.69 -0.53 14.90
CA ARG C 126 -14.43 -0.38 13.65
C ARG C 126 -15.45 -1.52 13.56
N LYS C 127 -15.01 -2.74 13.82
CA LYS C 127 -15.89 -3.91 13.71
C LYS C 127 -17.07 -3.78 14.70
N VAL C 128 -16.83 -3.34 15.93
CA VAL C 128 -17.89 -3.26 16.94
C VAL C 128 -18.83 -2.10 16.59
N TYR C 129 -18.26 -0.93 16.28
CA TYR C 129 -19.04 0.32 16.12
C TYR C 129 -19.96 0.21 14.90
N THR C 130 -19.53 -0.51 13.86
CA THR C 130 -20.32 -0.61 12.57
C THR C 130 -21.14 -1.88 12.52
N SER C 131 -21.20 -2.65 13.62
CA SER C 131 -21.95 -3.88 13.65
C SER C 131 -23.45 -3.58 13.60
N LYS C 132 -24.18 -4.64 13.28
CA LYS C 132 -25.62 -4.69 13.00
C LYS C 132 -26.41 -3.80 13.99
N THR C 133 -26.14 -3.92 15.28
CA THR C 133 -26.97 -3.31 16.31
C THR C 133 -26.49 -1.88 16.65
N LYS C 134 -25.40 -1.41 16.04
CA LYS C 134 -24.88 -0.05 16.28
C LYS C 134 -24.82 0.26 17.77
N PRO C 135 -24.07 -0.51 18.58
CA PRO C 135 -24.06 -0.32 20.02
C PRO C 135 -23.37 0.99 20.39
N ALA C 136 -23.81 1.57 21.50
CA ALA C 136 -23.04 2.58 22.21
C ALA C 136 -21.75 1.94 22.71
N VAL C 137 -20.63 2.61 22.46
CA VAL C 137 -19.32 2.12 22.85
C VAL C 137 -18.68 3.09 23.85
N LEU C 138 -18.15 2.54 24.93
CA LEU C 138 -17.36 3.27 25.87
C LEU C 138 -16.01 2.53 25.95
N LEU C 139 -14.91 3.30 25.81
CA LEU C 139 -13.55 2.73 26.08
C LEU C 139 -13.21 2.95 27.56
N VAL C 140 -12.63 1.93 28.20
CA VAL C 140 -12.19 2.00 29.58
C VAL C 140 -10.70 1.68 29.60
N HIS C 141 -9.90 2.58 30.20
CA HIS C 141 -8.43 2.50 30.29
C HIS C 141 -8.07 2.15 31.74
N ASN C 142 -7.76 0.88 32.01
CA ASN C 142 -7.19 0.53 33.29
C ASN C 142 -5.72 1.01 33.31
N VAL C 143 -5.08 0.86 34.46
CA VAL C 143 -3.68 1.28 34.73
C VAL C 143 -2.95 0.24 35.59
N PHE C 144 -1.61 0.14 35.37
CA PHE C 144 -0.73 -0.64 36.21
C PHE C 144 -0.34 0.23 37.42
N TYR C 145 -0.56 -0.29 38.63
CA TYR C 145 -0.39 0.49 39.88
C TYR C 145 1.04 0.36 40.40
N ASN C 146 1.89 -0.40 39.70
CA ASN C 146 3.34 -0.48 40.07
C ASN C 146 4.15 0.65 39.43
N ASN C 147 3.76 1.15 38.26
CA ASN C 147 4.56 2.11 37.49
C ASN C 147 3.71 3.18 36.79
N GLY C 148 2.37 3.05 36.81
CA GLY C 148 1.49 4.03 36.19
C GLY C 148 1.29 3.82 34.69
N ALA C 149 1.61 2.63 34.18
CA ALA C 149 1.66 2.40 32.76
C ALA C 149 0.30 1.89 32.26
N ASN C 150 0.00 2.20 31.00
CA ASN C 150 -1.00 1.49 30.15
C ASN C 150 -0.75 1.85 28.68
N ALA C 151 -1.63 1.36 27.79
CA ALA C 151 -1.54 1.64 26.39
C ALA C 151 -2.53 2.70 25.91
N GLN C 152 -2.97 3.54 26.85
CA GLN C 152 -3.88 4.64 26.56
C GLN C 152 -3.33 5.59 25.50
N LEU C 153 -2.00 5.70 25.29
CA LEU C 153 -1.53 6.59 24.23
C LEU C 153 -2.06 6.14 22.88
N HIS C 155 -4.63 3.84 22.47
CA HIS C 155 -6.08 3.58 22.46
C HIS C 155 -6.84 4.92 22.40
N GLY C 156 -6.30 5.93 23.10
CA GLY C 156 -6.79 7.33 23.10
C GLY C 156 -6.79 7.98 21.72
N ARG C 157 -5.78 7.70 20.89
CA ARG C 157 -5.72 8.17 19.52
C ARG C 157 -6.88 7.59 18.68
N ILE C 158 -7.29 6.36 18.96
CA ILE C 158 -8.41 5.75 18.23
C ILE C 158 -9.73 6.34 18.71
N ALA C 159 -9.83 6.55 20.01
CA ALA C 159 -11.00 7.16 20.65
C ALA C 159 -11.29 8.52 20.00
N ARG C 160 -10.25 9.34 19.79
CA ARG C 160 -10.44 10.72 19.32
C ARG C 160 -10.80 10.69 17.83
N HIS C 161 -10.23 9.73 17.08
CA HIS C 161 -10.49 9.54 15.70
C HIS C 161 -11.96 9.18 15.44
N TYR C 162 -12.54 8.35 16.31
CA TYR C 162 -13.94 7.87 16.12
C TYR C 162 -14.95 8.67 16.97
N ASN C 163 -14.48 9.64 17.76
CA ASN C 163 -15.29 10.44 18.71
C ASN C 163 -16.01 9.54 19.72
N LEU C 164 -15.30 8.59 20.33
CA LEU C 164 -15.86 7.67 21.29
C LEU C 164 -15.59 8.19 22.69
N PRO C 165 -16.58 8.08 23.60
CA PRO C 165 -16.34 8.34 25.01
C PRO C 165 -15.32 7.35 25.62
N ALA C 166 -14.46 7.87 26.49
CA ALA C 166 -13.39 7.09 27.10
C ALA C 166 -13.12 7.55 28.52
N VAL C 167 -12.94 6.61 29.42
CA VAL C 167 -12.69 6.90 30.84
C VAL C 167 -11.40 6.15 31.27
N SER C 168 -10.64 6.75 32.21
CA SER C 168 -9.23 6.34 32.54
C SER C 168 -9.05 6.19 34.05
N GLN C 170 -5.89 5.76 34.92
CA GLN C 170 -4.53 6.27 34.96
C GLN C 170 -4.52 7.71 35.50
N SER C 171 -5.63 8.44 35.29
CA SER C 171 -5.74 9.84 35.76
C SER C 171 -6.77 10.00 36.89
N THR C 172 -7.16 8.91 37.58
CA THR C 172 -8.09 9.00 38.72
C THR C 172 -7.59 8.21 39.94
N ILE C 173 -7.38 6.89 39.83
CA ILE C 173 -7.00 6.07 40.96
C ILE C 173 -5.47 6.10 41.14
N TYR C 174 -4.73 6.04 40.03
CA TYR C 174 -3.26 5.96 40.11
C TYR C 174 -2.72 7.19 40.85
N PRO C 175 -3.08 8.42 40.42
CA PRO C 175 -2.61 9.64 41.09
C PRO C 175 -2.67 9.58 42.63
N GLU C 176 -3.67 8.89 43.17
CA GLU C 176 -3.90 8.79 44.60
C GLU C 176 -2.95 7.75 45.20
N VAL C 177 -2.69 6.69 44.42
CA VAL C 177 -1.85 5.60 44.87
C VAL C 177 -0.40 6.10 45.03
N VAL C 178 0.02 6.89 44.04
CA VAL C 178 1.41 7.38 43.92
C VAL C 178 1.67 8.45 44.99
N ALA C 179 0.61 9.21 45.35
CA ALA C 179 0.73 10.24 46.39
C ALA C 179 0.63 9.59 47.77
N GLY C 180 0.24 8.31 47.82
CA GLY C 180 0.29 7.51 49.03
C GLY C 180 -0.97 7.61 49.89
N ARG C 181 -2.03 8.21 49.34
CA ARG C 181 -3.37 8.30 49.99
C ARG C 181 -4.09 6.94 49.91
N ILE C 182 -3.86 6.17 48.83
CA ILE C 182 -4.31 4.77 48.79
C ILE C 182 -3.08 3.84 48.76
N GLU C 183 -2.92 2.98 49.77
CA GLU C 183 -1.89 1.91 49.73
C GLU C 183 -2.32 0.91 48.65
N ASN C 184 -1.36 0.37 47.89
CA ASN C 184 -1.66 -0.52 46.78
C ASN C 184 -2.48 -1.72 47.25
N ARG C 185 -2.17 -2.23 48.43
CA ARG C 185 -2.65 -3.52 48.82
C ARG C 185 -4.09 -3.38 49.31
N GLU C 186 -4.58 -2.15 49.39
CA GLU C 186 -5.97 -1.85 49.76
C GLU C 186 -6.90 -2.18 48.59
N ILE C 187 -6.39 -1.99 47.37
CA ILE C 187 -7.22 -2.10 46.15
C ILE C 187 -6.71 -3.17 45.18
N THR C 188 -5.48 -3.69 45.34
CA THR C 188 -4.93 -4.73 44.40
C THR C 188 -3.85 -5.55 45.10
N PRO C 189 -3.94 -6.89 45.09
CA PRO C 189 -2.90 -7.74 45.67
C PRO C 189 -1.61 -7.82 44.83
N ASP C 190 -1.63 -7.35 43.58
CA ASP C 190 -0.53 -7.64 42.65
C ASP C 190 -0.23 -6.47 41.72
N ASP C 191 -0.81 -5.30 42.00
CA ASP C 191 -0.61 -4.04 41.27
C ASP C 191 -1.24 -4.04 39.86
N LEU C 192 -2.01 -5.08 39.50
CA LEU C 192 -2.74 -5.09 38.21
C LEU C 192 -4.23 -5.40 38.43
N HIS C 193 -4.53 -6.53 39.06
CA HIS C 193 -5.92 -7.00 39.21
C HIS C 193 -6.53 -6.45 40.49
N PRO C 194 -7.62 -5.65 40.41
CA PRO C 194 -8.25 -5.11 41.62
C PRO C 194 -8.89 -6.21 42.47
N ASN C 195 -8.93 -5.96 43.78
CA ASN C 195 -9.76 -6.75 44.70
C ASN C 195 -11.16 -6.13 44.72
N ASP C 196 -12.03 -6.56 45.65
CA ASP C 196 -13.43 -6.03 45.74
C ASP C 196 -13.43 -4.50 45.83
N ALA C 197 -12.59 -3.96 46.70
CA ALA C 197 -12.54 -2.52 46.87
C ALA C 197 -12.08 -1.80 45.60
N GLY C 198 -11.09 -2.35 44.88
CA GLY C 198 -10.61 -1.73 43.65
C GLY C 198 -11.62 -1.81 42.51
N HIS C 199 -12.33 -2.93 42.43
CA HIS C 199 -13.37 -3.10 41.40
C HIS C 199 -14.48 -2.06 41.64
N ALA C 200 -14.79 -1.83 42.92
CA ALA C 200 -15.83 -0.88 43.25
C ALA C 200 -15.39 0.51 42.83
N LEU C 201 -14.11 0.85 43.07
CA LEU C 201 -13.59 2.13 42.64
C LEU C 201 -13.58 2.28 41.11
N VAL C 202 -13.17 1.23 40.38
CA VAL C 202 -13.15 1.36 38.92
C VAL C 202 -14.57 1.64 38.40
N ALA C 203 -15.54 0.88 38.92
CA ALA C 203 -16.93 1.07 38.51
C ALA C 203 -17.39 2.49 38.86
N SER C 204 -17.02 2.99 40.05
CA SER C 204 -17.42 4.37 40.44
C SER C 204 -16.93 5.40 39.42
N VAL C 205 -15.77 5.18 38.78
CA VAL C 205 -15.25 6.13 37.82
C VAL C 205 -16.07 6.11 36.52
N ILE C 206 -16.45 4.92 36.07
CA ILE C 206 -17.28 4.74 34.90
C ILE C 206 -18.68 5.36 35.16
N THR C 207 -19.27 5.01 36.28
CA THR C 207 -20.69 5.36 36.56
C THR C 207 -20.79 6.84 36.89
N TYR C 208 -19.69 7.45 37.34
CA TYR C 208 -19.67 8.89 37.44
C TYR C 208 -19.92 9.52 36.07
N PHE C 209 -19.28 8.98 35.04
CA PHE C 209 -19.45 9.46 33.74
C PHE C 209 -20.86 9.14 33.22
N LEU C 210 -21.37 7.93 33.47
CA LEU C 210 -22.68 7.60 32.88
C LEU C 210 -23.78 8.48 33.51
N ASP C 211 -23.67 8.74 34.82
CA ASP C 211 -24.57 9.69 35.54
C ASP C 211 -24.52 11.07 34.93
N LYS C 212 -23.32 11.56 34.61
CA LYS C 212 -23.20 12.85 33.98
C LYS C 212 -23.92 12.81 32.62
N VAL C 213 -23.83 11.69 31.89
CA VAL C 213 -24.41 11.63 30.55
C VAL C 213 -25.94 11.68 30.66
N LYS C 214 -26.47 10.97 31.63
CA LYS C 214 -27.91 10.85 31.82
C LYS C 214 -28.56 12.24 31.99
N THR C 215 -27.86 13.16 32.67
CA THR C 215 -28.43 14.42 33.16
C THR C 215 -28.20 15.56 32.17
N GLU C 216 -27.54 15.30 31.03
CA GLU C 216 -27.39 16.31 29.97
C GLU C 216 -28.55 16.21 28.99
N ASP C 217 -28.74 17.27 28.19
CA ASP C 217 -29.83 17.36 27.20
C ASP C 217 -29.51 16.48 25.99
N ALA C 218 -30.50 15.65 25.59
CA ALA C 218 -30.42 14.82 24.38
C ALA C 218 -30.53 15.71 23.13
N THR C 219 -29.54 16.60 22.98
CA THR C 219 -29.51 17.68 21.98
C THR C 219 -28.94 17.18 20.64
N GLU C 220 -27.98 16.24 20.68
CA GLU C 220 -27.34 15.71 19.47
C GLU C 220 -28.36 14.87 18.71
N GLN C 221 -28.51 15.11 17.41
CA GLN C 221 -29.53 14.44 16.65
C GLN C 221 -28.93 13.36 15.72
N SER C 222 -27.59 13.23 15.74
CA SER C 222 -26.87 12.37 14.81
C SER C 222 -25.44 12.16 15.33
N GLU C 223 -24.69 11.27 14.68
CA GLU C 223 -23.30 10.99 15.08
C GLU C 223 -22.39 11.49 13.97
N PRO C 224 -21.08 11.72 14.22
CA PRO C 224 -20.23 12.36 13.22
C PRO C 224 -20.11 11.40 12.03
N ASP C 225 -19.65 11.94 10.90
CA ASP C 225 -19.31 11.16 9.74
C ASP C 225 -18.32 10.08 10.19
N TYR C 226 -18.50 8.88 9.64
CA TYR C 226 -17.67 7.74 10.04
C TYR C 226 -16.37 7.86 9.27
N PRO C 227 -15.21 8.01 9.95
CA PRO C 227 -13.98 8.30 9.24
C PRO C 227 -13.30 7.10 8.57
N ALA C 228 -12.45 7.43 7.59
CA ALA C 228 -11.46 6.51 7.04
C ALA C 228 -10.52 6.10 8.18
N PRO C 229 -9.94 4.88 8.15
CA PRO C 229 -9.07 4.45 9.24
C PRO C 229 -7.80 5.32 9.34
N LEU C 230 -7.33 5.48 10.58
CA LEU C 230 -6.06 6.12 10.92
C LEU C 230 -4.87 5.21 10.56
N THR C 231 -4.97 3.88 10.78
CA THR C 231 -3.89 2.94 10.45
C THR C 231 -4.15 2.20 9.15
N LYS C 232 -3.28 1.27 8.79
CA LYS C 232 -3.52 0.43 7.63
C LYS C 232 -4.75 -0.48 7.86
N ASN C 233 -5.12 -0.63 9.13
CA ASN C 233 -6.36 -1.28 9.56
C ASN C 233 -6.49 -2.70 8.99
N THR C 234 -5.44 -3.53 9.04
CA THR C 234 -5.43 -4.81 8.35
C THR C 234 -5.89 -5.96 9.28
N TYR C 235 -6.53 -5.64 10.41
CA TYR C 235 -7.06 -6.64 11.34
C TYR C 235 -8.59 -6.58 11.42
N GLU C 236 -9.25 -5.62 10.75
CA GLU C 236 -10.69 -5.47 10.94
C GLU C 236 -11.43 -6.75 10.50
N LYS C 237 -10.99 -7.41 9.44
CA LYS C 237 -11.41 -8.75 9.12
C LYS C 237 -10.40 -9.72 9.73
N SER C 238 -10.74 -10.35 10.86
CA SER C 238 -9.82 -11.32 11.50
C SER C 238 -10.58 -12.63 11.67
N ILE C 239 -10.15 -13.70 11.01
CA ILE C 239 -10.90 -14.96 10.98
C ILE C 239 -10.08 -16.03 11.71
N ARG C 240 -10.65 -16.60 12.77
CA ARG C 240 -10.04 -17.72 13.52
C ARG C 240 -10.27 -19.03 12.78
N HIS C 241 -9.21 -19.81 12.57
CA HIS C 241 -9.36 -21.18 12.07
C HIS C 241 -9.14 -22.16 13.22
N GLN C 242 -10.18 -22.93 13.52
CA GLN C 242 -10.17 -23.92 14.62
C GLN C 242 -10.63 -25.26 14.02
N ASN C 243 -10.99 -26.25 14.86
CA ASN C 243 -10.94 -27.68 14.44
C ASN C 243 -12.19 -28.07 13.62
N SER C 244 -13.09 -27.13 13.39
CA SER C 244 -14.26 -27.30 12.51
C SER C 244 -13.95 -26.85 11.08
N ASP C 245 -12.81 -26.19 10.89
CA ASP C 245 -12.39 -25.66 9.60
C ASP C 245 -12.16 -26.82 8.63
N GLU C 246 -12.70 -26.69 7.41
CA GLU C 246 -12.21 -27.55 6.32
C GLU C 246 -10.86 -26.97 5.86
N ASN C 247 -10.15 -27.72 5.05
CA ASN C 247 -8.86 -27.31 4.53
C ASN C 247 -7.76 -27.68 5.53
N VAL C 248 -8.12 -28.21 6.71
CA VAL C 248 -7.14 -28.61 7.72
C VAL C 248 -6.77 -30.08 7.49
N VAL C 249 -5.47 -30.40 7.42
CA VAL C 249 -5.03 -31.77 7.35
C VAL C 249 -4.14 -32.05 8.56
N CYS C 250 -4.53 -33.04 9.39
CA CYS C 250 -3.72 -33.47 10.51
C CYS C 250 -2.79 -34.63 10.15
N HIS C 251 -1.56 -34.57 10.69
CA HIS C 251 -0.54 -35.64 10.67
C HIS C 251 0.08 -35.83 12.06
N GLY C 252 -0.72 -36.25 13.04
CA GLY C 252 -0.23 -36.39 14.39
C GLY C 252 -0.95 -35.53 15.40
N PHE C 253 -1.25 -34.26 15.04
CA PHE C 253 -2.19 -33.47 15.85
C PHE C 253 -3.57 -34.14 15.78
N VAL C 254 -4.33 -34.04 16.88
CA VAL C 254 -5.67 -34.61 16.98
C VAL C 254 -6.61 -33.50 17.47
N ALA C 255 -7.76 -33.35 16.80
CA ALA C 255 -8.80 -32.39 17.21
C ALA C 255 -9.29 -32.71 18.63
N ASP C 256 -9.41 -31.68 19.47
CA ASP C 256 -9.99 -31.73 20.81
C ASP C 256 -11.51 -31.61 20.71
N THR C 257 -12.24 -32.70 21.03
CA THR C 257 -13.67 -32.69 20.88
C THR C 257 -14.38 -32.39 22.22
N SER C 258 -13.63 -32.05 23.27
CA SER C 258 -14.26 -31.84 24.52
C SER C 258 -15.10 -30.55 24.50
N ALA C 259 -16.13 -30.51 25.37
CA ALA C 259 -17.02 -29.37 25.44
C ALA C 259 -16.33 -28.20 26.18
N GLN C 260 -16.58 -26.99 25.68
CA GLN C 260 -16.13 -25.75 26.27
C GLN C 260 -17.23 -25.25 27.23
N ARG C 261 -16.87 -25.00 28.49
CA ARG C 261 -17.82 -24.62 29.55
C ARG C 261 -18.23 -23.16 29.34
N ASP C 262 -17.26 -22.28 29.06
CA ASP C 262 -17.50 -20.87 28.75
C ASP C 262 -16.24 -20.35 28.07
N ILE C 263 -16.26 -19.11 27.55
CA ILE C 263 -15.10 -18.59 26.75
C ILE C 263 -13.81 -18.51 27.61
N THR C 264 -13.88 -18.47 28.96
CA THR C 264 -12.67 -18.50 29.82
C THR C 264 -11.97 -19.89 29.86
N ASP C 265 -12.69 -20.93 29.46
CA ASP C 265 -12.16 -22.27 29.25
C ASP C 265 -11.52 -22.27 27.85
N CYS C 266 -10.37 -21.60 27.75
CA CYS C 266 -9.91 -21.10 26.44
C CYS C 266 -9.05 -22.09 25.66
N PHE C 267 -8.63 -23.20 26.28
CA PHE C 267 -7.92 -24.25 25.53
C PHE C 267 -8.93 -25.31 25.11
N LYS C 268 -9.75 -24.92 24.12
CA LYS C 268 -10.76 -25.76 23.58
C LYS C 268 -10.91 -25.45 22.10
N HIS C 269 -11.54 -26.36 21.37
CA HIS C 269 -11.85 -26.21 19.95
C HIS C 269 -10.59 -26.24 19.08
N GLY C 270 -9.44 -26.64 19.68
CA GLY C 270 -8.17 -26.73 18.95
C GLY C 270 -7.71 -28.15 18.74
N TRP C 271 -6.40 -28.34 18.77
CA TRP C 271 -5.74 -29.60 18.50
C TRP C 271 -4.60 -29.81 19.49
N THR C 272 -4.36 -31.08 19.88
CA THR C 272 -3.24 -31.46 20.73
C THR C 272 -2.26 -32.39 19.97
N ALA C 273 -1.02 -32.37 20.43
CA ALA C 273 0.08 -33.28 20.02
C ALA C 273 1.08 -33.47 21.17
N SER C 274 1.66 -34.67 21.25
CA SER C 274 2.63 -35.07 22.28
C SER C 274 3.95 -35.62 21.70
N LYS C 275 4.01 -35.88 20.40
CA LYS C 275 5.11 -36.63 19.77
C LYS C 275 5.86 -35.74 18.80
N LYS C 276 7.18 -35.82 18.88
CA LYS C 276 8.04 -35.14 17.97
C LYS C 276 7.63 -35.47 16.52
N GLY C 277 7.56 -34.42 15.69
CA GLY C 277 7.18 -34.54 14.29
C GLY C 277 5.67 -34.54 14.02
N ASP C 278 4.83 -34.60 15.07
CA ASP C 278 3.38 -34.42 14.88
C ASP C 278 3.18 -33.06 14.18
N SER C 279 2.29 -32.98 13.21
CA SER C 279 2.08 -31.73 12.45
C SER C 279 0.62 -31.58 12.02
N ILE C 280 0.32 -30.36 11.54
CA ILE C 280 -0.99 -29.98 11.07
C ILE C 280 -0.78 -28.89 10.01
N THR C 281 -1.59 -28.91 8.96
CA THR C 281 -1.52 -27.89 7.91
C THR C 281 -2.90 -27.25 7.76
N LEU C 282 -2.91 -25.92 7.61
CA LEU C 282 -4.13 -25.13 7.50
C LEU C 282 -3.93 -24.22 6.31
N ASP C 283 -5.01 -23.98 5.59
CA ASP C 283 -5.12 -22.90 4.61
C ASP C 283 -5.73 -21.66 5.27
N VAL C 284 -4.96 -20.57 5.32
CA VAL C 284 -5.36 -19.35 6.00
C VAL C 284 -5.22 -18.13 5.07
N GLU C 285 -6.35 -17.49 4.78
CA GLU C 285 -6.45 -16.25 3.95
C GLU C 285 -6.19 -15.00 4.79
N GLY C 286 -5.35 -14.11 4.23
CA GLY C 286 -5.13 -12.82 4.77
C GLY C 286 -3.79 -12.26 4.41
N CYS C 287 -3.52 -11.00 4.79
CA CYS C 287 -2.16 -10.46 4.68
C CYS C 287 -1.39 -10.63 6.00
N ASN C 288 -2.11 -10.89 7.09
CA ASN C 288 -1.53 -11.15 8.42
C ASN C 288 -1.91 -12.55 8.90
N ILE C 289 -0.95 -13.25 9.52
CA ILE C 289 -1.17 -14.56 10.10
C ILE C 289 -0.70 -14.52 11.56
N SER C 290 -1.52 -14.97 12.53
CA SER C 290 -1.13 -15.09 13.93
C SER C 290 -1.55 -16.47 14.44
N VAL C 291 -0.90 -16.93 15.50
CA VAL C 291 -1.16 -18.30 16.03
C VAL C 291 -1.42 -18.19 17.54
N GLN C 292 -2.43 -18.92 18.02
CA GLN C 292 -2.78 -18.96 19.43
C GLN C 292 -2.48 -20.37 19.97
N TYR C 293 -1.74 -20.45 21.08
CA TYR C 293 -1.36 -21.76 21.63
C TYR C 293 -1.15 -21.59 23.14
N ARG C 294 -1.14 -22.71 23.87
CA ARG C 294 -0.95 -22.66 25.29
C ARG C 294 0.54 -22.47 25.62
N LYS C 295 0.82 -21.54 26.55
CA LYS C 295 2.08 -21.51 27.28
C LYS C 295 1.74 -22.04 28.67
N SER C 296 2.35 -23.18 29.00
CA SER C 296 2.05 -23.98 30.20
C SER C 296 2.89 -23.56 31.41
N VAL C 297 2.26 -23.44 32.57
CA VAL C 297 3.00 -23.25 33.84
C VAL C 297 3.36 -24.60 34.44
N LYS C 298 2.73 -25.65 33.96
CA LYS C 298 3.18 -27.02 34.26
C LYS C 298 4.26 -27.39 33.25
N LEU C 299 5.47 -27.61 33.77
CA LEU C 299 6.65 -27.90 32.97
C LEU C 299 7.11 -29.33 33.25
N PRO C 300 7.78 -29.94 32.28
CA PRO C 300 8.08 -29.32 30.99
C PRO C 300 6.95 -29.62 29.98
N ALA C 301 7.05 -28.97 28.82
CA ALA C 301 6.06 -29.07 27.76
C ALA C 301 6.77 -29.10 26.41
N PRO C 302 6.12 -29.52 25.31
CA PRO C 302 6.78 -29.51 24.01
C PRO C 302 7.08 -28.12 23.42
N VAL C 303 7.93 -28.12 22.39
CA VAL C 303 8.24 -26.95 21.60
C VAL C 303 7.77 -27.27 20.19
N ALA C 304 7.11 -26.31 19.55
CA ALA C 304 6.72 -26.50 18.16
C ALA C 304 7.35 -25.38 17.32
N GLU C 305 7.18 -25.47 16.02
CA GLU C 305 7.49 -24.39 15.09
C GLU C 305 6.31 -24.24 14.13
N ILE C 306 6.12 -23.02 13.63
CA ILE C 306 5.13 -22.66 12.62
C ILE C 306 5.88 -22.11 11.39
N ILE C 307 5.44 -22.62 10.24
CA ILE C 307 6.00 -22.39 8.87
C ILE C 307 4.87 -21.88 7.97
N VAL C 308 5.14 -20.76 7.29
CA VAL C 308 4.18 -20.13 6.41
C VAL C 308 4.71 -20.27 4.99
N ASP C 309 3.85 -20.74 4.10
CA ASP C 309 4.12 -20.86 2.68
C ASP C 309 5.39 -21.70 2.43
N GLY C 310 5.64 -22.70 3.29
CA GLY C 310 6.76 -23.69 3.09
C GLY C 310 8.13 -23.14 3.40
N ASP C 311 8.21 -21.93 3.95
CA ASP C 311 9.49 -21.31 4.23
C ASP C 311 10.03 -21.78 5.58
N ALA C 312 10.45 -23.07 5.68
CA ALA C 312 10.91 -23.65 6.93
C ALA C 312 12.23 -23.04 7.46
N GLU C 313 13.06 -22.48 6.59
CA GLU C 313 14.32 -21.83 7.01
C GLU C 313 14.03 -20.64 7.92
N HIS C 314 12.80 -20.08 7.84
CA HIS C 314 12.41 -18.90 8.65
C HIS C 314 11.20 -19.23 9.57
N ALA C 315 11.06 -20.51 9.95
CA ALA C 315 10.04 -20.96 10.89
C ALA C 315 10.14 -20.18 12.20
N VAL C 316 9.00 -20.02 12.89
CA VAL C 316 8.98 -19.36 14.17
C VAL C 316 8.82 -20.42 15.27
N ARG C 317 9.60 -20.28 16.34
CA ARG C 317 9.53 -21.16 17.53
C ARG C 317 8.31 -20.83 18.43
N LEU C 318 7.51 -21.84 18.73
CA LEU C 318 6.36 -21.75 19.65
C LEU C 318 6.70 -22.66 20.84
N ASP C 319 7.24 -22.03 21.86
CA ASP C 319 7.65 -22.75 23.08
C ASP C 319 6.52 -22.78 24.13
N ALA C 320 5.98 -23.97 24.43
CA ALA C 320 4.88 -24.11 25.44
C ALA C 320 5.40 -24.05 26.88
N ASN C 321 6.72 -23.95 27.10
CA ASN C 321 7.31 -23.83 28.42
C ASN C 321 7.27 -22.36 28.84
N PHE C 322 6.27 -22.00 29.66
CA PHE C 322 6.10 -20.62 30.01
C PHE C 322 7.23 -20.23 30.96
N ASP C 323 7.77 -19.01 30.79
CA ASP C 323 8.80 -18.44 31.67
C ASP C 323 8.20 -17.58 32.80
N GLU C 324 6.88 -17.35 32.83
CA GLU C 324 6.19 -16.65 33.96
C GLU C 324 5.42 -17.71 34.76
N THR C 325 4.95 -17.33 35.96
CA THR C 325 4.58 -18.31 37.00
C THR C 325 3.13 -18.12 37.52
N TRP C 326 2.44 -17.07 37.03
CA TRP C 326 1.11 -16.72 37.53
C TRP C 326 0.04 -17.70 37.04
N GLY C 327 0.27 -18.37 35.91
CA GLY C 327 -0.70 -19.36 35.39
C GLY C 327 -0.49 -19.60 33.92
N ASP C 328 -1.27 -20.49 33.31
CA ASP C 328 -1.15 -20.75 31.89
C ASP C 328 -1.53 -19.49 31.12
N LYS C 329 -0.92 -19.30 29.94
CA LYS C 329 -1.23 -18.14 29.12
C LYS C 329 -1.76 -18.62 27.76
N LEU C 330 -2.81 -17.96 27.29
CA LEU C 330 -3.28 -18.15 25.91
C LEU C 330 -2.47 -17.19 25.01
N GLU C 331 -1.30 -17.66 24.54
CA GLU C 331 -0.39 -16.82 23.79
C GLU C 331 -0.93 -16.57 22.38
N LEU C 332 -0.72 -15.37 21.84
CA LEU C 332 -1.04 -15.06 20.45
C LEU C 332 0.19 -14.38 19.85
N ASP C 333 0.85 -15.08 18.92
CA ASP C 333 2.07 -14.55 18.27
C ASP C 333 1.74 -14.17 16.83
N THR C 334 2.17 -12.97 16.42
CA THR C 334 2.00 -12.55 15.04
C THR C 334 3.20 -13.05 14.24
N ILE C 335 2.91 -13.82 13.19
CA ILE C 335 3.92 -14.58 12.43
C ILE C 335 4.20 -13.86 11.11
N LEU C 336 3.15 -13.40 10.43
CA LEU C 336 3.26 -12.62 9.17
C LEU C 336 2.44 -11.33 9.37
N GLU C 337 3.00 -10.17 9.05
CA GLU C 337 2.26 -8.93 9.15
C GLU C 337 2.50 -8.10 7.87
N HIS C 338 1.40 -7.61 7.29
CA HIS C 338 1.38 -6.82 6.05
C HIS C 338 2.12 -7.54 4.91
N GLY C 339 1.87 -8.83 4.73
CA GLY C 339 2.34 -9.57 3.60
C GLY C 339 1.37 -9.44 2.46
N GLU C 340 1.44 -10.38 1.52
CA GLU C 340 0.46 -10.45 0.46
C GLU C 340 -0.84 -11.06 1.00
N ASN C 341 -1.96 -10.46 0.57
CA ASN C 341 -3.29 -10.95 0.87
C ASN C 341 -3.67 -12.07 -0.10
N LYS C 342 -3.63 -13.33 0.38
CA LYS C 342 -3.87 -14.54 -0.39
C LYS C 342 -4.09 -15.66 0.63
N VAL C 343 -4.43 -16.84 0.14
CA VAL C 343 -4.55 -18.03 1.01
C VAL C 343 -3.14 -18.57 1.25
N HIS C 344 -2.67 -18.47 2.50
CA HIS C 344 -1.35 -18.97 2.87
C HIS C 344 -1.42 -20.40 3.40
N LYS C 345 -0.35 -21.17 3.16
CA LYS C 345 -0.22 -22.48 3.72
C LYS C 345 0.50 -22.29 5.06
N VAL C 346 -0.05 -22.91 6.10
CA VAL C 346 0.48 -22.80 7.44
C VAL C 346 0.61 -24.24 7.97
N GLU C 347 1.80 -24.59 8.46
CA GLU C 347 2.09 -25.87 9.11
C GLU C 347 2.64 -25.59 10.51
N VAL C 348 2.09 -26.30 11.48
CA VAL C 348 2.64 -26.32 12.83
C VAL C 348 3.16 -27.73 13.08
N ARG C 349 4.40 -27.86 13.59
CA ARG C 349 4.98 -29.16 13.93
C ARG C 349 5.78 -29.13 15.23
N LEU C 350 5.73 -30.26 15.95
CA LEU C 350 6.50 -30.39 17.17
C LEU C 350 7.95 -30.74 16.84
N THR C 351 8.86 -29.96 17.45
CA THR C 351 10.29 -30.04 17.24
C THR C 351 11.01 -30.61 18.48
N GLU C 352 10.43 -30.43 19.67
CA GLU C 352 11.05 -30.95 20.92
C GLU C 352 9.94 -31.50 21.82
N THR C 353 10.22 -32.63 22.45
CA THR C 353 9.38 -33.25 23.46
C THR C 353 10.27 -33.88 24.53
N HIS C 354 9.69 -34.15 25.69
CA HIS C 354 10.39 -34.63 26.87
C HIS C 354 9.60 -35.82 27.44
N GLU C 355 10.32 -36.81 28.00
CA GLU C 355 9.71 -38.04 28.53
C GLU C 355 8.67 -37.68 29.60
N ASN C 356 8.94 -36.63 30.37
CA ASN C 356 8.09 -36.19 31.50
C ASN C 356 7.27 -34.92 31.17
N ASP C 357 6.90 -34.72 29.90
CA ASP C 357 6.05 -33.57 29.54
C ASP C 357 4.77 -33.61 30.36
N ALA C 358 4.46 -32.49 31.03
CA ALA C 358 3.32 -32.35 31.92
C ALA C 358 1.98 -32.31 31.16
N VAL C 359 2.01 -31.77 29.94
CA VAL C 359 0.81 -31.60 29.13
C VAL C 359 1.21 -31.75 27.67
N PRO C 360 0.26 -32.01 26.76
CA PRO C 360 0.53 -31.94 25.33
C PRO C 360 0.69 -30.48 24.89
N PHE C 361 1.22 -30.30 23.68
CA PHE C 361 1.14 -28.99 23.01
C PHE C 361 -0.33 -28.74 22.67
N TYR C 362 -0.85 -27.55 22.96
CA TYR C 362 -2.23 -27.21 22.61
C TYR C 362 -2.27 -26.05 21.59
N LEU C 363 -2.58 -26.36 20.33
CA LEU C 363 -2.81 -25.33 19.29
C LEU C 363 -4.29 -24.89 19.31
N VAL C 364 -4.52 -23.61 19.67
CA VAL C 364 -5.94 -23.12 19.83
C VAL C 364 -6.53 -22.71 18.49
N SER C 365 -5.75 -21.94 17.72
CA SER C 365 -6.25 -21.37 16.44
C SER C 365 -5.08 -20.86 15.62
N VAL C 366 -5.34 -20.64 14.32
CA VAL C 366 -4.52 -19.75 13.48
C VAL C 366 -5.49 -18.67 12.96
N ILE C 367 -5.09 -17.42 13.07
CA ILE C 367 -5.95 -16.30 12.69
C ILE C 367 -5.40 -15.68 11.42
N GLY C 368 -6.28 -15.58 10.40
CA GLY C 368 -5.95 -14.80 9.17
C GLY C 368 -6.68 -13.48 9.17
N SER C 369 -5.95 -12.38 8.86
CA SER C 369 -6.57 -11.06 8.94
C SER C 369 -6.22 -10.25 7.69
N SER C 370 -7.12 -9.33 7.37
CA SER C 370 -6.88 -8.33 6.35
C SER C 370 -7.82 -7.14 6.59
N GLU C 371 -7.66 -6.09 5.76
CA GLU C 371 -8.50 -4.92 5.92
C GLU C 371 -9.90 -5.25 5.41
N LYS C 372 -10.83 -4.41 5.86
CA LYS C 372 -12.11 -4.15 5.22
C LYS C 372 -11.99 -2.72 4.66
N ALA C 373 -12.28 -2.55 3.37
CA ALA C 373 -12.20 -1.25 2.73
C ALA C 373 -13.17 -0.25 3.39
N HIS C 374 -12.74 1.02 3.49
CA HIS C 374 -13.49 2.06 4.20
C HIS C 374 -14.81 2.39 3.47
N TYR D 3 -1.14 23.36 23.19
CA TYR D 3 -0.93 22.59 24.46
C TYR D 3 -0.60 23.54 25.61
N GLN D 4 -1.11 23.22 26.81
CA GLN D 4 -0.74 23.95 28.01
C GLN D 4 -0.70 22.99 29.20
N ILE D 5 0.50 22.92 29.80
CA ILE D 5 0.81 22.08 30.95
C ILE D 5 0.11 22.63 32.20
N LYS D 6 -0.28 21.72 33.10
CA LYS D 6 -0.83 22.06 34.41
C LYS D 6 0.27 21.99 35.47
N TYR D 7 1.11 23.03 35.50
CA TYR D 7 2.37 23.07 36.27
C TYR D 7 2.18 22.72 37.74
N GLU D 8 1.00 23.03 38.30
CA GLU D 8 0.74 22.75 39.71
C GLU D 8 0.74 21.24 39.99
N ASN D 9 0.38 20.42 39.01
CA ASN D 9 0.30 18.96 39.22
C ASN D 9 1.70 18.35 39.30
N GLY D 10 2.71 19.08 38.82
CA GLY D 10 4.17 18.74 38.89
C GLY D 10 4.66 18.44 40.31
N ILE D 11 4.02 19.02 41.33
CA ILE D 11 4.48 18.87 42.68
C ILE D 11 3.99 17.54 43.24
N ALA D 12 4.88 16.53 43.30
CA ALA D 12 4.54 15.19 43.81
C ALA D 12 4.68 15.14 45.33
N ASN D 13 5.60 15.98 45.85
CA ASN D 13 5.77 16.22 47.28
C ASN D 13 6.23 17.68 47.43
N ARG D 14 5.79 18.33 48.52
CA ARG D 14 6.29 19.64 48.94
C ARG D 14 7.36 19.43 50.01
N GLY D 15 7.12 18.44 50.89
CA GLY D 15 8.04 18.04 51.94
C GLY D 15 8.31 19.15 52.96
N CYS D 16 9.60 19.38 53.25
CA CYS D 16 10.07 20.49 54.08
C CYS D 16 11.06 21.36 53.30
N LEU D 17 10.69 22.62 53.05
CA LEU D 17 11.45 23.50 52.14
C LEU D 17 12.56 24.30 52.85
N TYR D 18 13.07 23.81 53.99
CA TYR D 18 14.13 24.48 54.76
C TYR D 18 15.35 24.76 53.87
N ARG D 19 16.14 23.69 53.65
CA ARG D 19 17.48 23.76 53.11
C ARG D 19 17.46 24.52 51.78
N LEU D 20 16.37 24.34 51.00
CA LEU D 20 16.27 24.97 49.67
C LEU D 20 16.04 26.49 49.76
N LYS D 21 15.38 26.95 50.83
CA LYS D 21 15.16 28.38 51.08
C LYS D 21 16.47 28.99 51.56
N LYS D 22 17.02 28.37 52.63
CA LYS D 22 18.35 28.62 53.21
C LYS D 22 19.38 28.91 52.11
N VAL D 23 19.32 28.14 51.01
CA VAL D 23 20.28 28.24 49.91
C VAL D 23 19.96 29.47 49.05
N ASP D 25 18.63 32.10 50.19
CA ASP D 25 19.09 33.18 51.06
C ASP D 25 20.58 33.46 50.81
N ARG D 26 21.40 32.41 50.97
CA ARG D 26 22.85 32.50 50.83
C ARG D 26 23.18 33.04 49.43
N ALA D 27 22.28 32.84 48.46
CA ALA D 27 22.40 33.37 47.10
C ALA D 27 22.03 34.86 47.02
N LYS D 28 21.15 35.31 47.92
CA LYS D 28 20.89 36.76 48.12
C LYS D 28 22.13 37.38 48.78
N ALA D 29 22.52 36.80 49.94
CA ALA D 29 23.72 37.19 50.72
C ALA D 29 24.98 37.21 49.83
N GLY D 30 24.90 36.58 48.66
CA GLY D 30 25.81 36.76 47.52
C GLY D 30 26.85 35.64 47.41
N GLU D 31 26.69 34.59 48.23
CA GLU D 31 27.67 33.52 48.39
C GLU D 31 27.97 32.83 47.03
N ALA D 32 29.11 32.11 47.02
CA ALA D 32 29.47 31.20 45.95
C ALA D 32 28.85 29.84 46.29
N LEU D 33 28.13 29.26 45.30
CA LEU D 33 27.23 28.10 45.53
C LEU D 33 27.40 27.06 44.39
N ASN D 34 27.21 25.79 44.76
CA ASN D 34 27.43 24.64 43.84
C ASN D 34 26.14 23.84 43.56
N ILE D 35 25.77 23.84 42.28
CA ILE D 35 24.50 23.36 41.71
C ILE D 35 24.71 21.97 41.06
N ALA D 36 24.35 20.91 41.79
CA ALA D 36 24.64 19.49 41.42
C ALA D 36 23.42 18.83 40.75
N PHE D 37 23.66 17.66 40.13
CA PHE D 37 22.62 16.85 39.47
C PHE D 37 23.16 15.41 39.36
N LEU D 38 22.55 14.45 40.09
CA LEU D 38 22.91 13.00 40.08
C LEU D 38 21.79 12.14 39.44
N GLY D 39 21.98 11.70 38.18
CA GLY D 39 20.96 10.88 37.49
C GLY D 39 21.55 9.99 36.40
N GLY D 40 20.68 9.55 35.48
CA GLY D 40 21.02 8.80 34.26
C GLY D 40 21.21 9.71 33.07
N SER D 41 20.90 9.21 31.87
CA SER D 41 21.32 9.87 30.63
C SER D 41 20.56 11.19 30.39
N ILE D 42 19.33 11.29 30.94
CA ILE D 42 18.54 12.53 30.79
C ILE D 42 19.28 13.69 31.50
N THR D 43 19.79 13.41 32.70
CA THR D 43 20.66 14.35 33.48
C THR D 43 21.95 14.62 32.69
N GLN D 44 22.67 13.55 32.33
CA GLN D 44 23.86 13.72 31.55
C GLN D 44 23.57 14.68 30.38
N GLY D 45 22.43 14.51 29.68
CA GLY D 45 21.89 15.51 28.70
C GLY D 45 21.35 14.94 27.39
N SER D 46 21.22 13.61 27.26
CA SER D 46 20.65 12.99 26.04
C SER D 46 19.20 13.43 25.90
N LEU D 47 18.71 13.76 24.69
CA LEU D 47 19.43 13.99 23.46
C LEU D 47 19.33 15.46 23.00
N SER D 48 19.64 16.40 23.89
CA SER D 48 19.92 17.81 23.50
C SER D 48 21.00 17.90 22.41
N SER D 49 20.99 18.99 21.64
CA SER D 49 21.85 19.19 20.48
C SER D 49 23.19 19.79 20.90
N LYS D 50 23.20 20.47 22.06
CA LYS D 50 24.36 21.07 22.71
C LYS D 50 24.17 20.88 24.20
N PRO D 51 25.25 20.82 25.02
CA PRO D 51 25.14 20.55 26.46
C PRO D 51 24.47 21.62 27.32
N GLU D 52 24.37 22.84 26.80
CA GLU D 52 23.76 23.95 27.54
C GLU D 52 22.23 23.89 27.41
N LEU D 53 21.72 23.11 26.45
CA LEU D 53 20.28 22.99 26.14
C LEU D 53 19.63 21.82 26.88
N CYS D 54 20.42 21.04 27.63
N CYS D 54 20.42 21.06 27.66
CA CYS D 54 19.89 19.99 28.50
CA CYS D 54 19.92 19.98 28.52
C CYS D 54 19.14 20.63 29.68
C CYS D 54 19.24 20.58 29.76
N TYR D 55 18.26 19.86 30.31
CA TYR D 55 17.40 20.37 31.41
C TYR D 55 18.27 20.87 32.56
N ALA D 56 19.32 20.11 32.91
CA ALA D 56 20.14 20.41 34.06
C ALA D 56 20.79 21.80 33.94
N TYR D 57 21.19 22.19 32.71
CA TYR D 57 21.84 23.48 32.52
C TYR D 57 20.76 24.57 32.71
N HIS D 58 19.73 24.54 31.85
CA HIS D 58 18.56 25.43 31.97
C HIS D 58 18.29 25.78 33.44
N VAL D 59 18.34 24.78 34.34
CA VAL D 59 18.12 24.93 35.78
C VAL D 59 19.29 25.66 36.45
N TYR D 60 20.51 25.40 35.95
CA TYR D 60 21.70 26.14 36.35
C TYR D 60 21.49 27.61 35.95
N GLU D 61 21.25 27.84 34.65
CA GLU D 61 21.05 29.17 34.08
C GLU D 61 19.88 29.90 34.74
N TRP D 62 18.92 29.16 35.32
CA TRP D 62 17.89 29.76 36.13
C TRP D 62 18.56 30.46 37.32
N TRP D 63 19.26 29.71 38.17
CA TRP D 63 19.86 30.22 39.44
C TRP D 63 20.67 31.51 39.19
N LYS D 64 21.41 31.55 38.07
CA LYS D 64 22.29 32.66 37.69
C LYS D 64 21.50 33.94 37.39
N LYS D 65 20.31 33.79 36.82
CA LYS D 65 19.41 34.91 36.56
C LYS D 65 18.69 35.36 37.84
N THR D 66 18.39 34.39 38.71
CA THR D 66 17.57 34.58 39.92
C THR D 66 18.44 35.10 41.07
N PHE D 67 19.77 35.05 40.91
CA PHE D 67 20.71 35.66 41.85
C PHE D 67 22.02 35.97 41.12
N PRO D 68 22.04 36.97 40.21
CA PRO D 68 23.27 37.33 39.48
C PRO D 68 24.29 38.09 40.34
N GLN D 69 24.12 38.03 41.67
CA GLN D 69 25.07 38.54 42.66
C GLN D 69 25.62 37.38 43.49
N ALA D 70 25.49 36.16 42.95
CA ALA D 70 26.09 34.96 43.52
C ALA D 70 27.00 34.32 42.47
N ASP D 71 27.82 33.37 42.92
CA ASP D 71 28.70 32.61 42.02
C ASP D 71 28.32 31.13 42.11
N PHE D 72 27.87 30.58 40.97
CA PHE D 72 27.34 29.22 40.92
C PHE D 72 28.30 28.31 40.15
N THR D 73 28.62 27.14 40.75
CA THR D 73 29.28 26.02 40.01
C THR D 73 28.24 25.00 39.50
N TYR D 74 28.30 24.70 38.19
CA TYR D 74 27.57 23.57 37.53
C TYR D 74 28.34 22.25 37.66
N ILE D 75 27.76 21.28 38.37
CA ILE D 75 28.26 19.92 38.56
C ILE D 75 27.28 18.91 37.94
N ASN D 76 27.54 18.45 36.71
CA ASN D 76 26.66 17.44 36.09
C ASN D 76 27.28 16.04 36.26
N ALA D 77 26.81 15.29 37.26
CA ALA D 77 27.18 13.91 37.51
C ALA D 77 26.19 12.91 36.89
N GLY D 78 25.65 13.22 35.72
CA GLY D 78 24.83 12.29 34.93
C GLY D 78 25.70 11.20 34.31
N ILE D 79 25.28 9.93 34.42
CA ILE D 79 25.87 8.82 33.62
C ILE D 79 24.74 7.98 33.02
N GLY D 80 24.72 7.91 31.69
CA GLY D 80 23.69 7.21 30.89
C GLY D 80 23.55 5.74 31.25
N GLY D 81 22.29 5.25 31.25
CA GLY D 81 22.01 3.82 31.39
C GLY D 81 22.36 3.25 32.75
N THR D 82 22.30 4.06 33.82
CA THR D 82 22.66 3.62 35.16
C THR D 82 21.60 4.04 36.18
N THR D 83 21.59 3.33 37.31
CA THR D 83 20.52 3.35 38.30
C THR D 83 20.97 4.04 39.60
N SER D 84 20.07 3.99 40.60
CA SER D 84 20.33 4.40 41.99
C SER D 84 21.32 3.46 42.68
N GLN D 85 21.35 2.17 42.33
CA GLN D 85 22.32 1.22 42.86
C GLN D 85 23.76 1.69 42.55
N PHE D 86 24.02 2.19 41.35
CA PHE D 86 25.37 2.68 40.99
C PHE D 86 25.55 4.09 41.59
N GLY D 87 24.46 4.88 41.57
CA GLY D 87 24.41 6.22 42.21
C GLY D 87 24.92 6.23 43.64
N VAL D 88 24.48 5.27 44.46
CA VAL D 88 24.85 5.21 45.88
C VAL D 88 26.34 4.85 46.02
N ALA D 89 26.83 3.95 45.15
CA ALA D 89 28.21 3.47 45.25
C ALA D 89 29.22 4.50 44.72
N ARG D 90 28.79 5.45 43.87
CA ARG D 90 29.66 6.50 43.27
C ARG D 90 29.39 7.90 43.85
N ALA D 91 28.48 8.02 44.82
CA ALA D 91 28.07 9.35 45.36
C ALA D 91 29.30 10.16 45.85
N GLU D 92 30.05 9.54 46.76
CA GLU D 92 31.26 10.15 47.37
C GLU D 92 32.15 10.72 46.25
N ALA D 93 32.60 9.84 45.34
CA ALA D 93 33.51 10.16 44.24
C ALA D 93 32.95 11.26 43.31
N ASP D 94 31.74 11.07 42.75
CA ASP D 94 31.25 11.88 41.65
C ASP D 94 30.46 13.12 42.12
N LEU D 95 30.00 13.11 43.36
CA LEU D 95 29.06 14.15 43.82
C LEU D 95 29.56 14.86 45.10
N LEU D 96 29.65 14.12 46.20
CA LEU D 96 29.75 14.69 47.52
C LEU D 96 31.14 15.33 47.70
N SER D 97 32.13 14.75 47.01
CA SER D 97 33.50 15.27 47.02
C SER D 97 33.54 16.69 46.42
N LYS D 98 32.53 17.10 45.64
CA LYS D 98 32.49 18.43 44.99
C LYS D 98 31.68 19.46 45.82
N GLU D 99 31.27 19.05 47.01
CA GLU D 99 30.76 19.98 48.01
C GLU D 99 29.52 20.65 47.43
N PRO D 100 28.42 19.87 47.34
CA PRO D 100 27.22 20.31 46.65
C PRO D 100 26.37 21.15 47.62
N ASP D 101 25.82 22.26 47.14
CA ASP D 101 24.83 22.97 47.93
C ASP D 101 23.43 22.39 47.60
N PHE D 102 23.15 22.30 46.30
CA PHE D 102 21.87 21.83 45.75
C PHE D 102 22.09 20.56 44.89
N VAL D 103 21.33 19.50 45.20
CA VAL D 103 21.44 18.15 44.54
C VAL D 103 20.07 17.68 44.00
N ILE D 104 19.87 17.74 42.68
CA ILE D 104 18.72 17.04 42.03
C ILE D 104 19.09 15.57 41.78
N ILE D 105 18.15 14.67 42.13
CA ILE D 105 18.29 13.20 42.04
C ILE D 105 17.23 12.67 41.06
N GLU D 106 17.69 12.07 39.94
CA GLU D 106 16.88 11.83 38.73
C GLU D 106 17.22 10.43 38.16
N PHE D 107 16.54 9.41 38.72
CA PHE D 107 16.68 7.95 38.41
C PHE D 107 15.32 7.24 38.24
N SER D 108 14.23 7.99 38.16
CA SER D 108 12.90 7.37 38.17
C SER D 108 12.56 6.76 36.79
N VAL D 109 13.37 6.99 35.75
CA VAL D 109 13.22 6.21 34.48
C VAL D 109 14.51 5.41 34.20
N ASN D 110 15.26 5.13 35.25
CA ASN D 110 16.41 4.27 35.17
C ASN D 110 16.16 3.05 36.04
N ASP D 111 15.92 3.30 37.34
CA ASP D 111 15.48 2.29 38.28
C ASP D 111 14.19 1.67 37.73
N ASP D 112 13.94 0.39 38.05
CA ASP D 112 12.63 -0.27 37.88
C ASP D 112 11.82 -0.10 39.16
N SER D 113 10.48 -0.21 39.06
CA SER D 113 9.58 0.07 40.18
C SER D 113 9.40 -1.18 41.06
N THR D 114 10.45 -1.47 41.83
CA THR D 114 10.57 -2.69 42.61
C THR D 114 11.06 -2.39 44.03
N GLU D 115 10.75 -3.29 44.97
CA GLU D 115 11.26 -3.24 46.37
C GLU D 115 12.79 -3.05 46.37
N HIS D 116 13.47 -3.64 45.38
CA HIS D 116 14.93 -3.60 45.28
C HIS D 116 15.44 -2.17 45.06
N PHE D 117 14.87 -1.43 44.10
CA PHE D 117 15.35 -0.11 43.77
C PHE D 117 14.81 0.91 44.78
N GLU D 119 15.05 0.04 47.97
CA GLU D 119 16.11 -0.18 48.96
C GLU D 119 17.40 0.52 48.52
N THR D 120 17.83 0.37 47.27
CA THR D 120 19.02 1.11 46.75
C THR D 120 18.78 2.62 46.78
N TYR D 121 17.61 3.06 46.34
CA TYR D 121 17.34 4.47 46.20
C TYR D 121 17.32 5.15 47.58
N GLU D 122 16.88 4.39 48.58
CA GLU D 122 16.80 4.86 49.95
C GLU D 122 18.23 5.11 50.43
N GLY D 123 19.05 4.05 50.42
CA GLY D 123 20.47 4.11 50.78
C GLY D 123 21.15 5.35 50.22
N LEU D 124 20.87 5.64 48.94
CA LEU D 124 21.39 6.82 48.31
C LEU D 124 20.90 8.06 49.07
N VAL D 125 19.59 8.34 49.00
CA VAL D 125 19.00 9.56 49.57
C VAL D 125 19.55 9.83 50.99
N ARG D 126 19.67 8.78 51.80
CA ARG D 126 20.13 8.87 53.19
C ARG D 126 21.63 9.23 53.26
N LYS D 127 22.39 8.91 52.21
CA LYS D 127 23.83 9.21 52.17
C LYS D 127 24.02 10.67 51.77
N VAL D 128 23.24 11.12 50.78
CA VAL D 128 23.34 12.46 50.27
C VAL D 128 22.82 13.45 51.32
N TYR D 129 21.72 13.08 51.98
CA TYR D 129 20.95 13.99 52.82
C TYR D 129 21.77 14.36 54.05
N THR D 130 22.47 13.37 54.62
CA THR D 130 23.27 13.52 55.83
C THR D 130 24.73 13.92 55.51
N SER D 131 25.03 14.22 54.24
CA SER D 131 26.40 14.46 53.83
C SER D 131 26.90 15.81 54.40
N LYS D 132 28.19 15.85 54.75
CA LYS D 132 28.93 17.05 55.13
C LYS D 132 28.12 18.32 54.82
N THR D 133 27.95 18.70 53.54
CA THR D 133 27.43 20.04 53.17
C THR D 133 25.91 20.17 53.42
N LYS D 134 25.30 19.15 54.04
CA LYS D 134 23.81 19.07 54.26
C LYS D 134 23.10 19.82 53.13
N PRO D 135 23.16 19.29 51.89
CA PRO D 135 22.66 20.02 50.72
C PRO D 135 21.12 19.99 50.68
N ALA D 136 20.57 20.87 49.83
CA ALA D 136 19.14 20.88 49.44
C ALA D 136 18.90 19.83 48.35
N VAL D 137 18.11 18.81 48.68
CA VAL D 137 17.81 17.62 47.86
C VAL D 137 16.40 17.74 47.26
N LEU D 138 16.33 17.88 45.92
CA LEU D 138 15.09 17.84 45.12
C LEU D 138 15.07 16.58 44.25
N LEU D 139 14.03 15.74 44.40
CA LEU D 139 13.82 14.57 43.52
C LEU D 139 13.11 15.02 42.23
N VAL D 140 13.55 14.46 41.10
CA VAL D 140 12.92 14.73 39.83
C VAL D 140 12.56 13.38 39.22
N HIS D 141 11.25 13.20 38.95
CA HIS D 141 10.69 11.99 38.38
C HIS D 141 10.34 12.26 36.92
N ASN D 142 11.16 11.75 35.98
CA ASN D 142 10.91 11.81 34.55
C ASN D 142 9.89 10.69 34.23
N VAL D 143 9.57 10.49 32.95
CA VAL D 143 8.55 9.47 32.59
C VAL D 143 8.80 8.94 31.18
N PHE D 144 8.34 7.69 30.93
CA PHE D 144 8.31 7.14 29.64
C PHE D 144 7.05 7.66 28.93
N TYR D 145 7.24 8.25 27.76
CA TYR D 145 6.16 8.92 27.01
C TYR D 145 5.32 7.90 26.24
N ASN D 146 5.86 6.69 26.01
CA ASN D 146 5.21 5.65 25.17
C ASN D 146 4.02 5.02 25.94
N ASN D 147 4.09 4.97 27.27
CA ASN D 147 3.08 4.34 28.10
C ASN D 147 2.83 5.01 29.47
N GLY D 148 3.49 6.13 29.82
CA GLY D 148 3.29 6.82 31.14
C GLY D 148 4.03 6.28 32.36
N ALA D 149 4.95 5.31 32.19
CA ALA D 149 5.52 4.53 33.29
C ALA D 149 6.69 5.27 33.93
N ASN D 150 6.85 5.06 35.25
CA ASN D 150 8.11 5.31 35.98
C ASN D 150 8.18 4.54 37.32
N ALA D 151 9.26 4.81 38.06
CA ALA D 151 9.54 4.15 39.31
C ALA D 151 9.12 5.04 40.50
N GLN D 152 8.28 6.04 40.21
CA GLN D 152 7.86 7.02 41.21
C GLN D 152 7.06 6.35 42.35
N LEU D 153 6.35 5.24 42.10
CA LEU D 153 5.70 4.60 43.25
C LEU D 153 6.72 4.32 44.35
N HIS D 155 9.97 5.66 44.56
CA HIS D 155 10.79 6.82 44.87
C HIS D 155 9.99 7.77 45.78
N GLY D 156 8.73 8.02 45.39
CA GLY D 156 7.75 8.75 46.22
C GLY D 156 7.64 8.22 47.64
N ARG D 157 7.66 6.90 47.83
CA ARG D 157 7.55 6.33 49.16
C ARG D 157 8.76 6.73 50.02
N ILE D 158 9.91 6.93 49.34
CA ILE D 158 11.13 7.39 50.00
C ILE D 158 11.02 8.91 50.27
N ALA D 159 10.65 9.70 49.27
CA ALA D 159 10.48 11.17 49.41
C ALA D 159 9.61 11.56 50.61
N ARG D 160 8.57 10.76 50.89
CA ARG D 160 7.61 11.08 51.93
C ARG D 160 8.17 10.67 53.30
N HIS D 161 9.01 9.63 53.33
CA HIS D 161 9.61 9.16 54.57
C HIS D 161 10.64 10.17 55.08
N TYR D 162 11.20 10.99 54.17
CA TYR D 162 12.28 11.97 54.44
C TYR D 162 11.80 13.42 54.25
N ASN D 163 10.53 13.60 53.88
CA ASN D 163 9.90 14.92 53.69
C ASN D 163 10.71 15.78 52.72
N LEU D 164 11.15 15.19 51.60
CA LEU D 164 11.90 15.90 50.56
C LEU D 164 10.95 16.38 49.48
N PRO D 165 11.18 17.56 48.88
CA PRO D 165 10.42 18.00 47.72
C PRO D 165 10.71 17.09 46.52
N ALA D 166 9.69 16.80 45.69
CA ALA D 166 9.81 15.96 44.49
C ALA D 166 8.87 16.45 43.38
N VAL D 167 9.37 16.76 42.20
CA VAL D 167 8.53 17.10 41.04
C VAL D 167 8.49 15.91 40.07
N SER D 168 7.44 15.89 39.23
CA SER D 168 7.09 14.75 38.38
C SER D 168 6.69 15.23 36.99
N GLN D 170 5.39 12.92 35.21
CA GLN D 170 4.39 11.86 35.01
C GLN D 170 3.00 12.49 35.15
N SER D 171 2.90 13.42 36.11
CA SER D 171 1.68 14.18 36.39
C SER D 171 1.68 15.56 35.71
N THR D 172 2.46 15.79 34.63
CA THR D 172 2.57 17.14 33.97
C THR D 172 2.66 17.06 32.45
N ILE D 173 3.76 16.52 31.89
CA ILE D 173 3.97 16.52 30.45
C ILE D 173 3.21 15.34 29.81
N TYR D 174 3.22 14.18 30.47
CA TYR D 174 2.67 12.96 29.84
C TYR D 174 1.18 13.18 29.58
N PRO D 175 0.39 13.63 30.59
CA PRO D 175 -1.04 13.92 30.40
C PRO D 175 -1.33 14.71 29.11
N GLU D 176 -0.48 15.70 28.78
CA GLU D 176 -0.64 16.44 27.55
C GLU D 176 -0.33 15.57 26.32
N VAL D 177 0.55 14.58 26.48
CA VAL D 177 0.79 13.72 25.33
C VAL D 177 -0.37 12.72 25.15
N VAL D 178 -0.86 12.14 26.25
CA VAL D 178 -1.87 11.07 26.20
C VAL D 178 -3.22 11.68 25.77
N ALA D 179 -3.38 12.99 25.96
CA ALA D 179 -4.56 13.75 25.49
C ALA D 179 -4.44 14.21 24.03
N GLY D 180 -3.29 13.98 23.37
CA GLY D 180 -3.16 14.22 21.91
C GLY D 180 -2.85 15.67 21.55
N ARG D 181 -2.53 16.48 22.55
CA ARG D 181 -2.19 17.92 22.38
C ARG D 181 -0.69 18.09 22.06
N ILE D 182 0.15 17.16 22.52
CA ILE D 182 1.59 17.11 22.14
C ILE D 182 1.89 15.80 21.42
N GLU D 183 2.32 15.88 20.15
CA GLU D 183 2.81 14.72 19.44
C GLU D 183 4.15 14.33 20.09
N ASN D 184 4.33 13.04 20.35
CA ASN D 184 5.54 12.51 20.99
C ASN D 184 6.80 13.07 20.30
N ARG D 185 6.85 13.00 18.97
CA ARG D 185 8.06 13.26 18.20
C ARG D 185 8.39 14.76 18.19
N GLU D 186 7.50 15.59 18.77
CA GLU D 186 7.80 17.00 18.95
C GLU D 186 8.91 17.15 19.97
N ILE D 187 8.86 16.33 21.03
CA ILE D 187 9.67 16.54 22.22
C ILE D 187 10.61 15.36 22.53
N THR D 188 10.49 14.24 21.82
CA THR D 188 11.35 13.03 22.06
C THR D 188 11.39 12.13 20.82
N PRO D 189 12.59 11.79 20.30
CA PRO D 189 12.70 10.91 19.14
C PRO D 189 12.43 9.42 19.44
N ASP D 190 12.50 9.02 20.71
CA ASP D 190 12.51 7.60 21.14
C ASP D 190 11.66 7.36 22.39
N ASP D 191 10.97 8.38 22.92
CA ASP D 191 9.95 8.28 23.97
C ASP D 191 10.55 8.22 25.38
N LEU D 192 11.87 8.40 25.50
CA LEU D 192 12.50 8.42 26.78
C LEU D 192 13.42 9.64 26.91
N HIS D 193 14.27 9.84 25.90
CA HIS D 193 15.24 10.95 25.84
C HIS D 193 14.64 12.16 25.15
N PRO D 194 14.44 13.28 25.87
CA PRO D 194 13.97 14.53 25.27
C PRO D 194 14.91 15.10 24.20
N ASN D 195 14.34 15.79 23.21
CA ASN D 195 15.12 16.65 22.35
C ASN D 195 15.26 18.01 23.05
N ASP D 196 15.64 19.04 22.27
CA ASP D 196 15.84 20.39 22.81
C ASP D 196 14.51 20.90 23.38
N ALA D 197 13.49 20.91 22.52
CA ALA D 197 12.14 21.27 22.97
C ALA D 197 11.80 20.49 24.25
N GLY D 198 11.96 19.15 24.22
CA GLY D 198 11.66 18.35 25.42
C GLY D 198 12.45 18.76 26.67
N HIS D 199 13.75 19.06 26.53
CA HIS D 199 14.58 19.43 27.70
C HIS D 199 14.13 20.79 28.26
N ALA D 200 13.85 21.75 27.36
CA ALA D 200 13.29 23.08 27.79
C ALA D 200 12.01 22.85 28.62
N LEU D 201 11.16 21.94 28.14
CA LEU D 201 9.90 21.66 28.79
C LEU D 201 10.12 21.10 30.20
N VAL D 202 11.06 20.14 30.39
CA VAL D 202 11.29 19.52 31.71
C VAL D 202 11.87 20.55 32.68
N ALA D 203 12.74 21.39 32.11
CA ALA D 203 13.33 22.53 32.81
C ALA D 203 12.19 23.40 33.35
N SER D 204 11.31 23.80 32.43
CA SER D 204 10.14 24.67 32.75
C SER D 204 9.37 24.16 33.98
N VAL D 205 9.16 22.83 34.06
CA VAL D 205 8.42 22.25 35.18
C VAL D 205 9.19 22.32 36.50
N ILE D 206 10.52 22.14 36.47
CA ILE D 206 11.33 22.14 37.72
C ILE D 206 11.45 23.58 38.25
N THR D 207 11.68 24.54 37.35
CA THR D 207 11.90 25.92 37.75
C THR D 207 10.62 26.39 38.45
N TYR D 208 9.52 26.30 37.69
CA TYR D 208 8.20 26.59 38.17
C TYR D 208 8.14 26.32 39.68
N PHE D 209 8.64 25.16 40.11
CA PHE D 209 8.56 24.71 41.51
C PHE D 209 9.54 25.47 42.42
N LEU D 210 10.69 25.84 41.85
CA LEU D 210 11.72 26.65 42.54
C LEU D 210 11.22 28.09 42.64
N ASP D 211 10.91 28.69 41.48
CA ASP D 211 10.23 29.98 41.31
C ASP D 211 9.06 30.16 42.29
N LYS D 212 8.49 29.07 42.83
CA LYS D 212 7.43 29.13 43.86
C LYS D 212 8.02 29.22 45.27
N VAL D 213 9.06 28.42 45.55
CA VAL D 213 9.61 28.28 46.92
C VAL D 213 10.25 29.59 47.37
N LYS D 214 10.75 30.36 46.39
CA LYS D 214 11.45 31.66 46.55
C LYS D 214 10.57 32.67 47.30
N THR D 215 9.28 32.34 47.50
CA THR D 215 8.23 33.33 47.57
C THR D 215 7.22 33.00 48.67
N GLU D 216 7.66 32.38 49.77
CA GLU D 216 6.78 32.05 50.88
C GLU D 216 7.44 32.50 52.18
N SER D 222 13.22 24.80 61.87
CA SER D 222 14.22 23.76 61.62
C SER D 222 13.62 22.64 60.77
N GLU D 223 14.49 21.73 60.32
CA GLU D 223 14.09 20.58 59.49
C GLU D 223 13.40 19.54 60.37
N PRO D 224 12.59 18.63 59.78
CA PRO D 224 11.98 17.53 60.55
C PRO D 224 13.05 16.58 61.09
N ASP D 225 12.69 15.79 62.11
CA ASP D 225 13.57 14.74 62.65
C ASP D 225 13.93 13.76 61.54
N TYR D 226 15.18 13.27 61.55
CA TYR D 226 15.69 12.33 60.56
C TYR D 226 15.28 10.91 60.95
N PRO D 227 14.40 10.23 60.17
CA PRO D 227 13.81 8.96 60.59
C PRO D 227 14.65 7.69 60.39
N ALA D 228 14.29 6.64 61.13
CA ALA D 228 14.71 5.28 60.84
C ALA D 228 14.41 4.96 59.37
N PRO D 229 15.08 3.95 58.77
CA PRO D 229 14.88 3.64 57.36
C PRO D 229 13.61 2.80 57.16
N LEU D 230 12.99 2.97 55.99
CA LEU D 230 11.77 2.26 55.57
C LEU D 230 12.10 0.78 55.27
N THR D 231 13.11 0.55 54.43
CA THR D 231 13.54 -0.79 53.98
C THR D 231 14.66 -1.33 54.89
N LYS D 232 15.19 -2.51 54.58
CA LYS D 232 16.36 -3.08 55.27
C LYS D 232 17.57 -2.14 55.16
N ASN D 233 17.60 -1.35 54.07
CA ASN D 233 18.54 -0.27 53.79
C ASN D 233 19.99 -0.81 53.73
N THR D 234 20.18 -1.95 53.08
CA THR D 234 21.45 -2.64 53.08
C THR D 234 22.42 -2.11 51.99
N TYR D 235 22.11 -0.98 51.34
CA TYR D 235 22.99 -0.40 50.32
C TYR D 235 23.57 0.96 50.73
N GLU D 236 23.27 1.50 51.93
CA GLU D 236 23.68 2.91 52.23
C GLU D 236 25.22 3.05 52.23
N LYS D 237 25.89 2.03 52.78
CA LYS D 237 27.31 1.82 52.58
C LYS D 237 27.50 0.90 51.36
N SER D 238 27.90 1.51 50.24
CA SER D 238 28.27 0.77 48.99
C SER D 238 29.68 1.19 48.54
N ILE D 239 30.56 0.20 48.53
CA ILE D 239 31.99 0.35 48.25
C ILE D 239 32.33 -0.36 46.93
N ARG D 240 32.78 0.40 45.94
CA ARG D 240 33.29 -0.16 44.71
C ARG D 240 34.72 -0.66 44.96
N HIS D 241 35.00 -1.88 44.50
CA HIS D 241 36.35 -2.49 44.42
C HIS D 241 36.83 -2.44 42.97
N GLN D 242 37.87 -1.62 42.73
CA GLN D 242 38.43 -1.41 41.37
C GLN D 242 39.93 -1.73 41.39
N ASN D 243 40.67 -1.43 40.31
CA ASN D 243 41.98 -2.07 40.06
C ASN D 243 43.08 -1.46 40.94
N SER D 244 42.75 -0.48 41.78
CA SER D 244 43.68 0.03 42.79
C SER D 244 43.49 -0.68 44.15
N ASP D 245 42.52 -1.60 44.25
CA ASP D 245 42.25 -2.30 45.51
C ASP D 245 43.33 -3.36 45.76
N GLU D 246 43.83 -3.43 47.00
CA GLU D 246 44.69 -4.55 47.43
C GLU D 246 43.78 -5.73 47.79
N ASN D 247 44.34 -6.93 47.87
CA ASN D 247 43.58 -8.18 48.06
C ASN D 247 42.97 -8.66 46.73
N VAL D 248 43.23 -7.94 45.63
CA VAL D 248 42.82 -8.42 44.33
C VAL D 248 43.94 -9.28 43.74
N VAL D 249 43.60 -10.49 43.28
CA VAL D 249 44.56 -11.41 42.64
C VAL D 249 44.09 -11.73 41.21
N CYS D 250 44.93 -11.38 40.25
CA CYS D 250 44.70 -11.57 38.82
C CYS D 250 45.37 -12.85 38.35
N HIS D 251 44.62 -13.68 37.64
CA HIS D 251 45.12 -14.88 36.98
C HIS D 251 44.68 -14.83 35.52
N GLY D 252 45.14 -13.82 34.76
CA GLY D 252 44.78 -13.68 33.33
C GLY D 252 43.99 -12.40 33.02
N PHE D 253 43.22 -11.89 34.00
CA PHE D 253 42.67 -10.49 33.98
C PHE D 253 43.84 -9.53 34.24
N VAL D 254 43.83 -8.36 33.57
CA VAL D 254 44.86 -7.37 33.70
C VAL D 254 44.19 -6.00 33.91
N ALA D 255 44.72 -5.25 34.86
CA ALA D 255 44.27 -3.90 35.18
C ALA D 255 44.44 -2.99 33.96
N ASP D 256 43.41 -2.17 33.75
CA ASP D 256 43.37 -1.14 32.73
C ASP D 256 43.88 0.14 33.39
N THR D 257 45.07 0.60 32.97
CA THR D 257 45.71 1.76 33.60
C THR D 257 45.45 3.01 32.78
N SER D 258 44.63 2.93 31.71
CA SER D 258 44.39 4.08 30.81
C SER D 258 43.67 5.23 31.56
N ALA D 259 43.84 6.45 31.05
CA ALA D 259 43.24 7.65 31.64
C ALA D 259 41.73 7.62 31.36
N GLN D 260 40.96 7.91 32.41
CA GLN D 260 39.52 8.17 32.34
C GLN D 260 39.25 9.62 31.92
N ARG D 261 38.43 9.80 30.88
CA ARG D 261 38.23 11.14 30.27
C ARG D 261 37.40 11.98 31.25
N ASP D 262 36.35 11.38 31.84
CA ASP D 262 35.40 11.96 32.81
C ASP D 262 34.48 10.81 33.29
N ILE D 263 33.50 11.06 34.15
CA ILE D 263 32.77 9.90 34.75
C ILE D 263 31.89 9.15 33.72
N THR D 264 31.62 9.77 32.56
CA THR D 264 30.82 9.16 31.44
C THR D 264 31.66 8.14 30.67
N ASP D 265 32.98 8.17 30.89
CA ASP D 265 33.90 7.20 30.31
C ASP D 265 33.96 6.03 31.30
N CYS D 266 32.94 5.15 31.27
CA CYS D 266 32.69 4.32 32.44
C CYS D 266 33.49 3.00 32.42
N PHE D 267 34.01 2.61 31.25
CA PHE D 267 34.85 1.40 31.12
C PHE D 267 36.31 1.79 31.38
N LYS D 268 36.58 2.09 32.64
CA LYS D 268 37.87 2.57 33.12
C LYS D 268 38.01 2.07 34.55
N HIS D 269 39.28 1.95 34.99
CA HIS D 269 39.70 1.64 36.37
C HIS D 269 39.45 0.17 36.69
N GLY D 270 39.17 -0.63 35.67
CA GLY D 270 38.78 -2.03 35.86
C GLY D 270 39.86 -2.96 35.34
N TRP D 271 39.43 -4.10 34.82
CA TRP D 271 40.31 -5.17 34.29
C TRP D 271 39.68 -5.77 33.04
N THR D 272 40.49 -6.34 32.16
CA THR D 272 40.02 -6.93 30.92
C THR D 272 40.60 -8.33 30.77
N ALA D 273 39.89 -9.17 30.03
CA ALA D 273 40.31 -10.55 29.80
C ALA D 273 39.81 -11.02 28.44
N SER D 274 40.62 -11.84 27.73
CA SER D 274 40.32 -12.28 26.35
C SER D 274 40.31 -13.82 26.17
N LYS D 275 40.84 -14.55 27.15
CA LYS D 275 41.16 -15.99 26.97
C LYS D 275 40.40 -16.82 28.02
N LYS D 276 39.74 -17.88 27.54
CA LYS D 276 38.94 -18.75 28.37
C LYS D 276 39.77 -19.22 29.57
N GLY D 277 39.16 -19.18 30.75
CA GLY D 277 39.81 -19.57 31.99
C GLY D 277 40.55 -18.42 32.67
N ASP D 278 40.72 -17.27 32.00
CA ASP D 278 41.27 -16.08 32.68
C ASP D 278 40.40 -15.80 33.90
N SER D 279 41.01 -15.38 35.00
CA SER D 279 40.25 -15.22 36.24
C SER D 279 40.84 -14.12 37.11
N ILE D 280 40.08 -13.77 38.15
CA ILE D 280 40.45 -12.74 39.10
C ILE D 280 39.65 -13.05 40.36
N THR D 281 40.28 -12.85 41.53
CA THR D 281 39.66 -13.07 42.82
C THR D 281 39.75 -11.78 43.65
N LEU D 282 38.64 -11.44 44.32
CA LEU D 282 38.54 -10.24 45.14
C LEU D 282 38.02 -10.63 46.53
N ASP D 283 38.40 -9.84 47.52
CA ASP D 283 37.84 -9.86 48.88
C ASP D 283 36.88 -8.69 49.04
N VAL D 284 35.60 -8.99 49.20
CA VAL D 284 34.59 -7.96 49.20
C VAL D 284 33.72 -8.11 50.44
N GLU D 285 33.75 -7.10 51.30
CA GLU D 285 32.98 -7.04 52.54
C GLU D 285 31.59 -6.44 52.25
N GLY D 286 30.58 -7.03 52.88
CA GLY D 286 29.17 -6.58 52.89
C GLY D 286 28.23 -7.77 53.04
N CYS D 287 26.91 -7.52 53.06
CA CYS D 287 25.90 -8.61 53.00
C CYS D 287 25.34 -8.74 51.58
N ASN D 288 25.60 -7.74 50.74
CA ASN D 288 25.24 -7.74 49.32
C ASN D 288 26.52 -7.65 48.50
N ILE D 289 26.55 -8.35 47.36
CA ILE D 289 27.62 -8.27 46.37
C ILE D 289 26.98 -8.03 44.99
N SER D 290 27.46 -7.03 44.25
CA SER D 290 27.01 -6.84 42.89
C SER D 290 28.24 -6.64 41.98
N VAL D 291 28.06 -6.79 40.67
CA VAL D 291 29.18 -6.70 39.73
C VAL D 291 28.82 -5.78 38.56
N GLN D 292 29.78 -4.90 38.19
CA GLN D 292 29.61 -4.02 37.02
C GLN D 292 30.49 -4.55 35.87
N TYR D 293 29.94 -4.67 34.67
CA TYR D 293 30.68 -5.13 33.53
C TYR D 293 30.04 -4.61 32.24
N ARG D 294 30.79 -4.71 31.13
CA ARG D 294 30.33 -4.22 29.86
C ARG D 294 29.45 -5.27 29.16
N LYS D 295 28.32 -4.78 28.68
CA LYS D 295 27.54 -5.46 27.63
C LYS D 295 27.77 -4.67 26.34
N SER D 296 28.45 -5.32 25.39
CA SER D 296 28.98 -4.67 24.20
C SER D 296 28.02 -4.81 23.02
N VAL D 297 27.88 -3.75 22.23
CA VAL D 297 27.12 -3.79 20.99
C VAL D 297 28.06 -4.25 19.86
N LYS D 298 29.36 -4.19 20.11
CA LYS D 298 30.35 -4.77 19.22
C LYS D 298 30.46 -6.25 19.57
N LEU D 299 30.12 -7.10 18.60
CA LEU D 299 29.87 -8.52 18.79
C LEU D 299 30.81 -9.34 17.91
N PRO D 300 31.03 -10.60 18.27
CA PRO D 300 30.65 -11.14 19.57
C PRO D 300 31.71 -10.80 20.63
N ALA D 301 31.38 -11.10 21.89
CA ALA D 301 32.23 -10.84 23.05
C ALA D 301 32.21 -12.07 23.96
N PRO D 302 33.11 -12.12 24.97
CA PRO D 302 33.13 -13.23 25.90
C PRO D 302 31.92 -13.33 26.83
N VAL D 303 31.87 -14.48 27.51
CA VAL D 303 30.97 -14.78 28.59
C VAL D 303 31.83 -15.14 29.81
N ALA D 304 31.51 -14.55 30.96
CA ALA D 304 32.17 -14.88 32.19
C ALA D 304 31.16 -15.51 33.14
N GLU D 305 31.66 -15.99 34.29
CA GLU D 305 30.82 -16.35 35.43
C GLU D 305 31.40 -15.70 36.67
N ILE D 306 30.51 -15.38 37.62
CA ILE D 306 30.89 -14.87 38.92
C ILE D 306 30.45 -15.91 39.97
N ILE D 307 31.38 -16.18 40.90
CA ILE D 307 31.28 -17.21 41.95
C ILE D 307 31.58 -16.55 43.30
N VAL D 308 30.64 -16.66 44.24
CA VAL D 308 30.78 -16.06 45.55
C VAL D 308 31.00 -17.20 46.58
N ASP D 309 32.03 -17.00 47.43
CA ASP D 309 32.40 -17.86 48.58
C ASP D 309 32.74 -19.29 48.13
N GLY D 310 33.02 -19.47 46.83
CA GLY D 310 33.46 -20.75 46.28
C GLY D 310 32.31 -21.66 45.87
N ASP D 311 31.06 -21.19 45.99
CA ASP D 311 29.90 -21.99 45.62
C ASP D 311 29.77 -21.99 44.09
N ALA D 312 30.62 -22.75 43.42
CA ALA D 312 30.73 -22.74 41.94
C ALA D 312 29.53 -23.44 41.28
N GLU D 313 28.62 -23.99 42.09
CA GLU D 313 27.39 -24.63 41.60
C GLU D 313 26.37 -23.56 41.19
N HIS D 314 26.35 -22.43 41.91
CA HIS D 314 25.29 -21.41 41.73
C HIS D 314 25.88 -20.08 41.21
N ALA D 315 26.98 -20.20 40.45
CA ALA D 315 27.59 -19.13 39.71
C ALA D 315 26.55 -18.44 38.83
N VAL D 316 26.73 -17.15 38.61
CA VAL D 316 25.88 -16.39 37.73
C VAL D 316 26.67 -16.06 36.46
N ARG D 317 25.99 -16.24 35.32
CA ARG D 317 26.52 -15.98 33.99
C ARG D 317 26.49 -14.47 33.75
N LEU D 318 27.62 -13.93 33.28
CA LEU D 318 27.79 -12.51 32.87
C LEU D 318 28.14 -12.46 31.39
N ASP D 319 27.17 -12.12 30.55
CA ASP D 319 27.27 -12.22 29.09
C ASP D 319 27.50 -10.82 28.49
N ALA D 320 28.64 -10.61 27.84
CA ALA D 320 29.02 -9.32 27.31
C ALA D 320 28.39 -9.08 25.94
N ASN D 321 27.68 -10.10 25.40
CA ASN D 321 26.92 -10.01 24.17
C ASN D 321 25.59 -9.32 24.41
N PHE D 322 25.52 -8.02 24.13
CA PHE D 322 24.32 -7.23 24.36
C PHE D 322 23.31 -7.56 23.26
N ASP D 323 22.04 -7.70 23.66
CA ASP D 323 20.93 -8.06 22.75
C ASP D 323 20.16 -6.80 22.30
N GLU D 324 20.39 -5.64 22.94
CA GLU D 324 19.93 -4.32 22.44
C GLU D 324 21.07 -3.71 21.62
N THR D 325 20.77 -2.62 20.89
CA THR D 325 21.72 -2.08 19.91
C THR D 325 21.91 -0.57 20.04
N TRP D 326 21.32 0.05 21.07
CA TRP D 326 21.39 1.53 21.24
C TRP D 326 22.80 1.97 21.61
N GLY D 327 23.58 1.08 22.24
CA GLY D 327 25.00 1.32 22.57
C GLY D 327 25.44 0.42 23.72
N ASP D 328 26.69 0.56 24.14
CA ASP D 328 27.26 -0.28 25.18
C ASP D 328 26.54 0.02 26.50
N LYS D 329 26.33 -1.01 27.32
CA LYS D 329 25.69 -0.84 28.62
C LYS D 329 26.70 -1.16 29.72
N LEU D 330 26.77 -0.25 30.71
CA LEU D 330 27.42 -0.47 32.01
C LEU D 330 26.47 -1.26 32.91
N GLU D 331 26.50 -2.60 32.75
CA GLU D 331 25.61 -3.50 33.45
C GLU D 331 26.00 -3.60 34.92
N LEU D 332 25.00 -3.71 35.79
CA LEU D 332 25.20 -3.93 37.20
C LEU D 332 24.23 -5.03 37.65
N ASP D 333 24.75 -6.25 37.89
CA ASP D 333 23.94 -7.43 38.34
C ASP D 333 24.11 -7.63 39.86
N THR D 334 22.98 -7.77 40.58
CA THR D 334 23.01 -8.10 42.00
C THR D 334 23.17 -9.62 42.17
N ILE D 335 24.29 -10.06 42.78
CA ILE D 335 24.70 -11.48 42.82
C ILE D 335 24.28 -12.12 44.14
N LEU D 336 24.53 -11.41 45.25
CA LEU D 336 24.11 -11.83 46.57
C LEU D 336 23.40 -10.65 47.24
N GLU D 337 22.23 -10.90 47.84
CA GLU D 337 21.50 -9.88 48.54
C GLU D 337 21.03 -10.40 49.91
N HIS D 338 21.15 -9.53 50.92
CA HIS D 338 20.72 -9.81 52.30
C HIS D 338 21.36 -11.11 52.80
N GLY D 339 22.63 -11.32 52.44
CA GLY D 339 23.36 -12.47 52.89
C GLY D 339 24.06 -12.16 54.19
N GLU D 340 24.92 -13.08 54.63
CA GLU D 340 25.78 -12.90 55.79
C GLU D 340 26.72 -11.71 55.57
N ASN D 341 26.78 -10.83 56.57
CA ASN D 341 27.64 -9.66 56.54
C ASN D 341 29.04 -10.08 56.98
N LYS D 342 29.93 -10.28 56.00
CA LYS D 342 31.30 -10.65 56.24
C LYS D 342 32.14 -10.28 55.02
N VAL D 343 33.44 -10.59 55.11
CA VAL D 343 34.33 -10.54 53.96
C VAL D 343 34.10 -11.82 53.12
N HIS D 344 33.50 -11.64 51.92
CA HIS D 344 33.23 -12.70 50.95
C HIS D 344 34.38 -12.80 49.95
N LYS D 345 34.60 -14.02 49.46
CA LYS D 345 35.49 -14.29 48.35
C LYS D 345 34.66 -14.25 47.06
N VAL D 346 35.12 -13.45 46.07
CA VAL D 346 34.48 -13.35 44.76
C VAL D 346 35.50 -13.76 43.70
N GLU D 347 35.06 -14.58 42.75
CA GLU D 347 35.88 -15.01 41.63
C GLU D 347 35.10 -14.76 40.33
N VAL D 348 35.75 -14.11 39.35
CA VAL D 348 35.20 -13.98 38.02
C VAL D 348 36.14 -14.74 37.06
N ARG D 349 35.57 -15.55 36.18
CA ARG D 349 36.40 -16.25 35.18
C ARG D 349 35.66 -16.32 33.85
N LEU D 350 36.44 -16.24 32.75
CA LEU D 350 35.89 -16.34 31.41
C LEU D 350 35.56 -17.82 31.13
N THR D 351 34.34 -18.05 30.63
CA THR D 351 33.80 -19.38 30.36
C THR D 351 33.49 -19.60 28.87
N GLU D 352 33.40 -18.53 28.08
CA GLU D 352 33.33 -18.66 26.62
C GLU D 352 34.10 -17.51 25.97
N THR D 353 34.95 -17.85 24.99
CA THR D 353 35.54 -16.89 24.07
C THR D 353 35.25 -17.34 22.63
N HIS D 354 35.51 -16.44 21.69
CA HIS D 354 35.34 -16.67 20.26
C HIS D 354 36.59 -16.14 19.57
N GLU D 355 36.99 -16.79 18.47
CA GLU D 355 38.19 -16.42 17.71
C GLU D 355 38.09 -14.96 17.24
N ASN D 356 36.88 -14.55 16.83
CA ASN D 356 36.61 -13.24 16.24
C ASN D 356 35.97 -12.27 17.26
N ASP D 357 36.21 -12.46 18.56
CA ASP D 357 35.70 -11.55 19.57
C ASP D 357 36.12 -10.13 19.19
N ALA D 358 35.16 -9.19 19.20
CA ALA D 358 35.42 -7.80 18.81
C ALA D 358 36.10 -7.02 19.95
N VAL D 359 35.78 -7.37 21.20
CA VAL D 359 36.31 -6.68 22.38
C VAL D 359 36.67 -7.70 23.44
N PRO D 360 37.49 -7.34 24.44
CA PRO D 360 37.65 -8.17 25.64
C PRO D 360 36.40 -8.03 26.52
N PHE D 361 36.30 -8.94 27.48
CA PHE D 361 35.44 -8.78 28.63
C PHE D 361 36.00 -7.63 29.48
N TYR D 362 35.14 -6.68 29.84
CA TYR D 362 35.56 -5.55 30.71
C TYR D 362 34.81 -5.66 32.03
N LEU D 363 35.56 -6.00 33.11
CA LEU D 363 35.04 -6.03 34.48
C LEU D 363 35.34 -4.67 35.12
N VAL D 364 34.30 -3.89 35.41
CA VAL D 364 34.48 -2.51 35.88
C VAL D 364 34.68 -2.48 37.40
N SER D 365 33.89 -3.25 38.13
CA SER D 365 33.91 -3.22 39.57
C SER D 365 33.12 -4.40 40.13
N VAL D 366 33.42 -4.69 41.39
CA VAL D 366 32.56 -5.49 42.29
C VAL D 366 32.20 -4.58 43.46
N ILE D 367 30.90 -4.47 43.75
CA ILE D 367 30.42 -3.59 44.79
C ILE D 367 29.97 -4.46 45.97
N GLY D 368 30.53 -4.15 47.15
CA GLY D 368 30.14 -4.76 48.42
C GLY D 368 29.30 -3.78 49.20
N SER D 369 28.16 -4.24 49.74
CA SER D 369 27.17 -3.30 50.32
C SER D 369 26.71 -3.77 51.71
N SER D 370 26.38 -2.79 52.55
CA SER D 370 25.63 -3.00 53.80
C SER D 370 25.14 -1.63 54.31
N GLU D 371 24.56 -1.63 55.52
CA GLU D 371 23.85 -0.47 56.12
C GLU D 371 24.86 0.56 56.67
#